data_1H0R
# 
_entry.id   1H0R 
# 
_audit_conform.dict_name       mmcif_pdbx.dic 
_audit_conform.dict_version    5.382 
_audit_conform.dict_location   http://mmcif.pdb.org/dictionaries/ascii/mmcif_pdbx.dic 
# 
loop_
_database_2.database_id 
_database_2.database_code 
_database_2.pdbx_database_accession 
_database_2.pdbx_DOI 
PDB   1H0R         pdb_00001h0r 10.2210/pdb1h0r/pdb 
PDBE  EBI-11039    ?            ?                   
WWPDB D_1290011039 ?            ?                   
# 
loop_
_pdbx_database_related.db_name 
_pdbx_database_related.db_id 
_pdbx_database_related.content_type 
_pdbx_database_related.details 
PDB 1H05 unspecified '3-DEHYDROQUINATE DEHYDRATASE FROM MYCOBACTERIUM TUBERCULOSIS IN COMPLEX WITH SULPHATE'                   
PDB 1H0S unspecified '3-DEHYDROQUINATE DEHYDRATASE FROM MYCOBACTERIUM TUBERCULOSIS IN COMPLEX WITH 3-HYDROXYIMINO-QUINIC ACID' 
PDB 2DHQ unspecified '3-DEHYDROQUINATE DEHYDRATASE FROM MYCOBACTERIUM TUBERCULOSIS'                                            
# 
_pdbx_database_status.status_code                     REL 
_pdbx_database_status.entry_id                        1H0R 
_pdbx_database_status.deposit_site                    PDBE 
_pdbx_database_status.process_site                    PDBE 
_pdbx_database_status.SG_entry                        . 
_pdbx_database_status.recvd_initial_deposition_date   2002-06-27 
_pdbx_database_status.pdb_format_compatible           Y 
_pdbx_database_status.status_code_sf                  REL 
_pdbx_database_status.status_code_mr                  ? 
_pdbx_database_status.status_code_cs                  ? 
_pdbx_database_status.methods_development_category    ? 
_pdbx_database_status.status_code_nmr_data            ? 
# 
loop_
_audit_author.name 
_audit_author.pdbx_ordinal 
'Roszak, A.W.'     1 
'Robinson, D.A.'   2 
'Frederickson, M.' 3 
'Abell, C.'        4 
'Coggins, J.R.'    5 
'Lapthorn, A.J.'   6 
# 
loop_
_citation.id 
_citation.title 
_citation.journal_abbrev 
_citation.journal_volume 
_citation.page_first 
_citation.page_last 
_citation.year 
_citation.journal_id_ASTM 
_citation.country 
_citation.journal_id_ISSN 
_citation.journal_id_CSD 
_citation.book_publisher 
_citation.pdbx_database_id_PubMed 
_citation.pdbx_database_id_DOI 
primary 
'Structural Basis for Selectivity of Oxime Based Inhibitors Towards Type II Dehydroquinase from Mycobacterium Tuberculosis' 
'To be Published' ? ?   ? ?    ?      ?  ?         0353 ? ?        ?            
1       'The Two Types of 3-Dehydroquinase Have Distinct Structures But Catalyse the Same Overall Reaction' Nat.Struct.Biol.  6 
521 ? 1999 NSBIEW US 1072-8368 2024 ? 10360352 10.1038/9287 
# 
loop_
_citation_author.citation_id 
_citation_author.name 
_citation_author.ordinal 
_citation_author.identifier_ORCID 
primary 'Robinson, D.A.'   1  ? 
primary 'Roszak, A.W.'     2  ? 
primary 'Frederickson, M.' 3  ? 
primary 'Abell, C.'        4  ? 
primary 'Coggins, J.R.'    5  ? 
primary 'Lapthorn, A.J.'   6  ? 
1       'Gourley, D.G.'    7  ? 
1       'Shrive, A.K.'     8  ? 
1       'Polikarpov, I.'   9  ? 
1       'Krell, T.'        10 ? 
1       'Coggins, J.R.'    11 ? 
1       'Hawkins, A.R.'    12 ? 
1       'Isaacs, N.W.'     13 ? 
1       'Sawyer, L.'       14 ? 
# 
_cell.entry_id           1H0R 
_cell.length_a           126.879 
_cell.length_b           126.879 
_cell.length_c           126.879 
_cell.angle_alpha        90.00 
_cell.angle_beta         90.00 
_cell.angle_gamma        90.00 
_cell.Z_PDB              48 
_cell.pdbx_unique_axis   ? 
# 
_symmetry.entry_id                         1H0R 
_symmetry.space_group_name_H-M             'F 2 3' 
_symmetry.pdbx_full_space_group_name_H-M   ? 
_symmetry.cell_setting                     ? 
_symmetry.Int_Tables_number                196 
# 
loop_
_entity.id 
_entity.type 
_entity.src_method 
_entity.pdbx_description 
_entity.formula_weight 
_entity.pdbx_number_of_molecules 
_entity.pdbx_ec 
_entity.pdbx_mutation 
_entity.pdbx_fragment 
_entity.details 
1 polymer     man '3-DEHYDROQUINATE DEHYDRATASE' 15676.737 1   4.2.1.10 ? ? ? 
2 non-polymer syn '2,3 -ANHYDRO-QUINIC ACID'     174.151   1   ?        ? ? ? 
3 non-polymer syn 'PHOSPHATE ION'                94.971    1   ?        ? ? ? 
4 non-polymer syn 'CHLORIDE ION'                 35.453    2   ?        ? ? ? 
5 non-polymer syn GLYCEROL                       92.094    1   ?        ? ? ? 
6 water       nat water                          18.015    153 ?        ? ? ? 
# 
_entity_name_com.entity_id   1 
_entity_name_com.name        '3-DEHYDROQUINASE, TYPE II DHQASE' 
# 
_entity_poly.entity_id                      1 
_entity_poly.type                           'polypeptide(L)' 
_entity_poly.nstd_linkage                   no 
_entity_poly.nstd_monomer                   no 
_entity_poly.pdbx_seq_one_letter_code       
;SELIVNVINGPNLGRLGRREPAVYGGTTHDELVALIEREAAELGLKAVVRQSDSEAQLLDWIHQAADAAEPVILNAGGLT
HTSVALRDACAELSAPLIEVHISNVHAREEFRRHSYLSPIATGVIVGLGIQGYLLALRYLAEHVGT
;
_entity_poly.pdbx_seq_one_letter_code_can   
;SELIVNVINGPNLGRLGRREPAVYGGTTHDELVALIEREAAELGLKAVVRQSDSEAQLLDWIHQAADAAEPVILNAGGLT
HTSVALRDACAELSAPLIEVHISNVHAREEFRRHSYLSPIATGVIVGLGIQGYLLALRYLAEHVGT
;
_entity_poly.pdbx_strand_id                 A 
_entity_poly.pdbx_target_identifier         ? 
# 
loop_
_entity_poly_seq.entity_id 
_entity_poly_seq.num 
_entity_poly_seq.mon_id 
_entity_poly_seq.hetero 
1 1   SER n 
1 2   GLU n 
1 3   LEU n 
1 4   ILE n 
1 5   VAL n 
1 6   ASN n 
1 7   VAL n 
1 8   ILE n 
1 9   ASN n 
1 10  GLY n 
1 11  PRO n 
1 12  ASN n 
1 13  LEU n 
1 14  GLY n 
1 15  ARG n 
1 16  LEU n 
1 17  GLY n 
1 18  ARG n 
1 19  ARG n 
1 20  GLU n 
1 21  PRO n 
1 22  ALA n 
1 23  VAL n 
1 24  TYR n 
1 25  GLY n 
1 26  GLY n 
1 27  THR n 
1 28  THR n 
1 29  HIS n 
1 30  ASP n 
1 31  GLU n 
1 32  LEU n 
1 33  VAL n 
1 34  ALA n 
1 35  LEU n 
1 36  ILE n 
1 37  GLU n 
1 38  ARG n 
1 39  GLU n 
1 40  ALA n 
1 41  ALA n 
1 42  GLU n 
1 43  LEU n 
1 44  GLY n 
1 45  LEU n 
1 46  LYS n 
1 47  ALA n 
1 48  VAL n 
1 49  VAL n 
1 50  ARG n 
1 51  GLN n 
1 52  SER n 
1 53  ASP n 
1 54  SER n 
1 55  GLU n 
1 56  ALA n 
1 57  GLN n 
1 58  LEU n 
1 59  LEU n 
1 60  ASP n 
1 61  TRP n 
1 62  ILE n 
1 63  HIS n 
1 64  GLN n 
1 65  ALA n 
1 66  ALA n 
1 67  ASP n 
1 68  ALA n 
1 69  ALA n 
1 70  GLU n 
1 71  PRO n 
1 72  VAL n 
1 73  ILE n 
1 74  LEU n 
1 75  ASN n 
1 76  ALA n 
1 77  GLY n 
1 78  GLY n 
1 79  LEU n 
1 80  THR n 
1 81  HIS n 
1 82  THR n 
1 83  SER n 
1 84  VAL n 
1 85  ALA n 
1 86  LEU n 
1 87  ARG n 
1 88  ASP n 
1 89  ALA n 
1 90  CYS n 
1 91  ALA n 
1 92  GLU n 
1 93  LEU n 
1 94  SER n 
1 95  ALA n 
1 96  PRO n 
1 97  LEU n 
1 98  ILE n 
1 99  GLU n 
1 100 VAL n 
1 101 HIS n 
1 102 ILE n 
1 103 SER n 
1 104 ASN n 
1 105 VAL n 
1 106 HIS n 
1 107 ALA n 
1 108 ARG n 
1 109 GLU n 
1 110 GLU n 
1 111 PHE n 
1 112 ARG n 
1 113 ARG n 
1 114 HIS n 
1 115 SER n 
1 116 TYR n 
1 117 LEU n 
1 118 SER n 
1 119 PRO n 
1 120 ILE n 
1 121 ALA n 
1 122 THR n 
1 123 GLY n 
1 124 VAL n 
1 125 ILE n 
1 126 VAL n 
1 127 GLY n 
1 128 LEU n 
1 129 GLY n 
1 130 ILE n 
1 131 GLN n 
1 132 GLY n 
1 133 TYR n 
1 134 LEU n 
1 135 LEU n 
1 136 ALA n 
1 137 LEU n 
1 138 ARG n 
1 139 TYR n 
1 140 LEU n 
1 141 ALA n 
1 142 GLU n 
1 143 HIS n 
1 144 VAL n 
1 145 GLY n 
1 146 THR n 
# 
_entity_src_gen.entity_id                          1 
_entity_src_gen.pdbx_src_id                        1 
_entity_src_gen.pdbx_alt_source_flag               sample 
_entity_src_gen.pdbx_seq_type                      ? 
_entity_src_gen.pdbx_beg_seq_num                   ? 
_entity_src_gen.pdbx_end_seq_num                   ? 
_entity_src_gen.gene_src_common_name               ? 
_entity_src_gen.gene_src_genus                     ? 
_entity_src_gen.pdbx_gene_src_gene                 ? 
_entity_src_gen.gene_src_species                   ? 
_entity_src_gen.gene_src_strain                    H37RV 
_entity_src_gen.gene_src_tissue                    ? 
_entity_src_gen.gene_src_tissue_fraction           ? 
_entity_src_gen.gene_src_details                   ? 
_entity_src_gen.pdbx_gene_src_fragment             ? 
_entity_src_gen.pdbx_gene_src_scientific_name      'MYCOBACTERIUM TUBERCULOSIS' 
_entity_src_gen.pdbx_gene_src_ncbi_taxonomy_id     83332 
_entity_src_gen.pdbx_gene_src_variant              ? 
_entity_src_gen.pdbx_gene_src_cell_line            ? 
_entity_src_gen.pdbx_gene_src_atcc                 ? 
_entity_src_gen.pdbx_gene_src_organ                ? 
_entity_src_gen.pdbx_gene_src_organelle            ? 
_entity_src_gen.pdbx_gene_src_cell                 ? 
_entity_src_gen.pdbx_gene_src_cellular_location    ? 
_entity_src_gen.host_org_common_name               ? 
_entity_src_gen.pdbx_host_org_scientific_name      'ESCHERICHIA COLI' 
_entity_src_gen.pdbx_host_org_ncbi_taxonomy_id     511693 
_entity_src_gen.host_org_genus                     ? 
_entity_src_gen.pdbx_host_org_gene                 ? 
_entity_src_gen.pdbx_host_org_organ                ? 
_entity_src_gen.host_org_species                   ? 
_entity_src_gen.pdbx_host_org_tissue               ? 
_entity_src_gen.pdbx_host_org_tissue_fraction      ? 
_entity_src_gen.pdbx_host_org_strain               BL21 
_entity_src_gen.pdbx_host_org_variant              ? 
_entity_src_gen.pdbx_host_org_cell_line            ? 
_entity_src_gen.pdbx_host_org_atcc                 ? 
_entity_src_gen.pdbx_host_org_culture_collection   ? 
_entity_src_gen.pdbx_host_org_cell                 ? 
_entity_src_gen.pdbx_host_org_organelle            ? 
_entity_src_gen.pdbx_host_org_cellular_location    ? 
_entity_src_gen.pdbx_host_org_vector_type          ? 
_entity_src_gen.pdbx_host_org_vector               PET-15B 
_entity_src_gen.host_org_details                   ? 
_entity_src_gen.expression_system_id               ? 
_entity_src_gen.plasmid_name                       MPET 
_entity_src_gen.plasmid_details                    ? 
_entity_src_gen.pdbx_description                   ? 
# 
_struct_ref.id                         1 
_struct_ref.db_name                    UNP 
_struct_ref.db_code                    AROQ_MYCTU 
_struct_ref.entity_id                  1 
_struct_ref.pdbx_seq_one_letter_code   ? 
_struct_ref.pdbx_align_begin           ? 
_struct_ref.pdbx_db_accession          P36918 
_struct_ref.pdbx_db_isoform            ? 
# 
_struct_ref_seq.align_id                      1 
_struct_ref_seq.ref_id                        1 
_struct_ref_seq.pdbx_PDB_id_code              1H0R 
_struct_ref_seq.pdbx_strand_id                A 
_struct_ref_seq.seq_align_beg                 1 
_struct_ref_seq.pdbx_seq_align_beg_ins_code   ? 
_struct_ref_seq.seq_align_end                 146 
_struct_ref_seq.pdbx_seq_align_end_ins_code   ? 
_struct_ref_seq.pdbx_db_accession             P36918 
_struct_ref_seq.db_align_beg                  1 
_struct_ref_seq.pdbx_db_align_beg_ins_code    ? 
_struct_ref_seq.db_align_end                  146 
_struct_ref_seq.pdbx_db_align_end_ins_code    ? 
_struct_ref_seq.pdbx_auth_seq_align_beg       1 
_struct_ref_seq.pdbx_auth_seq_align_end       146 
# 
loop_
_chem_comp.id 
_chem_comp.type 
_chem_comp.mon_nstd_flag 
_chem_comp.name 
_chem_comp.pdbx_synonyms 
_chem_comp.formula 
_chem_comp.formula_weight 
ALA 'L-peptide linking' y ALANINE                    ?                               'C3 H7 N O2'     89.093  
ARG 'L-peptide linking' y ARGININE                   ?                               'C6 H15 N4 O2 1' 175.209 
ASN 'L-peptide linking' y ASPARAGINE                 ?                               'C4 H8 N2 O3'    132.118 
ASP 'L-peptide linking' y 'ASPARTIC ACID'            ?                               'C4 H7 N O4'     133.103 
CL  non-polymer         . 'CHLORIDE ION'             ?                               'Cl -1'          35.453  
CYS 'L-peptide linking' y CYSTEINE                   ?                               'C3 H7 N O2 S'   121.158 
FA1 non-polymer         . '2,3 -ANHYDRO-QUINIC ACID' ?                               'C7 H10 O5'      174.151 
GLN 'L-peptide linking' y GLUTAMINE                  ?                               'C5 H10 N2 O3'   146.144 
GLU 'L-peptide linking' y 'GLUTAMIC ACID'            ?                               'C5 H9 N O4'     147.129 
GLY 'peptide linking'   y GLYCINE                    ?                               'C2 H5 N O2'     75.067  
GOL non-polymer         . GLYCEROL                   'GLYCERIN; PROPANE-1,2,3-TRIOL' 'C3 H8 O3'       92.094  
HIS 'L-peptide linking' y HISTIDINE                  ?                               'C6 H10 N3 O2 1' 156.162 
HOH non-polymer         . WATER                      ?                               'H2 O'           18.015  
ILE 'L-peptide linking' y ISOLEUCINE                 ?                               'C6 H13 N O2'    131.173 
LEU 'L-peptide linking' y LEUCINE                    ?                               'C6 H13 N O2'    131.173 
LYS 'L-peptide linking' y LYSINE                     ?                               'C6 H15 N2 O2 1' 147.195 
PHE 'L-peptide linking' y PHENYLALANINE              ?                               'C9 H11 N O2'    165.189 
PO4 non-polymer         . 'PHOSPHATE ION'            ?                               'O4 P -3'        94.971  
PRO 'L-peptide linking' y PROLINE                    ?                               'C5 H9 N O2'     115.130 
SER 'L-peptide linking' y SERINE                     ?                               'C3 H7 N O3'     105.093 
THR 'L-peptide linking' y THREONINE                  ?                               'C4 H9 N O3'     119.119 
TRP 'L-peptide linking' y TRYPTOPHAN                 ?                               'C11 H12 N2 O2'  204.225 
TYR 'L-peptide linking' y TYROSINE                   ?                               'C9 H11 N O3'    181.189 
VAL 'L-peptide linking' y VALINE                     ?                               'C5 H11 N O2'    117.146 
# 
_exptl.entry_id          1H0R 
_exptl.method            'X-RAY DIFFRACTION' 
_exptl.crystals_number   1 
# 
_exptl_crystal.id                    1 
_exptl_crystal.density_meas          ? 
_exptl_crystal.density_Matthews      2.77 
_exptl_crystal.density_percent_sol   55.5 
_exptl_crystal.description           ? 
# 
_exptl_crystal_grow.crystal_id      1 
_exptl_crystal_grow.method          ? 
_exptl_crystal_grow.temp            ? 
_exptl_crystal_grow.temp_details    ? 
_exptl_crystal_grow.pH              8.50 
_exptl_crystal_grow.pdbx_pH_range   ? 
_exptl_crystal_grow.pdbx_details    '15% PEG 8K, 0.2M NA/K PHOSPHATE 0.1M TRIS, pH 8.50' 
# 
_diffrn.id                     1 
_diffrn.ambient_temp           100.0 
_diffrn.ambient_temp_details   ? 
_diffrn.crystal_id             1 
# 
_diffrn_detector.diffrn_id              1 
_diffrn_detector.detector               CCD 
_diffrn_detector.type                   'ADSC CCD' 
_diffrn_detector.pdbx_collection_date   1999-06-13 
_diffrn_detector.details                ? 
# 
_diffrn_radiation.diffrn_id                        1 
_diffrn_radiation.wavelength_id                    1 
_diffrn_radiation.pdbx_monochromatic_or_laue_m_l   M 
_diffrn_radiation.monochromator                    ? 
_diffrn_radiation.pdbx_diffrn_protocol             'SINGLE WAVELENGTH' 
_diffrn_radiation.pdbx_scattering_type             x-ray 
# 
_diffrn_radiation_wavelength.id           1 
_diffrn_radiation_wavelength.wavelength   0.87 
_diffrn_radiation_wavelength.wt           1.0 
# 
_diffrn_source.diffrn_id                   1 
_diffrn_source.source                      SYNCHROTRON 
_diffrn_source.type                        'SRS BEAMLINE PX9.6' 
_diffrn_source.pdbx_synchrotron_site       SRS 
_diffrn_source.pdbx_synchrotron_beamline   PX9.6 
_diffrn_source.pdbx_wavelength             0.87 
_diffrn_source.pdbx_wavelength_list        ? 
# 
_reflns.pdbx_diffrn_id               1 
_reflns.pdbx_ordinal                 1 
_reflns.entry_id                     1H0R 
_reflns.observed_criterion_sigma_I   0.000 
_reflns.observed_criterion_sigma_F   ? 
_reflns.d_resolution_low             70.000 
_reflns.d_resolution_high            2.100 
_reflns.number_obs                   43406 
_reflns.number_all                   ? 
_reflns.percent_possible_obs         99.5 
_reflns.pdbx_Rmerge_I_obs            0.11100 
_reflns.pdbx_Rsym_value              ? 
_reflns.pdbx_netI_over_sigmaI        9.6000 
_reflns.B_iso_Wilson_estimate        ? 
_reflns.pdbx_redundancy              4.400 
# 
_reflns_shell.pdbx_diffrn_id         1 
_reflns_shell.pdbx_ordinal           1 
_reflns_shell.d_res_high             2.10 
_reflns_shell.d_res_low              2.14 
_reflns_shell.percent_possible_all   99.5 
_reflns_shell.Rmerge_I_obs           0.74200 
_reflns_shell.pdbx_Rsym_value        ? 
_reflns_shell.meanI_over_sigI_obs    1.750 
_reflns_shell.pdbx_redundancy        4.10 
# 
_refine.pdbx_refine_id                           'X-RAY DIFFRACTION' 
_refine.entry_id                                 1H0R 
_refine.pdbx_diffrn_id                           1 
_refine.pdbx_TLS_residual_ADP_flag               'LIKELY RESIDUAL' 
_refine.ls_number_reflns_obs                     8374 
_refine.ls_number_reflns_all                     ? 
_refine.pdbx_ls_sigma_I                          ? 
_refine.pdbx_ls_sigma_F                          ? 
_refine.pdbx_data_cutoff_high_absF               ? 
_refine.pdbx_data_cutoff_low_absF                ? 
_refine.pdbx_data_cutoff_high_rms_absF           ? 
_refine.ls_d_res_low                             72.55 
_refine.ls_d_res_high                            2.10 
_refine.ls_percent_reflns_obs                    92.8 
_refine.ls_R_factor_obs                          ? 
_refine.ls_R_factor_all                          ? 
_refine.ls_R_factor_R_work                       0.144 
_refine.ls_R_factor_R_free                       0.216 
_refine.ls_R_factor_R_free_error                 ? 
_refine.ls_R_factor_R_free_error_details         ? 
_refine.ls_percent_reflns_R_free                 9.700 
_refine.ls_number_reflns_R_free                  901 
_refine.ls_number_parameters                     ? 
_refine.ls_number_restraints                     ? 
_refine.occupancy_min                            ? 
_refine.occupancy_max                            ? 
_refine.correlation_coeff_Fo_to_Fc               0.962 
_refine.correlation_coeff_Fo_to_Fc_free          0.925 
_refine.B_iso_mean                               17.88 
_refine.aniso_B[1][1]                            ? 
_refine.aniso_B[2][2]                            ? 
_refine.aniso_B[3][3]                            ? 
_refine.aniso_B[1][2]                            ? 
_refine.aniso_B[1][3]                            ? 
_refine.aniso_B[2][3]                            ? 
_refine.solvent_model_details                    'BABINET MODEL PLUS MASK' 
_refine.solvent_model_param_ksol                 ? 
_refine.solvent_model_param_bsol                 ? 
_refine.pdbx_solvent_vdw_probe_radii             1.40 
_refine.pdbx_solvent_ion_probe_radii             0.80 
_refine.pdbx_solvent_shrinkage_radii             0.80 
_refine.pdbx_ls_cross_valid_method               THROUGHOUT 
_refine.details                                  'HYDROGENS HAVE BEEN ADDED IN THE RIDING POSITIONS. RESIDUES 19-23 ARE DISORDERED' 
_refine.pdbx_starting_model                      'PDB ENTRY 2DHQ' 
_refine.pdbx_method_to_determine_struct          'MOLECULAR REPLACEMENT' 
_refine.pdbx_isotropic_thermal_model             ? 
_refine.pdbx_stereochemistry_target_values       'MAXIMUM LIKELIHOOD' 
_refine.pdbx_stereochem_target_val_spec_case     ? 
_refine.pdbx_R_Free_selection_details            RANDOM 
_refine.pdbx_overall_ESU_R                       0.194 
_refine.pdbx_overall_ESU_R_Free                  0.185 
_refine.overall_SU_ML                            0.120 
_refine.pdbx_overall_phase_error                 ? 
_refine.overall_SU_B                             4.590 
_refine.overall_SU_R_Cruickshank_DPI             ? 
_refine.pdbx_overall_SU_R_free_Cruickshank_DPI   ? 
_refine.pdbx_overall_SU_R_Blow_DPI               ? 
_refine.pdbx_overall_SU_R_free_Blow_DPI          ? 
# 
_refine_hist.pdbx_refine_id                   'X-RAY DIFFRACTION' 
_refine_hist.cycle_id                         LAST 
_refine_hist.pdbx_number_atoms_protein        1048 
_refine_hist.pdbx_number_atoms_nucleic_acid   0 
_refine_hist.pdbx_number_atoms_ligand         25 
_refine_hist.number_atoms_solvent             153 
_refine_hist.number_atoms_total               1226 
_refine_hist.d_res_high                       2.10 
_refine_hist.d_res_low                        72.55 
# 
loop_
_refine_ls_restr.type 
_refine_ls_restr.dev_ideal 
_refine_ls_restr.dev_ideal_target 
_refine_ls_restr.weight 
_refine_ls_restr.number 
_refine_ls_restr.pdbx_refine_id 
_refine_ls_restr.pdbx_restraint_function 
r_bond_refined_d             0.026 0.021 ? 1096 'X-RAY DIFFRACTION' ? 
r_bond_other_d               0.004 0.020 ? 1034 'X-RAY DIFFRACTION' ? 
r_angle_refined_deg          2.191 1.971 ? 1490 'X-RAY DIFFRACTION' ? 
r_angle_other_deg            2.944 3.000 ? 2381 'X-RAY DIFFRACTION' ? 
r_dihedral_angle_1_deg       6.244 5.000 ? 137  'X-RAY DIFFRACTION' ? 
r_dihedral_angle_2_deg       ?     ?     ? ?    'X-RAY DIFFRACTION' ? 
r_dihedral_angle_3_deg       ?     ?     ? ?    'X-RAY DIFFRACTION' ? 
r_dihedral_angle_4_deg       ?     ?     ? ?    'X-RAY DIFFRACTION' ? 
r_chiral_restr               0.144 0.200 ? 178  'X-RAY DIFFRACTION' ? 
r_gen_planes_refined         0.013 0.020 ? 1213 'X-RAY DIFFRACTION' ? 
r_gen_planes_other           0.016 0.020 ? 213  'X-RAY DIFFRACTION' ? 
r_nbd_refined                0.406 0.200 ? 210  'X-RAY DIFFRACTION' ? 
r_nbd_other                  0.254 0.200 ? 1142 'X-RAY DIFFRACTION' ? 
r_nbtor_refined              ?     ?     ? ?    'X-RAY DIFFRACTION' ? 
r_nbtor_other                0.092 0.200 ? 670  'X-RAY DIFFRACTION' ? 
r_xyhbond_nbd_refined        0.198 0.200 ? 112  'X-RAY DIFFRACTION' ? 
r_xyhbond_nbd_other          ?     ?     ? ?    'X-RAY DIFFRACTION' ? 
r_metal_ion_refined          ?     ?     ? ?    'X-RAY DIFFRACTION' ? 
r_metal_ion_other            ?     ?     ? ?    'X-RAY DIFFRACTION' ? 
r_symmetry_vdw_refined       0.208 0.200 ? 10   'X-RAY DIFFRACTION' ? 
r_symmetry_vdw_other         0.298 0.200 ? 58   'X-RAY DIFFRACTION' ? 
r_symmetry_hbond_refined     0.161 0.200 ? 13   'X-RAY DIFFRACTION' ? 
r_symmetry_hbond_other       ?     ?     ? ?    'X-RAY DIFFRACTION' ? 
r_symmetry_metal_ion_refined ?     ?     ? ?    'X-RAY DIFFRACTION' ? 
r_symmetry_metal_ion_other   ?     ?     ? ?    'X-RAY DIFFRACTION' ? 
r_mcbond_it                  1.320 1.500 ? 685  'X-RAY DIFFRACTION' ? 
r_mcbond_other               ?     ?     ? ?    'X-RAY DIFFRACTION' ? 
r_mcangle_it                 2.215 2.000 ? 1094 'X-RAY DIFFRACTION' ? 
r_mcangle_other              ?     ?     ? ?    'X-RAY DIFFRACTION' ? 
r_scbond_it                  3.181 3.000 ? 411  'X-RAY DIFFRACTION' ? 
r_scbond_other               ?     ?     ? ?    'X-RAY DIFFRACTION' ? 
r_scangle_it                 4.861 4.500 ? 396  'X-RAY DIFFRACTION' ? 
r_scangle_other              ?     ?     ? ?    'X-RAY DIFFRACTION' ? 
r_long_range_B_refined       ?     ?     ? ?    'X-RAY DIFFRACTION' ? 
r_long_range_B_other         ?     ?     ? ?    'X-RAY DIFFRACTION' ? 
r_rigid_bond_restr           ?     ?     ? ?    'X-RAY DIFFRACTION' ? 
r_sphericity_free            ?     ?     ? ?    'X-RAY DIFFRACTION' ? 
r_sphericity_bonded          ?     ?     ? ?    'X-RAY DIFFRACTION' ? 
# 
_refine_ls_shell.pdbx_refine_id                   'X-RAY DIFFRACTION' 
_refine_ls_shell.pdbx_total_number_of_bins_used   20 
_refine_ls_shell.d_res_high                       2.10 
_refine_ls_shell.d_res_low                        2.15 
_refine_ls_shell.number_reflns_R_work             537 
_refine_ls_shell.R_factor_R_work                  0.1830 
_refine_ls_shell.percent_reflns_obs               ? 
_refine_ls_shell.R_factor_R_free                  0.2560 
_refine_ls_shell.R_factor_R_free_error            ? 
_refine_ls_shell.percent_reflns_R_free            ? 
_refine_ls_shell.number_reflns_R_free             55 
_refine_ls_shell.number_reflns_all                ? 
_refine_ls_shell.R_factor_all                     ? 
# 
_struct.entry_id                  1H0R 
_struct.title                     'Type II Dehydroquinase from Mycobacterium tuberculosis complexed with 2,3-anhydro-quinic acid' 
_struct.pdbx_model_details        ? 
_struct.pdbx_CASP_flag            ? 
_struct.pdbx_model_type_details   ? 
# 
_struct_keywords.entry_id        1H0R 
_struct_keywords.pdbx_keywords   DEHYDRATASE 
_struct_keywords.text            'DEHYDRATASE, SHIKIMATE PATHWAY, LYASE, AROMATIC AMINO ACID BIOSYNTHESIS' 
# 
loop_
_struct_asym.id 
_struct_asym.pdbx_blank_PDB_chainid_flag 
_struct_asym.pdbx_modified 
_struct_asym.entity_id 
_struct_asym.details 
A N N 1 ? 
B N N 2 ? 
C N N 3 ? 
D N N 4 ? 
E N N 4 ? 
F N N 5 ? 
G N N 6 ? 
# 
_struct_biol.id   1 
# 
loop_
_struct_conf.conf_type_id 
_struct_conf.id 
_struct_conf.pdbx_PDB_helix_id 
_struct_conf.beg_label_comp_id 
_struct_conf.beg_label_asym_id 
_struct_conf.beg_label_seq_id 
_struct_conf.pdbx_beg_PDB_ins_code 
_struct_conf.end_label_comp_id 
_struct_conf.end_label_asym_id 
_struct_conf.end_label_seq_id 
_struct_conf.pdbx_end_PDB_ins_code 
_struct_conf.beg_auth_comp_id 
_struct_conf.beg_auth_asym_id 
_struct_conf.beg_auth_seq_id 
_struct_conf.end_auth_comp_id 
_struct_conf.end_auth_asym_id 
_struct_conf.end_auth_seq_id 
_struct_conf.pdbx_PDB_helix_class 
_struct_conf.details 
_struct_conf.pdbx_PDB_helix_length 
HELX_P HELX_P1 1 ASN A 12  ? LEU A 16  ? ASN A 12  LEU A 16  5 ? 5  
HELX_P HELX_P2 2 THR A 28  ? GLY A 44  ? THR A 28  GLY A 44  1 ? 17 
HELX_P HELX_P3 3 SER A 54  ? ALA A 69  ? SER A 54  ALA A 69  1 ? 16 
HELX_P HELX_P4 4 ALA A 76  ? THR A 82  ? ALA A 76  THR A 82  5 ? 7  
HELX_P HELX_P5 5 SER A 83  ? ALA A 91  ? SER A 83  ALA A 91  1 ? 9  
HELX_P HELX_P6 6 GLU A 109 ? HIS A 114 ? GLU A 109 HIS A 114 5 ? 6  
HELX_P HELX_P7 7 ILE A 130 ? HIS A 143 ? ILE A 130 HIS A 143 1 ? 14 
# 
_struct_conf_type.id          HELX_P 
_struct_conf_type.criteria    ? 
_struct_conf_type.reference   ? 
# 
_struct_sheet.id               AA 
_struct_sheet.type             ? 
_struct_sheet.number_strands   5 
_struct_sheet.details          ? 
# 
loop_
_struct_sheet_order.sheet_id 
_struct_sheet_order.range_id_1 
_struct_sheet_order.range_id_2 
_struct_sheet_order.offset 
_struct_sheet_order.sense 
AA 1 2 ? parallel 
AA 2 3 ? parallel 
AA 3 4 ? parallel 
AA 4 5 ? parallel 
# 
loop_
_struct_sheet_range.sheet_id 
_struct_sheet_range.id 
_struct_sheet_range.beg_label_comp_id 
_struct_sheet_range.beg_label_asym_id 
_struct_sheet_range.beg_label_seq_id 
_struct_sheet_range.pdbx_beg_PDB_ins_code 
_struct_sheet_range.end_label_comp_id 
_struct_sheet_range.end_label_asym_id 
_struct_sheet_range.end_label_seq_id 
_struct_sheet_range.pdbx_end_PDB_ins_code 
_struct_sheet_range.beg_auth_comp_id 
_struct_sheet_range.beg_auth_asym_id 
_struct_sheet_range.beg_auth_seq_id 
_struct_sheet_range.end_auth_comp_id 
_struct_sheet_range.end_auth_asym_id 
_struct_sheet_range.end_auth_seq_id 
AA 1 LYS A 46  ? GLN A 51  ? LYS A 46  GLN A 51  
AA 2 ILE A 4   ? ASN A 9   ? ILE A 4   ASN A 9   
AA 3 VAL A 72  ? ASN A 75  ? VAL A 72  ASN A 75  
AA 4 LEU A 97  ? HIS A 101 ? LEU A 97  HIS A 101 
AA 5 GLY A 123 ? VAL A 126 ? GLY A 123 VAL A 126 
# 
loop_
_pdbx_struct_sheet_hbond.sheet_id 
_pdbx_struct_sheet_hbond.range_id_1 
_pdbx_struct_sheet_hbond.range_id_2 
_pdbx_struct_sheet_hbond.range_1_label_atom_id 
_pdbx_struct_sheet_hbond.range_1_label_comp_id 
_pdbx_struct_sheet_hbond.range_1_label_asym_id 
_pdbx_struct_sheet_hbond.range_1_label_seq_id 
_pdbx_struct_sheet_hbond.range_1_PDB_ins_code 
_pdbx_struct_sheet_hbond.range_1_auth_atom_id 
_pdbx_struct_sheet_hbond.range_1_auth_comp_id 
_pdbx_struct_sheet_hbond.range_1_auth_asym_id 
_pdbx_struct_sheet_hbond.range_1_auth_seq_id 
_pdbx_struct_sheet_hbond.range_2_label_atom_id 
_pdbx_struct_sheet_hbond.range_2_label_comp_id 
_pdbx_struct_sheet_hbond.range_2_label_asym_id 
_pdbx_struct_sheet_hbond.range_2_label_seq_id 
_pdbx_struct_sheet_hbond.range_2_PDB_ins_code 
_pdbx_struct_sheet_hbond.range_2_auth_atom_id 
_pdbx_struct_sheet_hbond.range_2_auth_comp_id 
_pdbx_struct_sheet_hbond.range_2_auth_asym_id 
_pdbx_struct_sheet_hbond.range_2_auth_seq_id 
AA 1 2 N VAL A 48 ? N VAL A 48 O VAL A 5   ? O VAL A 5   
AA 2 3 N ILE A 8  ? N ILE A 8  O ILE A 73  ? O ILE A 73  
AA 3 4 N LEU A 74 ? N LEU A 74 O ILE A 98  ? O ILE A 98  
AA 4 5 N GLU A 99 ? N GLU A 99 O GLY A 123 ? O GLY A 123 
# 
loop_
_struct_site.id 
_struct_site.pdbx_evidence_code 
_struct_site.pdbx_auth_asym_id 
_struct_site.pdbx_auth_comp_id 
_struct_site.pdbx_auth_seq_id 
_struct_site.pdbx_auth_ins_code 
_struct_site.pdbx_num_residues 
_struct_site.details 
AC1 Software A PO4 201 ? 3  'BINDING SITE FOR RESIDUE PO4 A 201' 
AC2 Software A CL  202 ? 3  'BINDING SITE FOR RESIDUE CL A 202'  
AC3 Software A CL  203 ? 1  'BINDING SITE FOR RESIDUE CL A 203'  
AC4 Software A FA1 200 ? 11 'BINDING SITE FOR RESIDUE FA1 A 200' 
AC5 Software A GOL 204 ? 3  'BINDING SITE FOR RESIDUE GOL A 204' 
# 
loop_
_struct_site_gen.id 
_struct_site_gen.site_id 
_struct_site_gen.pdbx_num_res 
_struct_site_gen.label_comp_id 
_struct_site_gen.label_asym_id 
_struct_site_gen.label_seq_id 
_struct_site_gen.pdbx_auth_ins_code 
_struct_site_gen.auth_comp_id 
_struct_site_gen.auth_asym_id 
_struct_site_gen.auth_seq_id 
_struct_site_gen.label_atom_id 
_struct_site_gen.label_alt_id 
_struct_site_gen.symmetry 
_struct_site_gen.details 
1  AC1 3  SER A 54  ? SER A 54   . ? 1_555 ? 
2  AC1 3  HOH G .   ? HOH A 2152 . ? 1_555 ? 
3  AC1 3  HOH G .   ? HOH A 2153 . ? 1_555 ? 
4  AC2 3  ARG A 87  ? ARG A 87   . ? 1_555 ? 
5  AC2 3  ARG A 113 ? ARG A 113  . ? 1_555 ? 
6  AC2 3  HIS A 114 ? HIS A 114  . ? 1_555 ? 
7  AC3 1  HIS A 106 ? HIS A 106  . ? 1_555 ? 
8  AC4 11 TYR A 24  ? TYR A 24   . ? 1_555 ? 
9  AC4 11 ASN A 75  ? ASN A 75   . ? 1_555 ? 
10 AC4 11 GLY A 77  ? GLY A 77   . ? 1_555 ? 
11 AC4 11 GLY A 78  ? GLY A 78   . ? 1_555 ? 
12 AC4 11 HIS A 81  ? HIS A 81   . ? 1_555 ? 
13 AC4 11 ASP A 88  ? ASP A 88   . ? 1_555 ? 
14 AC4 11 HIS A 101 ? HIS A 101  . ? 1_555 ? 
15 AC4 11 ILE A 102 ? ILE A 102  . ? 1_555 ? 
16 AC4 11 SER A 103 ? SER A 103  . ? 1_555 ? 
17 AC4 11 VAL A 105 ? VAL A 105  . ? 1_555 ? 
18 AC4 11 ARG A 112 ? ARG A 112  . ? 1_555 ? 
19 AC5 3  TRP A 61  ? TRP A 61   . ? 1_555 ? 
20 AC5 3  GLN A 64  ? GLN A 64   . ? 1_555 ? 
21 AC5 3  HOH G .   ? HOH A 2078 . ? 1_555 ? 
# 
_atom_sites.entry_id                    1H0R 
_atom_sites.fract_transf_matrix[1][1]   0.00042016 
_atom_sites.fract_transf_matrix[1][2]   0.00472949 
_atom_sites.fract_transf_matrix[1][3]   -0.00629011 
_atom_sites.fract_transf_matrix[2][1]   -0.00140113 
_atom_sites.fract_transf_matrix[2][2]   -0.00615348 
_atom_sites.fract_transf_matrix[2][3]   -0.00472035 
_atom_sites.fract_transf_matrix[3][1]   -0.00774406 
_atom_sites.fract_transf_matrix[3][2]   0.00136995 
_atom_sites.fract_transf_matrix[3][3]   0.00051277 
_atom_sites.fract_transf_vector[1]      0.178379 
_atom_sites.fract_transf_vector[2]      0.509525 
_atom_sites.fract_transf_vector[3]      0.190657 
# 
loop_
_atom_type.symbol 
C  
CL 
N  
O  
P  
S  
# 
loop_
_atom_site.group_PDB 
_atom_site.id 
_atom_site.type_symbol 
_atom_site.label_atom_id 
_atom_site.label_alt_id 
_atom_site.label_comp_id 
_atom_site.label_asym_id 
_atom_site.label_entity_id 
_atom_site.label_seq_id 
_atom_site.pdbx_PDB_ins_code 
_atom_site.Cartn_x 
_atom_site.Cartn_y 
_atom_site.Cartn_z 
_atom_site.occupancy 
_atom_site.B_iso_or_equiv 
_atom_site.pdbx_formal_charge 
_atom_site.auth_seq_id 
_atom_site.auth_comp_id 
_atom_site.auth_asym_id 
_atom_site.auth_atom_id 
_atom_site.pdbx_PDB_model_num 
ATOM   1    N  N   . GLU A 1 2   ? -8.567  6.168   14.585  1.00 43.08 ? 2    GLU A N   1 
ATOM   2    C  CA  . GLU A 1 2   ? -7.337  6.229   15.510  1.00 41.51 ? 2    GLU A CA  1 
ATOM   3    C  C   . GLU A 1 2   ? -6.034  6.739   14.770  1.00 39.27 ? 2    GLU A C   1 
ATOM   4    O  O   . GLU A 1 2   ? -6.069  7.210   13.606  1.00 39.76 ? 2    GLU A O   1 
ATOM   5    C  CB  . GLU A 1 2   ? -7.141  4.852   16.201  1.00 41.82 ? 2    GLU A CB  1 
ATOM   6    N  N   . LEU A 1 3   ? -4.899  6.695   15.443  1.00 35.51 ? 3    LEU A N   1 
ATOM   7    C  CA  . LEU A 1 3   ? -3.748  7.364   14.874  1.00 32.87 ? 3    LEU A CA  1 
ATOM   8    C  C   . LEU A 1 3   ? -3.071  6.504   13.887  1.00 28.23 ? 3    LEU A C   1 
ATOM   9    O  O   . LEU A 1 3   ? -2.519  7.062   13.029  1.00 28.38 ? 3    LEU A O   1 
ATOM   10   C  CB  . LEU A 1 3   ? -2.653  7.805   15.893  1.00 33.84 ? 3    LEU A CB  1 
ATOM   11   C  CG  . LEU A 1 3   ? -2.975  8.919   16.855  1.00 38.54 ? 3    LEU A CG  1 
ATOM   12   C  CD1 . LEU A 1 3   ? -3.840  8.251   17.956  1.00 42.78 ? 3    LEU A CD1 1 
ATOM   13   C  CD2 . LEU A 1 3   ? -1.702  9.602   17.464  1.00 42.49 ? 3    LEU A CD2 1 
ATOM   14   N  N   . ILE A 1 4   ? -3.068  5.181   13.994  1.00 23.63 ? 4    ILE A N   1 
ATOM   15   C  CA  . ILE A 1 4   ? -2.054  4.417   13.303  1.00 19.87 ? 4    ILE A CA  1 
ATOM   16   C  C   . ILE A 1 4   ? -2.467  3.915   11.949  1.00 18.55 ? 4    ILE A C   1 
ATOM   17   O  O   . ILE A 1 4   ? -3.492  3.317   11.801  1.00 18.40 ? 4    ILE A O   1 
ATOM   18   C  CB  . ILE A 1 4   ? -1.586  3.211   14.161  1.00 19.01 ? 4    ILE A CB  1 
ATOM   19   C  CG1 . ILE A 1 4   ? -0.894  3.716   15.433  1.00 17.80 ? 4    ILE A CG1 1 
ATOM   20   C  CG2 . ILE A 1 4   ? -0.594  2.371   13.339  1.00 17.60 ? 4    ILE A CG2 1 
ATOM   21   C  CD1 . ILE A 1 4   ? -0.590  2.615   16.393  1.00 22.85 ? 4    ILE A CD1 1 
ATOM   22   N  N   . VAL A 1 5   ? -1.578  4.061   10.988  1.00 17.97 ? 5    VAL A N   1 
ATOM   23   C  CA  . VAL A 1 5   ? -1.808  3.591   9.631   1.00 18.30 ? 5    VAL A CA  1 
ATOM   24   C  C   . VAL A 1 5   ? -0.615  2.793   9.164   1.00 16.85 ? 5    VAL A C   1 
ATOM   25   O  O   . VAL A 1 5   ? 0.528   3.264   9.317   1.00 16.70 ? 5    VAL A O   1 
ATOM   26   C  CB  . VAL A 1 5   ? -2.010  4.797   8.652   1.00 18.18 ? 5    VAL A CB  1 
ATOM   27   C  CG1 . VAL A 1 5   ? -2.170  4.291   7.140   1.00 19.17 ? 5    VAL A CG1 1 
ATOM   28   C  CG2 . VAL A 1 5   ? -3.253  5.529   9.020   1.00 19.35 ? 5    VAL A CG2 1 
ATOM   29   N  N   . ASN A 1 6   ? -0.860  1.607   8.627   1.00 16.52 ? 6    ASN A N   1 
ATOM   30   C  CA  . ASN A 1 6   ? 0.219   0.755   8.109   1.00 16.13 ? 6    ASN A CA  1 
ATOM   31   C  C   . ASN A 1 6   ? 0.364   0.955   6.612   1.00 16.93 ? 6    ASN A C   1 
ATOM   32   O  O   . ASN A 1 6   ? -0.611  0.883   5.886   1.00 18.28 ? 6    ASN A O   1 
ATOM   33   C  CB  . ASN A 1 6   ? -0.146  -0.691  8.369   1.00 16.71 ? 6    ASN A CB  1 
ATOM   34   C  CG  . ASN A 1 6   ? -0.217  -1.014  9.897   1.00 18.42 ? 6    ASN A CG  1 
ATOM   35   O  OD1 . ASN A 1 6   ? 0.823   -1.045  10.588  1.00 17.88 ? 6    ASN A OD1 1 
ATOM   36   N  ND2 . ASN A 1 6   ? -1.420  -1.181  10.415  1.00 16.76 ? 6    ASN A ND2 1 
ATOM   37   N  N   . VAL A 1 7   ? 1.577   1.204   6.152   1.00 15.78 ? 7    VAL A N   1 
ATOM   38   C  CA  . VAL A 1 7   ? 1.923   1.329   4.763   1.00 15.08 ? 7    VAL A CA  1 
ATOM   39   C  C   . VAL A 1 7   ? 2.875   0.156   4.463   1.00 15.17 ? 7    VAL A C   1 
ATOM   40   O  O   . VAL A 1 7   ? 3.993   0.078   4.974   1.00 14.49 ? 7    VAL A O   1 
ATOM   41   C  CB  . VAL A 1 7   ? 2.545   2.681   4.426   1.00 15.41 ? 7    VAL A CB  1 
ATOM   42   C  CG1 . VAL A 1 7   ? 2.870   2.762   2.928   1.00 13.95 ? 7    VAL A CG1 1 
ATOM   43   C  CG2 . VAL A 1 7   ? 1.614   3.871   4.739   1.00 17.25 ? 7    VAL A CG2 1 
ATOM   44   N  N   . ILE A 1 8   ? 2.395   -0.751  3.610   1.00 14.91 ? 8    ILE A N   1 
ATOM   45   C  CA  . ILE A 1 8   ? 3.035   -2.016  3.309   1.00 12.67 ? 8    ILE A CA  1 
ATOM   46   C  C   . ILE A 1 8   ? 3.394   -2.001  1.811   1.00 13.78 ? 8    ILE A C   1 
ATOM   47   O  O   . ILE A 1 8   ? 2.517   -1.986  0.950   1.00 14.21 ? 8    ILE A O   1 
ATOM   48   C  CB  . ILE A 1 8   ? 2.114   -3.156  3.688   1.00 10.85 ? 8    ILE A CB  1 
ATOM   49   C  CG1 . ILE A 1 8   ? 1.904   -3.165  5.241   1.00 18.06 ? 8    ILE A CG1 1 
ATOM   50   C  CG2 . ILE A 1 8   ? 2.774   -4.504  3.382   1.00 16.56 ? 8    ILE A CG2 1 
ATOM   51   C  CD1 . ILE A 1 8   ? 0.893   -4.184  5.728   1.00 15.59 ? 8    ILE A CD1 1 
ATOM   52   N  N   . ASN A 1 9   ? 4.671   -2.101  1.506   1.00 12.07 ? 9    ASN A N   1 
ATOM   53   C  CA  . ASN A 1 9   ? 5.182   -2.297  0.129   1.00 11.92 ? 9    ASN A CA  1 
ATOM   54   C  C   . ASN A 1 9   ? 5.733   -3.722  -0.084  1.00 12.57 ? 9    ASN A C   1 
ATOM   55   O  O   . ASN A 1 9   ? 6.486   -4.269  0.744   1.00 11.95 ? 9    ASN A O   1 
ATOM   56   C  CB  . ASN A 1 9   ? 6.237   -1.272  -0.218  1.00 10.03 ? 9    ASN A CB  1 
ATOM   57   C  CG  . ASN A 1 9   ? 5.691   0.091   -0.352  1.00 12.29 ? 9    ASN A CG  1 
ATOM   58   O  OD1 . ASN A 1 9   ? 4.653   0.264   -0.984  1.00 15.07 ? 9    ASN A OD1 1 
ATOM   59   N  ND2 . ASN A 1 9   ? 6.377   1.092   0.231   1.00 11.66 ? 9    ASN A ND2 1 
ATOM   60   N  N   . GLY A 1 10  ? 5.348   -4.304  -1.219  1.00 12.92 ? 10   GLY A N   1 
ATOM   61   C  CA  . GLY A 1 10  ? 5.772   -5.634  -1.604  1.00 13.08 ? 10   GLY A CA  1 
ATOM   62   C  C   . GLY A 1 10  ? 6.995   -5.687  -2.499  1.00 13.95 ? 10   GLY A C   1 
ATOM   63   O  O   . GLY A 1 10  ? 7.773   -4.753  -2.561  1.00 13.34 ? 10   GLY A O   1 
ATOM   64   N  N   . PRO A 1 11  ? 7.204   -6.833  -3.151  1.00 14.08 ? 11   PRO A N   1 
ATOM   65   C  CA  . PRO A 1 11  ? 8.498   -7.124  -3.768  1.00 13.52 ? 11   PRO A CA  1 
ATOM   66   C  C   . PRO A 1 11  ? 8.983   -6.093  -4.769  1.00 12.52 ? 11   PRO A C   1 
ATOM   67   O  O   . PRO A 1 11  ? 8.188   -5.569  -5.576  1.00 11.76 ? 11   PRO A O   1 
ATOM   68   C  CB  . PRO A 1 11  ? 8.270   -8.480  -4.465  1.00 14.12 ? 11   PRO A CB  1 
ATOM   69   C  CG  . PRO A 1 11  ? 6.921   -8.886  -4.094  1.00 14.74 ? 11   PRO A CG  1 
ATOM   70   C  CD  . PRO A 1 11  ? 6.225   -7.935  -3.324  1.00 14.29 ? 11   PRO A CD  1 
ATOM   71   N  N   . ASN A 1 12  ? 10.288  -5.844  -4.726  1.00 10.64 ? 12   ASN A N   1 
ATOM   72   C  CA  . ASN A 1 12  ? 10.965  -4.900  -5.615  1.00 12.87 ? 12   ASN A CA  1 
ATOM   73   C  C   . ASN A 1 12  ? 10.850  -3.391  -5.273  1.00 13.77 ? 12   ASN A C   1 
ATOM   74   O  O   . ASN A 1 12  ? 11.559  -2.554  -5.849  1.00 13.71 ? 12   ASN A O   1 
ATOM   75   C  CB  . ASN A 1 12  ? 10.668  -5.121  -7.126  1.00 12.82 ? 12   ASN A CB  1 
ATOM   76   C  CG  . ASN A 1 12  ? 10.985  -6.532  -7.619  1.00 13.49 ? 12   ASN A CG  1 
ATOM   77   O  OD1 . ASN A 1 12  ? 11.979  -7.081  -7.245  1.00 15.68 ? 12   ASN A OD1 1 
ATOM   78   N  ND2 . ASN A 1 12  ? 10.137  -7.103  -8.421  1.00 13.67 ? 12   ASN A ND2 1 
ATOM   79   N  N   . LEU A 1 13  ? 9.969   -3.042  -4.362  1.00 14.33 ? 13   LEU A N   1 
ATOM   80   C  CA  . LEU A 1 13  ? 9.765   -1.656  -3.993  1.00 13.77 ? 13   LEU A CA  1 
ATOM   81   C  C   . LEU A 1 13  ? 10.890  -1.141  -3.131  1.00 14.84 ? 13   LEU A C   1 
ATOM   82   O  O   . LEU A 1 13  ? 11.098  0.066   -3.049  1.00 15.34 ? 13   LEU A O   1 
ATOM   83   C  CB  . LEU A 1 13  ? 8.391   -1.543  -3.376  1.00 12.96 ? 13   LEU A CB  1 
ATOM   84   C  CG  . LEU A 1 13  ? 7.413   -1.648  -4.566  1.00 16.36 ? 13   LEU A CG  1 
ATOM   85   C  CD1 . LEU A 1 13  ? 6.035   -2.194  -4.166  1.00 15.03 ? 13   LEU A CD1 1 
ATOM   86   C  CD2 . LEU A 1 13  ? 7.319   -0.261  -5.243  1.00 18.44 ? 13   LEU A CD2 1 
ATOM   87   N  N   . GLY A 1 14  ? 11.679  -2.030  -2.561  1.00 15.35 ? 14   GLY A N   1 
ATOM   88   C  CA  . GLY A 1 14  ? 12.928  -1.603  -1.942  1.00 18.45 ? 14   GLY A CA  1 
ATOM   89   C  C   . GLY A 1 14  ? 13.950  -0.947  -2.890  1.00 19.22 ? 14   GLY A C   1 
ATOM   90   O  O   . GLY A 1 14  ? 14.747  -0.185  -2.499  1.00 20.25 ? 14   GLY A O   1 
ATOM   91   N  N   . ARG A 1 15  ? 13.834  -1.217  -4.176  1.00 21.28 ? 15   ARG A N   1 
ATOM   92   C  CA  . ARG A 1 15  ? 14.715  -0.696  -5.220  1.00 23.20 ? 15   ARG A CA  1 
ATOM   93   C  C   . ARG A 1 15  ? 14.275  0.620   -5.873  1.00 23.87 ? 15   ARG A C   1 
ATOM   94   O  O   . ARG A 1 15  ? 14.914  1.035   -6.868  1.00 21.61 ? 15   ARG A O   1 
ATOM   95   C  CB  . ARG A 1 15  ? 14.733  -1.664  -6.396  1.00 22.83 ? 15   ARG A CB  1 
ATOM   96   C  CG  . ARG A 1 15  ? 14.959  -3.135  -5.961  1.00 26.59 ? 15   ARG A CG  1 
ATOM   97   C  CD  . ARG A 1 15  ? 16.331  -3.454  -5.839  1.00 23.92 ? 15   ARG A CD  1 
ATOM   98   N  NE  . ARG A 1 15  ? 16.891  -3.386  -7.206  1.00 21.80 ? 15   ARG A NE  1 
ATOM   99   C  CZ  . ARG A 1 15  ? 18.163  -3.260  -7.412  1.00 18.11 ? 15   ARG A CZ  1 
ATOM   100  N  NH1 . ARG A 1 15  ? 18.935  -3.283  -6.376  1.00 17.43 ? 15   ARG A NH1 1 
ATOM   101  N  NH2 . ARG A 1 15  ? 18.674  -3.235  -8.642  1.00 26.13 ? 15   ARG A NH2 1 
ATOM   102  N  N   . LEU A 1 16  ? 13.202  1.250   -5.345  1.00 24.17 ? 16   LEU A N   1 
ATOM   103  C  CA  . LEU A 1 16  ? 12.688  2.476   -5.908  1.00 24.81 ? 16   LEU A CA  1 
ATOM   104  C  C   . LEU A 1 16  ? 13.830  3.420   -6.075  1.00 28.48 ? 16   LEU A C   1 
ATOM   105  O  O   . LEU A 1 16  ? 14.692  3.493   -5.204  1.00 26.52 ? 16   LEU A O   1 
ATOM   106  C  CB  . LEU A 1 16  ? 11.703  3.126   -4.958  1.00 24.31 ? 16   LEU A CB  1 
ATOM   107  C  CG  . LEU A 1 16  ? 10.264  2.736   -5.064  1.00 24.40 ? 16   LEU A CG  1 
ATOM   108  C  CD1 . LEU A 1 16  ? 9.461   3.372   -3.896  1.00 26.18 ? 16   LEU A CD1 1 
ATOM   109  C  CD2 . LEU A 1 16  ? 9.732   3.264   -6.390  1.00 27.73 ? 16   LEU A CD2 1 
ATOM   110  N  N   . GLY A 1 17  ? 13.829  4.166   -7.178  1.00 33.64 ? 17   GLY A N   1 
ATOM   111  C  CA  . GLY A 1 17  ? 14.826  5.201   -7.400  1.00 37.71 ? 17   GLY A CA  1 
ATOM   112  C  C   . GLY A 1 17  ? 16.044  4.715   -8.159  1.00 41.81 ? 17   GLY A C   1 
ATOM   113  O  O   . GLY A 1 17  ? 16.653  5.512   -8.796  1.00 42.50 ? 17   GLY A O   1 
ATOM   114  N  N   . ARG A 1 18  ? 16.413  3.439   -8.108  1.00 46.73 ? 18   ARG A N   1 
ATOM   115  C  CA  . ARG A 1 18  ? 17.448  2.947   -9.034  1.00 50.05 ? 18   ARG A CA  1 
ATOM   116  C  C   . ARG A 1 18  ? 16.991  1.870   -10.015 1.00 51.58 ? 18   ARG A C   1 
ATOM   117  O  O   . ARG A 1 18  ? 17.107  2.055   -11.237 1.00 53.62 ? 18   ARG A O   1 
ATOM   118  C  CB  . ARG A 1 18  ? 18.690  2.494   -8.279  1.00 51.55 ? 18   ARG A CB  1 
ATOM   119  C  CG  . ARG A 1 18  ? 18.528  1.536   -7.099  1.00 55.02 ? 18   ARG A CG  1 
ATOM   120  C  CD  . ARG A 1 18  ? 19.882  0.673   -6.880  1.00 59.84 ? 18   ARG A CD  1 
ATOM   121  N  NE  . ARG A 1 18  ? 20.094  -0.163  -5.668  1.00 61.83 ? 18   ARG A NE  1 
ATOM   122  C  CZ  . ARG A 1 18  ? 19.453  -0.084  -4.463  1.00 63.39 ? 18   ARG A CZ  1 
ATOM   123  N  NH1 . ARG A 1 18  ? 18.453  0.774   -4.193  1.00 61.74 ? 18   ARG A NH1 1 
ATOM   124  N  NH2 . ARG A 1 18  ? 19.836  -0.919  -3.494  1.00 64.38 ? 18   ARG A NH2 1 
ATOM   125  N  N   . VAL A 1 23  ? 9.622   4.319   -14.867 1.00 56.41 ? 23   VAL A N   1 
ATOM   126  C  CA  . VAL A 1 23  ? 8.280   3.771   -14.577 1.00 56.54 ? 23   VAL A CA  1 
ATOM   127  C  C   . VAL A 1 23  ? 7.773   4.167   -13.160 1.00 55.62 ? 23   VAL A C   1 
ATOM   128  O  O   . VAL A 1 23  ? 6.651   4.669   -12.988 1.00 54.50 ? 23   VAL A O   1 
ATOM   129  C  CB  . VAL A 1 23  ? 8.309   2.210   -14.680 1.00 56.98 ? 23   VAL A CB  1 
ATOM   130  C  CG1 . VAL A 1 23  ? 6.910   1.590   -14.409 1.00 56.45 ? 23   VAL A CG1 1 
ATOM   131  C  CG2 . VAL A 1 23  ? 8.923   1.787   -16.053 1.00 58.22 ? 23   VAL A CG2 1 
ATOM   132  N  N   . TYR A 1 24  ? 8.642   3.913   -12.167 1.00 54.27 ? 24   TYR A N   1 
ATOM   133  C  CA  . TYR A 1 24  ? 8.385   4.202   -10.749 1.00 52.93 ? 24   TYR A CA  1 
ATOM   134  C  C   . TYR A 1 24  ? 9.077   5.509   -10.214 1.00 51.57 ? 24   TYR A C   1 
ATOM   135  O  O   . TYR A 1 24  ? 8.853   5.888   -9.034  1.00 51.31 ? 24   TYR A O   1 
ATOM   136  C  CB  . TYR A 1 24  ? 8.717   2.953   -9.878  1.00 52.81 ? 24   TYR A CB  1 
ATOM   137  C  CG  . TYR A 1 24  ? 8.207   1.654   -10.484 1.00 50.66 ? 24   TYR A CG  1 
ATOM   138  C  CD1 . TYR A 1 24  ? 9.085   0.832   -11.219 1.00 50.54 ? 24   TYR A CD1 1 
ATOM   139  C  CD2 . TYR A 1 24  ? 6.858   1.259   -10.370 1.00 47.38 ? 24   TYR A CD2 1 
ATOM   140  C  CE1 . TYR A 1 24  ? 8.644   -0.352  -11.824 1.00 51.06 ? 24   TYR A CE1 1 
ATOM   141  C  CE2 . TYR A 1 24  ? 6.385   0.047   -11.008 1.00 45.67 ? 24   TYR A CE2 1 
ATOM   142  C  CZ  . TYR A 1 24  ? 7.277   -0.762  -11.716 1.00 46.78 ? 24   TYR A CZ  1 
ATOM   143  O  OH  . TYR A 1 24  ? 6.949   -1.963  -12.361 1.00 41.99 ? 24   TYR A OH  1 
ATOM   144  N  N   . GLY A 1 25  ? 9.870   6.204   -11.064 1.00 50.03 ? 25   GLY A N   1 
ATOM   145  C  CA  . GLY A 1 25  ? 10.488  7.498   -10.700 1.00 48.40 ? 25   GLY A CA  1 
ATOM   146  C  C   . GLY A 1 25  ? 11.818  7.445   -9.927  1.00 46.36 ? 25   GLY A C   1 
ATOM   147  O  O   . GLY A 1 25  ? 12.333  6.329   -9.679  1.00 46.32 ? 25   GLY A O   1 
ATOM   148  N  N   . GLY A 1 26  ? 12.323  8.632   -9.506  1.00 43.53 ? 26   GLY A N   1 
ATOM   149  C  CA  . GLY A 1 26  ? 13.673  8.806   -8.920  1.00 41.09 ? 26   GLY A CA  1 
ATOM   150  C  C   . GLY A 1 26  ? 13.827  8.877   -7.381  1.00 38.02 ? 26   GLY A C   1 
ATOM   151  O  O   . GLY A 1 26  ? 14.926  8.896   -6.861  1.00 38.45 ? 26   GLY A O   1 
ATOM   152  N  N   . THR A 1 27  ? 12.713  8.921   -6.660  1.00 34.47 ? 27   THR A N   1 
ATOM   153  C  CA  . THR A 1 27  ? 12.662  8.878   -5.191  1.00 30.33 ? 27   THR A CA  1 
ATOM   154  C  C   . THR A 1 27  ? 13.031  7.493   -4.641  1.00 28.22 ? 27   THR A C   1 
ATOM   155  O  O   . THR A 1 27  ? 12.624  6.482   -5.209  1.00 28.34 ? 27   THR A O   1 
ATOM   156  C  CB  . THR A 1 27  ? 11.199  9.187   -4.793  1.00 30.29 ? 27   THR A CB  1 
ATOM   157  O  OG1 . THR A 1 27  ? 10.804  10.421  -5.375  1.00 28.42 ? 27   THR A OG1 1 
ATOM   158  C  CG2 . THR A 1 27  ? 11.031  9.408   -3.327  1.00 27.97 ? 27   THR A CG2 1 
ATOM   159  N  N   . THR A 1 28  ? 13.781  7.413   -3.539  1.00 25.34 ? 28   THR A N   1 
ATOM   160  C  CA  . THR A 1 28  ? 14.182  6.096   -2.994  1.00 23.66 ? 28   THR A CA  1 
ATOM   161  C  C   . THR A 1 28  ? 13.182  5.639   -1.962  1.00 22.51 ? 28   THR A C   1 
ATOM   162  O  O   . THR A 1 28  ? 12.366  6.439   -1.477  1.00 22.87 ? 28   THR A O   1 
ATOM   163  C  CB  . THR A 1 28  ? 15.485  6.156   -2.233  1.00 22.95 ? 28   THR A CB  1 
ATOM   164  O  OG1 . THR A 1 28  ? 15.363  7.135   -1.192  1.00 18.30 ? 28   THR A OG1 1 
ATOM   165  C  CG2 . THR A 1 28  ? 16.581  6.637   -3.067  1.00 26.76 ? 28   THR A CG2 1 
ATOM   166  N  N   . HIS A 1 29  ? 13.264  4.363   -1.590  1.00 20.09 ? 29   HIS A N   1 
ATOM   167  C  CA  . HIS A 1 29  ? 12.334  3.879   -0.567  1.00 19.21 ? 29   HIS A CA  1 
ATOM   168  C  C   . HIS A 1 29  ? 12.504  4.657   0.788   1.00 18.51 ? 29   HIS A C   1 
ATOM   169  O  O   . HIS A 1 29  ? 11.490  4.991   1.415   1.00 16.04 ? 29   HIS A O   1 
ATOM   170  C  CB  . HIS A 1 29  ? 12.402  2.348   -0.343  1.00 18.57 ? 29   HIS A CB  1 
ATOM   171  C  CG  . HIS A 1 29  ? 11.210  1.823   0.412   1.00 16.30 ? 29   HIS A CG  1 
ATOM   172  N  ND1 . HIS A 1 29  ? 11.181  1.700   1.801   1.00 17.44 ? 29   HIS A ND1 1 
ATOM   173  C  CD2 . HIS A 1 29  ? 9.978   1.474   -0.021  1.00 15.82 ? 29   HIS A CD2 1 
ATOM   174  C  CE1 . HIS A 1 29  ? 9.988   1.257   2.179   1.00 17.00 ? 29   HIS A CE1 1 
ATOM   175  N  NE2 . HIS A 1 29  ? 9.239   1.075   1.093   1.00 18.75 ? 29   HIS A NE2 1 
ATOM   176  N  N   . ASP A 1 30  ? 13.752  4.980   1.204   1.00 18.22 ? 30   ASP A N   1 
ATOM   177  C  CA  . ASP A 1 30  ? 13.901  5.759   2.440   1.00 17.88 ? 30   ASP A CA  1 
ATOM   178  C  C   . ASP A 1 30  ? 13.278  7.137   2.331   1.00 18.37 ? 30   ASP A C   1 
ATOM   179  O  O   . ASP A 1 30  ? 12.677  7.584   3.301   1.00 15.96 ? 30   ASP A O   1 
ATOM   180  C  CB  . ASP A 1 30  ? 15.341  5.932   2.857   1.00 19.30 ? 30   ASP A CB  1 
ATOM   181  C  CG  . ASP A 1 30  ? 15.990  4.633   3.318   1.00 20.18 ? 30   ASP A CG  1 
ATOM   182  O  OD1 . ASP A 1 30  ? 15.342  3.618   3.648   1.00 20.68 ? 30   ASP A OD1 1 
ATOM   183  O  OD2 . ASP A 1 30  ? 17.180  4.594   3.350   1.00 19.94 ? 30   ASP A OD2 1 
ATOM   184  N  N   . GLU A 1 31  ? 13.482  7.811   1.182   1.00 19.04 ? 31   GLU A N   1 
ATOM   185  C  CA  . GLU A 1 31  ? 12.825  9.113   0.892   1.00 18.38 ? 31   GLU A CA  1 
ATOM   186  C  C   . GLU A 1 31  ? 11.312  8.912   0.986   1.00 17.11 ? 31   GLU A C   1 
ATOM   187  O  O   . GLU A 1 31  ? 10.641  9.690   1.585   1.00 16.10 ? 31   GLU A O   1 
ATOM   188  C  CB  . GLU A 1 31  ? 13.218  9.609   -0.520  1.00 20.48 ? 31   GLU A CB  1 
ATOM   189  C  CG  . GLU A 1 31  ? 14.642  10.216  -0.658  1.00 27.09 ? 31   GLU A CG  1 
ATOM   190  C  CD  . GLU A 1 31  ? 15.098  10.743  -2.089  1.00 34.23 ? 31   GLU A CD  1 
ATOM   191  O  OE1 . GLU A 1 31  ? 15.116  10.046  -3.142  1.00 35.23 ? 31   GLU A OE1 1 
ATOM   192  O  OE2 . GLU A 1 31  ? 15.538  11.928  -2.149  1.00 45.01 ? 31   GLU A OE2 1 
ATOM   193  N  N   . LEU A 1 32  ? 10.797  7.821   0.435   1.00 14.93 ? 32   LEU A N   1 
ATOM   194  C  CA  . LEU A 1 32  ? 9.358   7.605   0.491   1.00 15.29 ? 32   LEU A CA  1 
ATOM   195  C  C   . LEU A 1 32  ? 8.897   7.524   1.938   1.00 13.65 ? 32   LEU A C   1 
ATOM   196  O  O   . LEU A 1 32  ? 7.915   8.124   2.304   1.00 14.19 ? 32   LEU A O   1 
ATOM   197  C  CB  . LEU A 1 32  ? 8.942   6.348   -0.283  1.00 14.46 ? 32   LEU A CB  1 
ATOM   198  C  CG  . LEU A 1 32  ? 7.470   5.937   -0.243  1.00 15.61 ? 32   LEU A CG  1 
ATOM   199  C  CD1 . LEU A 1 32  ? 6.671   7.058   -0.873  1.00 17.10 ? 32   LEU A CD1 1 
ATOM   200  C  CD2 . LEU A 1 32  ? 7.253   4.653   -1.002  1.00 14.28 ? 32   LEU A CD2 1 
ATOM   201  N  N   . VAL A 1 33  ? 9.548   6.703   2.721   1.00 14.77 ? 33   VAL A N   1 
ATOM   202  C  CA  . VAL A 1 33  ? 9.269   6.619   4.155   1.00 15.10 ? 33   VAL A CA  1 
ATOM   203  C  C   . VAL A 1 33  ? 9.281   8.004   4.781   1.00 15.97 ? 33   VAL A C   1 
ATOM   204  O  O   . VAL A 1 33  ? 8.343   8.352   5.475   1.00 16.85 ? 33   VAL A O   1 
ATOM   205  C  CB  . VAL A 1 33  ? 10.238  5.610   4.825   1.00 14.85 ? 33   VAL A CB  1 
ATOM   206  C  CG1 . VAL A 1 33  ? 10.094  5.543   6.268   1.00 17.16 ? 33   VAL A CG1 1 
ATOM   207  C  CG2 . VAL A 1 33  ? 10.021  4.137   4.281   1.00 17.84 ? 33   VAL A CG2 1 
ATOM   208  N  N   . ALA A 1 34  ? 10.321  8.825   4.547   1.00 17.02 ? 34   ALA A N   1 
ATOM   209  C  CA  . ALA A 1 34  ? 10.391  10.141  5.201   1.00 16.45 ? 34   ALA A CA  1 
ATOM   210  C  C   . ALA A 1 34  ? 9.232   11.038  4.733   1.00 17.25 ? 34   ALA A C   1 
ATOM   211  O  O   . ALA A 1 34  ? 8.679   11.691  5.555   1.00 18.65 ? 34   ALA A O   1 
ATOM   212  C  CB  . ALA A 1 34  ? 11.722  10.817  4.977   1.00 15.96 ? 34   ALA A CB  1 
ATOM   213  N  N   . LEU A 1 35  ? 8.830   11.012  3.446   1.00 16.86 ? 35   LEU A N   1 
ATOM   214  C  CA  . LEU A 1 35  ? 7.694   11.785  2.950   1.00 17.51 ? 35   LEU A CA  1 
ATOM   215  C  C   . LEU A 1 35  ? 6.367   11.403  3.626   1.00 16.45 ? 35   LEU A C   1 
ATOM   216  O  O   . LEU A 1 35  ? 5.600   12.281  4.028   1.00 14.53 ? 35   LEU A O   1 
ATOM   217  C  CB  . LEU A 1 35  ? 7.548   11.580  1.416   1.00 18.97 ? 35   LEU A CB  1 
ATOM   218  C  CG  . LEU A 1 35  ? 8.605   12.374  0.619   1.00 22.37 ? 35   LEU A CG  1 
ATOM   219  C  CD1 . LEU A 1 35  ? 8.835   11.950  -0.906  1.00 22.58 ? 35   LEU A CD1 1 
ATOM   220  C  CD2 . LEU A 1 35  ? 8.271   13.847  0.728   1.00 25.52 ? 35   LEU A CD2 1 
ATOM   221  N  N   . ILE A 1 36  ? 6.158   10.096  3.766   1.00 14.22 ? 36   ILE A N   1 
ATOM   222  C  CA  . ILE A 1 36  ? 4.972   9.557   4.365   1.00 15.28 ? 36   ILE A CA  1 
ATOM   223  C  C   . ILE A 1 36  ? 4.881   9.935   5.814   1.00 15.33 ? 36   ILE A C   1 
ATOM   224  O  O   . ILE A 1 36  ? 3.854   10.360  6.234   1.00 17.22 ? 36   ILE A O   1 
ATOM   225  C  CB  . ILE A 1 36  ? 4.878   7.985   4.163   1.00 13.93 ? 36   ILE A CB  1 
ATOM   226  C  CG1 . ILE A 1 36  ? 4.490   7.640   2.731   1.00 16.87 ? 36   ILE A CG1 1 
ATOM   227  C  CG2 . ILE A 1 36  ? 3.933   7.375   5.137   1.00 15.66 ? 36   ILE A CG2 1 
ATOM   228  C  CD1 . ILE A 1 36  ? 4.766   6.260   2.344   1.00 16.19 ? 36   ILE A CD1 1 
ATOM   229  N  N   . GLU A 1 37  ? 5.908   9.679   6.608   1.00 18.72 ? 37   GLU A N   1 
ATOM   230  C  CA  . GLU A 1 37  ? 5.921   10.030  8.003   1.00 19.87 ? 37   GLU A CA  1 
ATOM   231  C  C   . GLU A 1 37  ? 5.684   11.548  8.222   1.00 22.68 ? 37   GLU A C   1 
ATOM   232  O  O   . GLU A 1 37  ? 4.845   11.916  9.064   1.00 23.26 ? 37   GLU A O   1 
ATOM   233  C  CB  . GLU A 1 37  ? 7.236   9.629   8.649   1.00 21.35 ? 37   GLU A CB  1 
ATOM   234  C  CG  . GLU A 1 37  ? 7.482   8.146   8.703   1.00 19.32 ? 37   GLU A CG  1 
ATOM   235  C  CD  . GLU A 1 37  ? 8.852   7.729   9.249   1.00 22.66 ? 37   GLU A CD  1 
ATOM   236  O  OE1 . GLU A 1 37  ? 9.926   8.435   9.078   1.00 19.92 ? 37   GLU A OE1 1 
ATOM   237  O  OE2 . GLU A 1 37  ? 8.830   6.584   9.727   1.00 25.02 ? 37   GLU A OE2 1 
ATOM   238  N  N   . ARG A 1 38  ? 6.382   12.414  7.478   1.00 22.82 ? 38   ARG A N   1 
ATOM   239  C  CA  . ARG A 1 38  ? 6.098   13.826  7.504   1.00 24.05 ? 38   ARG A CA  1 
ATOM   240  C  C   . ARG A 1 38  ? 4.629   14.232  7.225   1.00 23.39 ? 38   ARG A C   1 
ATOM   241  O  O   . ARG A 1 38  ? 4.091   15.078  7.957   1.00 21.88 ? 38   ARG A O   1 
ATOM   242  C  CB  . ARG A 1 38  ? 7.031   14.574  6.561   1.00 26.12 ? 38   ARG A CB  1 
ATOM   243  C  CG  . ARG A 1 38  ? 6.909   16.080  6.717   1.00 31.47 ? 38   ARG A CG  1 
ATOM   244  C  CD  . ARG A 1 38  ? 7.824   16.942  5.837   1.00 37.82 ? 38   ARG A CD  1 
ATOM   245  N  NE  . ARG A 1 38  ? 7.450   16.840  4.408   1.00 43.27 ? 38   ARG A NE  1 
ATOM   246  C  CZ  . ARG A 1 38  ? 8.231   17.248  3.382   1.00 47.08 ? 38   ARG A CZ  1 
ATOM   247  N  NH1 . ARG A 1 38  ? 9.430   17.818  3.652   1.00 50.77 ? 38   ARG A NH1 1 
ATOM   248  N  NH2 . ARG A 1 38  ? 7.828   17.118  2.102   1.00 42.47 ? 38   ARG A NH2 1 
ATOM   249  N  N   . GLU A 1 39  ? 3.974   13.608  6.209   1.00 21.97 ? 39   GLU A N   1 
ATOM   250  C  CA  . GLU A 1 39  ? 2.594   13.938  5.841   1.00 22.29 ? 39   GLU A CA  1 
ATOM   251  C  C   . GLU A 1 39  ? 1.691   13.367  6.926   1.00 21.70 ? 39   GLU A C   1 
ATOM   252  O  O   . GLU A 1 39  ? 0.694   13.977  7.284   1.00 20.05 ? 39   GLU A O   1 
ATOM   253  C  CB  . GLU A 1 39  ? 2.205   13.366  4.456   1.00 22.65 ? 39   GLU A CB  1 
ATOM   254  C  CG  . GLU A 1 39  ? 0.767   13.630  4.009   1.00 24.66 ? 39   GLU A CG  1 
ATOM   255  C  CD  . GLU A 1 39  ? 0.607   15.008  3.329   1.00 28.96 ? 39   GLU A CD  1 
ATOM   256  O  OE1 . GLU A 1 39  ? 1.544   15.842  3.438   1.00 27.40 ? 39   GLU A OE1 1 
ATOM   257  O  OE2 . GLU A 1 39  ? -0.469  15.270  2.720   1.00 32.33 ? 39   GLU A OE2 1 
ATOM   258  N  N   . ALA A 1 40  ? 2.023   12.208  7.465   1.00 21.50 ? 40   ALA A N   1 
ATOM   259  C  CA  . ALA A 1 40  ? 1.173   11.621  8.467   1.00 21.39 ? 40   ALA A CA  1 
ATOM   260  C  C   . ALA A 1 40  ? 1.151   12.463  9.766   1.00 23.31 ? 40   ALA A C   1 
ATOM   261  O  O   . ALA A 1 40  ? 0.123   12.732  10.314  1.00 22.91 ? 40   ALA A O   1 
ATOM   262  C  CB  . ALA A 1 40  ? 1.585   10.227  8.729   1.00 24.53 ? 40   ALA A CB  1 
ATOM   263  N  N   . ALA A 1 41  ? 2.277   13.016  10.156  1.00 24.29 ? 41   ALA A N   1 
ATOM   264  C  CA  . ALA A 1 41  ? 2.326   13.886  11.311  1.00 24.85 ? 41   ALA A CA  1 
ATOM   265  C  C   . ALA A 1 41  ? 1.502   15.151  11.076  1.00 24.60 ? 41   ALA A C   1 
ATOM   266  O  O   . ALA A 1 41  ? 0.812   15.586  11.964  1.00 25.90 ? 41   ALA A O   1 
ATOM   267  C  CB  . ALA A 1 41  ? 3.725   14.242  11.635  1.00 24.72 ? 41   ALA A CB  1 
ATOM   268  N  N   . GLU A 1 42  ? 1.623   15.762  9.917   1.00 24.43 ? 42   GLU A N   1 
ATOM   269  C  CA  . GLU A 1 42  ? 0.761   16.895  9.506   1.00 24.97 ? 42   GLU A CA  1 
ATOM   270  C  C   . GLU A 1 42  ? -0.732  16.580  9.714   1.00 23.85 ? 42   GLU A C   1 
ATOM   271  O  O   . GLU A 1 42  ? -1.519  17.436  10.145  1.00 25.08 ? 42   GLU A O   1 
ATOM   272  C  CB  . GLU A 1 42  ? 0.983   17.190  7.999   1.00 26.00 ? 42   GLU A CB  1 
ATOM   273  C  CG  A GLU A 1 42  ? 0.885   18.649  7.568   0.50 28.72 ? 42   GLU A CG  1 
ATOM   274  C  CG  B GLU A 1 42  ? 1.457   18.610  7.720   0.50 28.73 ? 42   GLU A CG  1 
ATOM   275  N  N   . LEU A 1 43  ? -1.105  15.350  9.402   1.00 22.65 ? 43   LEU A N   1 
ATOM   276  C  CA  . LEU A 1 43  ? -2.481  14.888  9.443   1.00 23.24 ? 43   LEU A CA  1 
ATOM   277  C  C   . LEU A 1 43  ? -2.971  14.382  10.794  1.00 22.61 ? 43   LEU A C   1 
ATOM   278  O  O   . LEU A 1 43  ? -4.145  14.120  10.950  1.00 22.70 ? 43   LEU A O   1 
ATOM   279  C  CB  . LEU A 1 43  ? -2.688  13.807  8.385   1.00 22.24 ? 43   LEU A CB  1 
ATOM   280  C  CG  . LEU A 1 43  ? -2.729  14.249  6.964   1.00 23.00 ? 43   LEU A CG  1 
ATOM   281  C  CD1 . LEU A 1 43  ? -2.693  12.992  6.051   1.00 24.17 ? 43   LEU A CD1 1 
ATOM   282  C  CD2 . LEU A 1 43  ? -3.951  15.097  6.673   1.00 21.42 ? 43   LEU A CD2 1 
ATOM   283  N  N   . GLY A 1 44  ? -2.074  14.287  11.752  1.00 22.24 ? 44   GLY A N   1 
ATOM   284  C  CA  . GLY A 1 44  ? -2.427  13.810  13.075  1.00 23.47 ? 44   GLY A CA  1 
ATOM   285  C  C   . GLY A 1 44  ? -2.393  12.289  13.230  1.00 23.77 ? 44   GLY A C   1 
ATOM   286  O  O   . GLY A 1 44  ? -2.875  11.802  14.225  1.00 24.35 ? 44   GLY A O   1 
ATOM   287  N  N   . LEU A 1 45  ? -1.822  11.558  12.258  1.00 22.91 ? 45   LEU A N   1 
ATOM   288  C  CA  . LEU A 1 45  ? -1.683  10.099  12.286  1.00 22.02 ? 45   LEU A CA  1 
ATOM   289  C  C   . LEU A 1 45  ? -0.242  9.706   12.575  1.00 20.63 ? 45   LEU A C   1 
ATOM   290  O  O   . LEU A 1 45  ? 0.696   10.503  12.498  1.00 21.08 ? 45   LEU A O   1 
ATOM   291  C  CB  . LEU A 1 45  ? -2.012  9.514   10.881  1.00 23.01 ? 45   LEU A CB  1 
ATOM   292  C  CG  . LEU A 1 45  ? -3.338  9.952   10.286  1.00 23.85 ? 45   LEU A CG  1 
ATOM   293  C  CD1 . LEU A 1 45  ? -3.359  9.862   8.794   1.00 25.13 ? 45   LEU A CD1 1 
ATOM   294  C  CD2 . LEU A 1 45  ? -4.516  9.221   10.904  1.00 24.93 ? 45   LEU A CD2 1 
ATOM   295  N  N   . LYS A 1 46  ? -0.066  8.429   12.829  1.00 19.16 ? 46   LYS A N   1 
ATOM   296  C  CA  . LYS A 1 46  ? 1.236   7.775   12.830  1.00 18.32 ? 46   LYS A CA  1 
ATOM   297  C  C   . LYS A 1 46  ? 1.314   6.731   11.772  1.00 17.88 ? 46   LYS A C   1 
ATOM   298  O  O   . LYS A 1 46  ? 0.539   5.762   11.795  1.00 17.49 ? 46   LYS A O   1 
ATOM   299  C  CB  . LYS A 1 46  ? 1.557   7.102   14.155  1.00 17.94 ? 46   LYS A CB  1 
ATOM   300  C  CG  . LYS A 1 46  ? 3.024   6.590   14.217  1.00 18.98 ? 46   LYS A CG  1 
ATOM   301  C  CD  . LYS A 1 46  ? 3.273   5.818   15.478  1.00 25.09 ? 46   LYS A CD  1 
ATOM   302  C  CE  . LYS A 1 46  ? 4.715   5.198   15.631  1.00 28.05 ? 46   LYS A CE  1 
ATOM   303  N  NZ  . LYS A 1 46  ? 4.938   5.023   17.188  1.00 28.89 ? 46   LYS A NZ  1 
ATOM   304  N  N   . ALA A 1 47  ? 2.300   6.894   10.884  1.00 17.31 ? 47   ALA A N   1 
ATOM   305  C  CA  . ALA A 1 47  ? 2.535   5.979   9.812   1.00 17.72 ? 47   ALA A CA  1 
ATOM   306  C  C   . ALA A 1 47  ? 3.673   4.993   10.140  1.00 15.94 ? 47   ALA A C   1 
ATOM   307  O  O   . ALA A 1 47  ? 4.687   5.339   10.606  1.00 17.16 ? 47   ALA A O   1 
ATOM   308  C  CB  . ALA A 1 47  ? 2.677   6.735   8.471   1.00 16.40 ? 47   ALA A CB  1 
ATOM   309  N  N   . VAL A 1 48  ? 3.378   3.718   9.992   1.00 15.15 ? 48   VAL A N   1 
ATOM   310  C  CA  . VAL A 1 48  ? 4.319   2.640   10.103  1.00 15.17 ? 48   VAL A CA  1 
ATOM   311  C  C   . VAL A 1 48  ? 4.492   2.067   8.727   1.00 14.55 ? 48   VAL A C   1 
ATOM   312  O  O   . VAL A 1 48  ? 3.557   1.399   8.219   1.00 14.99 ? 48   VAL A O   1 
ATOM   313  C  CB  . VAL A 1 48  ? 3.709   1.541   11.032  1.00 14.92 ? 48   VAL A CB  1 
ATOM   314  C  CG1 . VAL A 1 48  ? 4.611   0.328   11.130  1.00 16.01 ? 48   VAL A CG1 1 
ATOM   315  C  CG2 . VAL A 1 48  ? 3.382   2.154   12.365  1.00 18.33 ? 48   VAL A CG2 1 
ATOM   316  N  N   . VAL A 1 49  ? 5.667   2.291   8.131   1.00 14.85 ? 49   VAL A N   1 
ATOM   317  C  CA  . VAL A 1 49  ? 5.936   1.950   6.761   1.00 14.08 ? 49   VAL A CA  1 
ATOM   318  C  C   . VAL A 1 49  ? 6.877   0.750   6.729   1.00 15.54 ? 49   VAL A C   1 
ATOM   319  O  O   . VAL A 1 49  ? 7.964   0.807   7.288   1.00 14.12 ? 49   VAL A O   1 
ATOM   320  C  CB  . VAL A 1 49  ? 6.582   3.098   6.024   1.00 14.44 ? 49   VAL A CB  1 
ATOM   321  C  CG1 . VAL A 1 49  ? 6.708   2.783   4.551   1.00 15.55 ? 49   VAL A CG1 1 
ATOM   322  C  CG2 . VAL A 1 49  ? 5.737   4.405   6.187   1.00 15.26 ? 49   VAL A CG2 1 
ATOM   323  N  N   . ARG A 1 50  ? 6.515   -0.309  6.008   1.00 15.13 ? 50   ARG A N   1 
ATOM   324  C  CA  . ARG A 1 50  ? 7.305   -1.568  5.997   1.00 15.45 ? 50   ARG A CA  1 
ATOM   325  C  C   . ARG A 1 50  ? 7.436   -2.023  4.518   1.00 15.62 ? 50   ARG A C   1 
ATOM   326  O  O   . ARG A 1 50  ? 6.490   -1.779  3.737   1.00 15.63 ? 50   ARG A O   1 
ATOM   327  C  CB  . ARG A 1 50  ? 6.520   -2.614  6.859   1.00 15.40 ? 50   ARG A CB  1 
ATOM   328  C  CG  . ARG A 1 50  ? 6.407   -2.198  8.378   1.00 23.01 ? 50   ARG A CG  1 
ATOM   329  C  CD  . ARG A 1 50  ? 6.323   -3.307  9.270   1.00 26.89 ? 50   ARG A CD  1 
ATOM   330  N  NE  . ARG A 1 50  ? 5.427   -3.409  10.444  1.00 33.65 ? 50   ARG A NE  1 
ATOM   331  C  CZ  . ARG A 1 50  ? 4.039   -3.379  10.596  1.00 41.60 ? 50   ARG A CZ  1 
ATOM   332  N  NH1 . ARG A 1 50  ? 3.123   -2.934  9.694   1.00 35.83 ? 50   ARG A NH1 1 
ATOM   333  N  NH2 . ARG A 1 50  ? 3.581   -3.663  11.856  1.00 47.89 ? 50   ARG A NH2 1 
ATOM   334  N  N   . GLN A 1 51  ? 8.518   -2.683  4.129   1.00 14.28 ? 51   GLN A N   1 
ATOM   335  C  CA  . GLN A 1 51  ? 8.677   -3.255  2.745   1.00 13.40 ? 51   GLN A CA  1 
ATOM   336  C  C   . GLN A 1 51  ? 9.291   -4.607  2.841   1.00 13.04 ? 51   GLN A C   1 
ATOM   337  O  O   . GLN A 1 51  ? 10.129  -4.823  3.664   1.00 12.20 ? 51   GLN A O   1 
ATOM   338  C  CB  . GLN A 1 51  ? 9.544   -2.345  1.839   1.00 15.00 ? 51   GLN A CB  1 
ATOM   339  C  CG  . GLN A 1 51  ? 9.611   -2.734  0.383   1.00 9.98  ? 51   GLN A CG  1 
ATOM   340  C  CD  . GLN A 1 51  ? 10.620  -3.928  0.062   1.00 13.67 ? 51   GLN A CD  1 
ATOM   341  O  OE1 . GLN A 1 51  ? 11.724  -3.981  0.602   1.00 14.86 ? 51   GLN A OE1 1 
ATOM   342  N  NE2 . GLN A 1 51  ? 10.219  -4.840  -0.855  1.00 10.40 ? 51   GLN A NE2 1 
ATOM   343  N  N   . SER A 1 52  ? 8.820   -5.567  2.054   1.00 14.01 ? 52   SER A N   1 
ATOM   344  C  CA  . SER A 1 52  ? 9.439   -6.914  1.993   1.00 14.77 ? 52   SER A CA  1 
ATOM   345  C  C   . SER A 1 52  ? 9.268   -7.581  0.600   1.00 13.40 ? 52   SER A C   1 
ATOM   346  O  O   . SER A 1 52  ? 8.259   -7.367  -0.086  1.00 13.94 ? 52   SER A O   1 
ATOM   347  C  CB  . SER A 1 52  ? 8.914   -7.844  3.116   1.00 14.13 ? 52   SER A CB  1 
ATOM   348  O  OG  . SER A 1 52  ? 9.565   -9.127  3.067   1.00 14.62 ? 52   SER A OG  1 
ATOM   349  N  N   . ASP A 1 53  ? 10.289  -8.298  0.162   1.00 13.59 ? 53   ASP A N   1 
ATOM   350  C  CA  . ASP A 1 53  ? 10.216  -9.142  -1.055  1.00 13.98 ? 53   ASP A CA  1 
ATOM   351  C  C   . ASP A 1 53  ? 9.639   -10.527 -0.740  1.00 13.66 ? 53   ASP A C   1 
ATOM   352  O  O   . ASP A 1 53  ? 9.458   -11.304 -1.629  1.00 15.34 ? 53   ASP A O   1 
ATOM   353  C  CB  . ASP A 1 53  ? 11.567  -9.327  -1.689  1.00 13.01 ? 53   ASP A CB  1 
ATOM   354  C  CG  . ASP A 1 53  ? 12.137  -8.069  -2.317  1.00 16.08 ? 53   ASP A CG  1 
ATOM   355  O  OD1 . ASP A 1 53  ? 11.461  -7.033  -2.591  1.00 16.38 ? 53   ASP A OD1 1 
ATOM   356  O  OD2 . ASP A 1 53  ? 13.328  -8.099  -2.592  1.00 18.02 ? 53   ASP A OD2 1 
ATOM   357  N  N   . SER A 1 54  ? 9.394   -10.823 0.531   1.00 13.75 ? 54   SER A N   1 
ATOM   358  C  CA  . SER A 1 54  ? 8.852   -12.112 1.018   1.00 15.09 ? 54   SER A CA  1 
ATOM   359  C  C   . SER A 1 54  ? 7.364   -12.083 1.240   1.00 14.76 ? 54   SER A C   1 
ATOM   360  O  O   . SER A 1 54  ? 6.892   -11.341 2.101   1.00 13.26 ? 54   SER A O   1 
ATOM   361  C  CB  . SER A 1 54  ? 9.514   -12.495 2.367   1.00 15.84 ? 54   SER A CB  1 
ATOM   362  O  OG  . SER A 1 54  ? 8.817   -13.566 2.968   1.00 15.49 ? 54   SER A OG  1 
ATOM   363  N  N   . GLU A 1 55  ? 6.606   -12.855 0.464   1.00 14.32 ? 55   GLU A N   1 
ATOM   364  C  CA  . GLU A 1 55  ? 5.163   -12.957 0.668   1.00 14.99 ? 55   GLU A CA  1 
ATOM   365  C  C   . GLU A 1 55  ? 4.751   -13.347 2.111   1.00 14.94 ? 55   GLU A C   1 
ATOM   366  O  O   . GLU A 1 55  ? 3.825   -12.759 2.659   1.00 13.75 ? 55   GLU A O   1 
ATOM   367  C  CB  . GLU A 1 55  ? 4.536   -13.911 -0.320  1.00 15.27 ? 55   GLU A CB  1 
ATOM   368  C  CG  . GLU A 1 55  ? 3.067   -14.098 -0.161  1.00 19.26 ? 55   GLU A CG  1 
ATOM   369  C  CD  . GLU A 1 55  ? 2.379   -14.813 -1.317  1.00 23.87 ? 55   GLU A CD  1 
ATOM   370  O  OE1 . GLU A 1 55  ? 2.476   -16.016 -1.528  1.00 35.78 ? 55   GLU A OE1 1 
ATOM   371  O  OE2 . GLU A 1 55  ? 1.684   -14.150 -1.969  1.00 29.95 ? 55   GLU A OE2 1 
ATOM   372  N  N   . ALA A 1 56  ? 5.448   -14.282 2.733   1.00 13.79 ? 56   ALA A N   1 
ATOM   373  C  CA  . ALA A 1 56  ? 5.085   -14.678 4.075   1.00 13.85 ? 56   ALA A CA  1 
ATOM   374  C  C   . ALA A 1 56  ? 5.213   -13.490 5.020   1.00 12.17 ? 56   ALA A C   1 
ATOM   375  O  O   . ALA A 1 56  ? 4.469   -13.394 5.948   1.00 11.49 ? 56   ALA A O   1 
ATOM   376  C  CB  . ALA A 1 56  ? 5.938   -15.863 4.536   1.00 14.99 ? 56   ALA A CB  1 
ATOM   377  N  N   . GLN A 1 57  ? 6.208   -12.620 4.793   1.00 12.84 ? 57   GLN A N   1 
ATOM   378  C  CA  . GLN A 1 57  ? 6.467   -11.449 5.633   1.00 12.28 ? 57   GLN A CA  1 
ATOM   379  C  C   . GLN A 1 57  ? 5.367   -10.459 5.417   1.00 12.09 ? 57   GLN A C   1 
ATOM   380  O  O   . GLN A 1 57  ? 4.781   -9.931  6.370   1.00 11.33 ? 57   GLN A O   1 
ATOM   381  C  CB  . GLN A 1 57  ? 7.825   -10.786 5.363   1.00 12.43 ? 57   GLN A CB  1 
ATOM   382  C  CG  . GLN A 1 57  ? 8.140   -9.561  6.213   1.00 13.49 ? 57   GLN A CG  1 
ATOM   383  C  CD  . GLN A 1 57  ? 8.147   -9.860  7.672   1.00 16.93 ? 57   GLN A CD  1 
ATOM   384  O  OE1 . GLN A 1 57  ? 9.149   -10.220 8.191   1.00 22.88 ? 57   GLN A OE1 1 
ATOM   385  N  NE2 . GLN A 1 57  ? 7.019   -9.676  8.345   1.00 18.41 ? 57   GLN A NE2 1 
ATOM   386  N  N   . LEU A 1 58  ? 4.977   -10.289 4.179   1.00 13.85 ? 58   LEU A N   1 
ATOM   387  C  CA  . LEU A 1 58  ? 3.808   -9.455  3.935   1.00 13.47 ? 58   LEU A CA  1 
ATOM   388  C  C   . LEU A 1 58  ? 2.522   -9.938  4.604   1.00 14.45 ? 58   LEU A C   1 
ATOM   389  O  O   . LEU A 1 58  ? 1.746   -9.161  5.097   1.00 15.21 ? 58   LEU A O   1 
ATOM   390  C  CB  . LEU A 1 58  ? 3.593   -9.241  2.447   1.00 14.32 ? 58   LEU A CB  1 
ATOM   391  C  CG  . LEU A 1 58  ? 4.809   -8.716  1.698   1.00 15.83 ? 58   LEU A CG  1 
ATOM   392  C  CD1 . LEU A 1 58  ? 4.614   -8.847  0.160   1.00 19.14 ? 58   LEU A CD1 1 
ATOM   393  C  CD2 . LEU A 1 58  ? 5.012   -7.351  2.087   1.00 15.88 ? 58   LEU A CD2 1 
ATOM   394  N  N   . LEU A 1 59  ? 2.253   -11.227 4.546   1.00 16.06 ? 59   LEU A N   1 
ATOM   395  C  CA  . LEU A 1 59  ? 1.069   -11.875 5.194   1.00 14.42 ? 59   LEU A CA  1 
ATOM   396  C  C   . LEU A 1 59  ? 1.097   -11.660 6.691   1.00 13.75 ? 59   LEU A C   1 
ATOM   397  O  O   . LEU A 1 59  ? 0.064   -11.409 7.283   1.00 14.87 ? 59   LEU A O   1 
ATOM   398  C  CB  . LEU A 1 59  ? 1.071   -13.409 4.872   1.00 13.30 ? 59   LEU A CB  1 
ATOM   399  C  CG  . LEU A 1 59  ? 0.827   -13.733 3.355   1.00 15.89 ? 59   LEU A CG  1 
ATOM   400  C  CD1 . LEU A 1 59  ? 0.886   -15.197 3.058   1.00 18.50 ? 59   LEU A CD1 1 
ATOM   401  C  CD2 . LEU A 1 59  ? -0.515  -13.242 2.998   1.00 15.57 ? 59   LEU A CD2 1 
ATOM   402  N  N   . ASP A 1 60  ? 2.290   -11.703 7.308   1.00 14.78 ? 60   ASP A N   1 
ATOM   403  C  CA  . ASP A 1 60  ? 2.368   -11.528 8.746   1.00 14.30 ? 60   ASP A CA  1 
ATOM   404  C  C   . ASP A 1 60  ? 1.955   -10.119 9.089   1.00 14.77 ? 60   ASP A C   1 
ATOM   405  O  O   . ASP A 1 60  ? 1.206   -9.907  10.097  1.00 13.85 ? 60   ASP A O   1 
ATOM   406  C  CB  . ASP A 1 60  ? 3.743   -11.844 9.267   1.00 16.29 ? 60   ASP A CB  1 
ATOM   407  C  CG  . ASP A 1 60  ? 3.808   -11.776 10.808  1.00 17.38 ? 60   ASP A CG  1 
ATOM   408  O  OD1 . ASP A 1 60  ? 2.922   -12.272 11.512  1.00 24.37 ? 60   ASP A OD1 1 
ATOM   409  O  OD2 . ASP A 1 60  ? 4.653   -11.206 11.408  1.00 24.82 ? 60   ASP A OD2 1 
ATOM   410  N  N   . TRP A 1 61  ? 2.459   -9.114  8.313   1.00 13.94 ? 61   TRP A N   1 
ATOM   411  C  CA  . TRP A 1 61  ? 2.145   -7.727  8.604   1.00 14.03 ? 61   TRP A CA  1 
ATOM   412  C  C   . TRP A 1 61  ? 0.633   -7.503  8.439   1.00 15.06 ? 61   TRP A C   1 
ATOM   413  O  O   . TRP A 1 61  ? -0.005  -6.839  9.271   1.00 14.08 ? 61   TRP A O   1 
ATOM   414  C  CB  . TRP A 1 61  ? 2.953   -6.741  7.702   1.00 14.83 ? 61   TRP A CB  1 
ATOM   415  C  CG  . TRP A 1 61  ? 4.397   -6.690  8.080   1.00 14.18 ? 61   TRP A CG  1 
ATOM   416  C  CD1 . TRP A 1 61  ? 4.922   -6.865  9.346   1.00 17.87 ? 61   TRP A CD1 1 
ATOM   417  C  CD2 . TRP A 1 61  ? 5.527   -6.420  7.220   1.00 13.13 ? 61   TRP A CD2 1 
ATOM   418  N  NE1 . TRP A 1 61  ? 6.287   -6.697  9.322   1.00 19.86 ? 61   TRP A NE1 1 
ATOM   419  C  CE2 . TRP A 1 61  ? 6.692   -6.453  8.029   1.00 19.00 ? 61   TRP A CE2 1 
ATOM   420  C  CE3 . TRP A 1 61  ? 5.671   -6.170  5.848   1.00 14.81 ? 61   TRP A CE3 1 
ATOM   421  C  CZ2 . TRP A 1 61  ? 7.993   -6.261  7.501   1.00 13.71 ? 61   TRP A CZ2 1 
ATOM   422  C  CZ3 . TRP A 1 61  ? 6.913   -5.960  5.337   1.00 12.72 ? 61   TRP A CZ3 1 
ATOM   423  C  CH2 . TRP A 1 61  ? 8.086   -5.978  6.189   1.00 17.23 ? 61   TRP A CH2 1 
ATOM   424  N  N   . ILE A 1 62  ? 0.053   -8.033  7.358   1.00 14.65 ? 62   ILE A N   1 
ATOM   425  C  CA  . ILE A 1 62  ? -1.407  -7.913  7.162   1.00 14.47 ? 62   ILE A CA  1 
ATOM   426  C  C   . ILE A 1 62  ? -2.204  -8.570  8.307   1.00 14.44 ? 62   ILE A C   1 
ATOM   427  O  O   . ILE A 1 62  ? -3.216  -7.974  8.803   1.00 14.31 ? 62   ILE A O   1 
ATOM   428  C  CB  . ILE A 1 62  ? -1.834  -8.551  5.827   1.00 16.21 ? 62   ILE A CB  1 
ATOM   429  C  CG1 . ILE A 1 62  ? -1.162  -7.872  4.657   1.00 18.32 ? 62   ILE A CG1 1 
ATOM   430  C  CG2 . ILE A 1 62  ? -3.325  -8.522  5.646   1.00 15.93 ? 62   ILE A CG2 1 
ATOM   431  C  CD1 . ILE A 1 62  ? -1.772  -6.451  4.466   1.00 26.30 ? 62   ILE A CD1 1 
ATOM   432  N  N   . HIS A 1 63  ? -1.729  -9.741  8.790   1.00 14.38 ? 63   HIS A N   1 
ATOM   433  C  CA  . HIS A 1 63  ? -2.363  -10.439 9.865   1.00 14.41 ? 63   HIS A CA  1 
ATOM   434  C  C   . HIS A 1 63  ? -2.407  -9.509  11.103  1.00 15.79 ? 63   HIS A C   1 
ATOM   435  O  O   . HIS A 1 63  ? -3.438  -9.407  11.814  1.00 14.78 ? 63   HIS A O   1 
ATOM   436  C  CB  . HIS A 1 63  ? -1.669  -11.755 10.280  1.00 12.75 ? 63   HIS A CB  1 
ATOM   437  C  CG  A HIS A 1 63  ? -1.672  -12.812 9.231   0.60 15.38 ? 63   HIS A CG  1 
ATOM   438  C  CG  B HIS A 1 63  ? -1.659  -12.813 9.234   0.40 15.48 ? 63   HIS A CG  1 
ATOM   439  N  ND1 A HIS A 1 63  ? -0.664  -13.746 9.130   0.60 16.09 ? 63   HIS A ND1 1 
ATOM   440  N  ND1 B HIS A 1 63  ? -2.633  -12.919 8.263   0.40 13.25 ? 63   HIS A ND1 1 
ATOM   441  C  CD2 A HIS A 1 63  ? -2.534  -13.072 8.216   0.60 12.02 ? 63   HIS A CD2 1 
ATOM   442  C  CD2 B HIS A 1 63  ? -0.792  -13.828 9.016   0.40 16.56 ? 63   HIS A CD2 1 
ATOM   443  C  CE1 A HIS A 1 63  ? -0.898  -14.524 8.086   0.60 16.88 ? 63   HIS A CE1 1 
ATOM   444  C  CE1 B HIS A 1 63  ? -2.354  -13.946 7.485   0.40 15.25 ? 63   HIS A CE1 1 
ATOM   445  N  NE2 A HIS A 1 63  ? -2.017  -14.125 7.508   0.60 14.29 ? 63   HIS A NE2 1 
ATOM   446  N  NE2 B HIS A 1 63  ? -1.238  -14.508 7.911   0.40 17.37 ? 63   HIS A NE2 1 
ATOM   447  N  N   . GLN A 1 64  ? -1.264  -8.913  11.407  1.00 15.55 ? 64   GLN A N   1 
ATOM   448  C  CA  . GLN A 1 64  ? -1.206  -8.056  12.560  1.00 15.98 ? 64   GLN A CA  1 
ATOM   449  C  C   . GLN A 1 64  ? -2.141  -6.861  12.436  1.00 16.22 ? 64   GLN A C   1 
ATOM   450  O  O   . GLN A 1 64  ? -2.752  -6.465  13.429  1.00 14.64 ? 64   GLN A O   1 
ATOM   451  C  CB  . GLN A 1 64  ? 0.200   -7.566  12.800  1.00 16.31 ? 64   GLN A CB  1 
ATOM   452  C  CG  . GLN A 1 64  ? 1.220   -8.695  13.147  1.00 21.05 ? 64   GLN A CG  1 
ATOM   453  C  CD  . GLN A 1 64  ? 2.650   -8.106  13.309  1.00 25.07 ? 64   GLN A CD  1 
ATOM   454  O  OE1 . GLN A 1 64  ? 2.793   -7.059  13.922  1.00 26.87 ? 64   GLN A OE1 1 
ATOM   455  N  NE2 . GLN A 1 64  ? 3.652   -8.730  12.708  1.00 24.21 ? 64   GLN A NE2 1 
ATOM   456  N  N   . ALA A 1 65  ? -2.235  -6.256  11.264  1.00 16.26 ? 65   ALA A N   1 
ATOM   457  C  CA  . ALA A 1 65  ? -3.257  -5.165  11.074  1.00 16.59 ? 65   ALA A CA  1 
ATOM   458  C  C   . ALA A 1 65  ? -4.717  -5.635  11.244  1.00 17.17 ? 65   ALA A C   1 
ATOM   459  O  O   . ALA A 1 65  ? -5.580  -4.879  11.771  1.00 17.89 ? 65   ALA A O   1 
ATOM   460  C  CB  . ALA A 1 65  ? -3.109  -4.542  9.730   1.00 16.78 ? 65   ALA A CB  1 
ATOM   461  N  N   . ALA A 1 66  ? -5.011  -6.880  10.816  1.00 15.72 ? 66   ALA A N   1 
ATOM   462  C  CA  . ALA A 1 66  ? -6.302  -7.502  11.051  1.00 15.15 ? 66   ALA A CA  1 
ATOM   463  C  C   . ALA A 1 66  ? -6.539  -7.628  12.542  1.00 15.33 ? 66   ALA A C   1 
ATOM   464  O  O   . ALA A 1 66  ? -7.525  -7.176  13.018  1.00 15.18 ? 66   ALA A O   1 
ATOM   465  C  CB  . ALA A 1 66  ? -6.439  -8.869  10.377  1.00 13.42 ? 66   ALA A CB  1 
ATOM   466  N  N   . ASP A 1 67  ? -5.596  -8.154  13.290  1.00 17.63 ? 67   ASP A N   1 
ATOM   467  C  CA  . ASP A 1 67  ? -5.857  -8.326  14.717  1.00 18.52 ? 67   ASP A CA  1 
ATOM   468  C  C   . ASP A 1 67  ? -5.955  -6.960  15.438  1.00 19.67 ? 67   ASP A C   1 
ATOM   469  O  O   . ASP A 1 67  ? -6.693  -6.846  16.337  1.00 21.03 ? 67   ASP A O   1 
ATOM   470  C  CB  . ASP A 1 67  ? -4.775  -9.138  15.401  1.00 18.14 ? 67   ASP A CB  1 
ATOM   471  C  CG  . ASP A 1 67  ? -4.771  -10.608 14.996  1.00 22.41 ? 67   ASP A CG  1 
ATOM   472  O  OD1 . ASP A 1 67  ? -5.817  -11.174 14.539  1.00 23.70 ? 67   ASP A OD1 1 
ATOM   473  O  OD2 . ASP A 1 67  ? -3.724  -11.261 15.090  1.00 22.85 ? 67   ASP A OD2 1 
ATOM   474  N  N   . ALA A 1 68  ? -5.189  -5.957  15.060  1.00 19.23 ? 68   ALA A N   1 
ATOM   475  C  CA  . ALA A 1 68  ? -5.239  -4.668  15.710  1.00 19.49 ? 68   ALA A CA  1 
ATOM   476  C  C   . ALA A 1 68  ? -6.357  -3.751  15.173  1.00 20.24 ? 68   ALA A C   1 
ATOM   477  O  O   . ALA A 1 68  ? -6.599  -2.684  15.761  1.00 21.53 ? 68   ALA A O   1 
ATOM   478  C  CB  . ALA A 1 68  ? -3.928  -3.991  15.500  1.00 19.79 ? 68   ALA A CB  1 
ATOM   479  N  N   . ALA A 1 69  ? -7.047  -4.157  14.091  1.00 19.82 ? 69   ALA A N   1 
ATOM   480  C  CA  . ALA A 1 69  ? -8.072  -3.327  13.430  1.00 18.48 ? 69   ALA A CA  1 
ATOM   481  C  C   . ALA A 1 69  ? -7.522  -1.977  12.956  1.00 18.33 ? 69   ALA A C   1 
ATOM   482  O  O   . ALA A 1 69  ? -8.218  -0.963  13.118  1.00 18.37 ? 69   ALA A O   1 
ATOM   483  C  CB  . ALA A 1 69  ? -9.289  -3.102  14.358  1.00 19.28 ? 69   ALA A CB  1 
ATOM   484  N  N   . GLU A 1 70  ? -6.302  -1.976  12.361  1.00 17.20 ? 70   GLU A N   1 
ATOM   485  C  CA  . GLU A 1 70  ? -5.639  -0.791  11.806  1.00 16.88 ? 70   GLU A CA  1 
ATOM   486  C  C   . GLU A 1 70  ? -5.778  -0.776  10.268  1.00 17.98 ? 70   GLU A C   1 
ATOM   487  O  O   . GLU A 1 70  ? -5.801  -1.834  9.678   1.00 20.17 ? 70   GLU A O   1 
ATOM   488  C  CB  . GLU A 1 70  ? -4.148  -0.773  12.121  1.00 16.50 ? 70   GLU A CB  1 
ATOM   489  C  CG  . GLU A 1 70  ? -3.852  -0.576  13.607  1.00 15.60 ? 70   GLU A CG  1 
ATOM   490  C  CD  . GLU A 1 70  ? -2.429  -0.968  14.027  1.00 20.06 ? 70   GLU A CD  1 
ATOM   491  O  OE1 . GLU A 1 70  ? -1.620  -1.563  13.232  1.00 20.18 ? 70   GLU A OE1 1 
ATOM   492  O  OE2 . GLU A 1 70  ? -2.120  -0.685  15.210  1.00 22.44 ? 70   GLU A OE2 1 
ATOM   493  N  N   . PRO A 1 71  ? -5.973  0.385   9.672   1.00 16.36 ? 71   PRO A N   1 
ATOM   494  C  CA  . PRO A 1 71  ? -6.031  0.501   8.237   1.00 16.08 ? 71   PRO A CA  1 
ATOM   495  C  C   . PRO A 1 71  ? -4.680  0.185   7.583   1.00 14.83 ? 71   PRO A C   1 
ATOM   496  O  O   . PRO A 1 71  ? -3.630  0.311   8.221   1.00 13.60 ? 71   PRO A O   1 
ATOM   497  C  CB  . PRO A 1 71  ? -6.424  1.944   7.979   1.00 15.62 ? 71   PRO A CB  1 
ATOM   498  C  CG  . PRO A 1 71  ? -6.246  2.689   9.268   1.00 18.61 ? 71   PRO A CG  1 
ATOM   499  C  CD  . PRO A 1 71  ? -6.183  1.664   10.377  1.00 17.75 ? 71   PRO A CD  1 
ATOM   500  N  N   . VAL A 1 72  ? -4.743  -0.220  6.315   1.00 12.39 ? 72   VAL A N   1 
ATOM   501  C  CA  . VAL A 1 72  ? -3.563  -0.567  5.511   1.00 13.03 ? 72   VAL A CA  1 
ATOM   502  C  C   . VAL A 1 72  ? -3.568  0.142   4.165   1.00 13.46 ? 72   VAL A C   1 
ATOM   503  O  O   . VAL A 1 72  ? -4.587  0.192   3.554   1.00 12.36 ? 72   VAL A O   1 
ATOM   504  C  CB  . VAL A 1 72  ? -3.587  -2.076  5.198   1.00 12.47 ? 72   VAL A CB  1 
ATOM   505  C  CG1 . VAL A 1 72  ? -2.470  -2.440  4.273   1.00 10.45 ? 72   VAL A CG1 1 
ATOM   506  C  CG2 . VAL A 1 72  ? -3.376  -2.832  6.476   1.00 14.60 ? 72   VAL A CG2 1 
ATOM   507  N  N   . ILE A 1 73  ? -2.451  0.745   3.746   1.00 13.75 ? 73   ILE A N   1 
ATOM   508  C  CA  . ILE A 1 73  ? -2.268  1.292   2.396   1.00 13.38 ? 73   ILE A CA  1 
ATOM   509  C  C   . ILE A 1 73  ? -1.233  0.294   1.813   1.00 13.62 ? 73   ILE A C   1 
ATOM   510  O  O   . ILE A 1 73  ? -0.113  0.161   2.375   1.00 14.40 ? 73   ILE A O   1 
ATOM   511  C  CB  . ILE A 1 73  ? -1.642  2.650   2.452   1.00 12.93 ? 73   ILE A CB  1 
ATOM   512  C  CG1 . ILE A 1 73  ? -2.581  3.663   3.076   1.00 13.45 ? 73   ILE A CG1 1 
ATOM   513  C  CG2 . ILE A 1 73  ? -1.231  3.033   1.130   1.00 14.98 ? 73   ILE A CG2 1 
ATOM   514  C  CD1 . ILE A 1 73  ? -2.006  5.009   3.368   1.00 14.23 ? 73   ILE A CD1 1 
ATOM   515  N  N   . LEU A 1 74  ? -1.607  -0.409  0.758   1.00 12.63 ? 74   LEU A N   1 
ATOM   516  C  CA  . LEU A 1 74  ? -0.862  -1.556  0.290   1.00 14.00 ? 74   LEU A CA  1 
ATOM   517  C  C   . LEU A 1 74  ? -0.499  -1.390  -1.176  1.00 14.33 ? 74   LEU A C   1 
ATOM   518  O  O   . LEU A 1 74  ? -1.403  -1.258  -2.050  1.00 14.13 ? 74   LEU A O   1 
ATOM   519  C  CB  . LEU A 1 74  ? -1.692  -2.830  0.447   1.00 12.91 ? 74   LEU A CB  1 
ATOM   520  C  CG  . LEU A 1 74  ? -1.048  -4.105  -0.123  1.00 14.36 ? 74   LEU A CG  1 
ATOM   521  C  CD1 . LEU A 1 74  ? 0.352   -4.463  0.514   1.00 11.41 ? 74   LEU A CD1 1 
ATOM   522  C  CD2 . LEU A 1 74  ? -2.029  -5.220  0.007   1.00 16.52 ? 74   LEU A CD2 1 
ATOM   523  N  N   . ASN A 1 75  ? 0.812   -1.439  -1.445  1.00 12.92 ? 75   ASN A N   1 
ATOM   524  C  CA  . ASN A 1 75  ? 1.333   -1.538  -2.823  1.00 12.79 ? 75   ASN A CA  1 
ATOM   525  C  C   . ASN A 1 75  ? 2.003   -2.866  -2.907  1.00 11.75 ? 75   ASN A C   1 
ATOM   526  O  O   . ASN A 1 75  ? 3.145   -2.997  -2.435  1.00 12.37 ? 75   ASN A O   1 
ATOM   527  C  CB  . ASN A 1 75  ? 2.346   -0.447  -3.170  1.00 11.81 ? 75   ASN A CB  1 
ATOM   528  C  CG  . ASN A 1 75  ? 2.782   -0.519  -4.577  1.00 13.09 ? 75   ASN A CG  1 
ATOM   529  O  OD1 . ASN A 1 75  ? 2.601   -1.590  -5.269  1.00 11.28 ? 75   ASN A OD1 1 
ATOM   530  N  ND2 . ASN A 1 75  ? 3.322   0.582   -5.072  1.00 10.42 ? 75   ASN A ND2 1 
ATOM   531  N  N   . ALA A 1 76  ? 1.276   -3.875  -3.403  1.00 11.05 ? 76   ALA A N   1 
ATOM   532  C  CA  . ALA A 1 76  ? 1.786   -5.252  -3.393  1.00 12.07 ? 76   ALA A CA  1 
ATOM   533  C  C   . ALA A 1 76  ? 2.777   -5.616  -4.512  1.00 12.88 ? 76   ALA A C   1 
ATOM   534  O  O   . ALA A 1 76  ? 3.249   -6.773  -4.628  1.00 12.67 ? 76   ALA A O   1 
ATOM   535  C  CB  . ALA A 1 76  ? 0.647   -6.189  -3.443  1.00 11.22 ? 76   ALA A CB  1 
ATOM   536  N  N   . GLY A 1 77  ? 3.044   -4.669  -5.388  1.00 12.99 ? 77   GLY A N   1 
ATOM   537  C  CA  . GLY A 1 77  ? 3.907   -4.906  -6.545  1.00 13.24 ? 77   GLY A CA  1 
ATOM   538  C  C   . GLY A 1 77  ? 3.332   -5.977  -7.465  1.00 14.21 ? 77   GLY A C   1 
ATOM   539  O  O   . GLY A 1 77  ? 2.126   -6.054  -7.719  1.00 14.46 ? 77   GLY A O   1 
ATOM   540  N  N   . GLY A 1 78  ? 4.171   -6.909  -7.896  1.00 14.62 ? 78   GLY A N   1 
ATOM   541  C  CA  . GLY A 1 78  ? 3.707   -7.951  -8.766  1.00 15.14 ? 78   GLY A CA  1 
ATOM   542  C  C   . GLY A 1 78  ? 2.666   -8.910  -8.216  1.00 14.91 ? 78   GLY A C   1 
ATOM   543  O  O   . GLY A 1 78  ? 1.907   -9.467  -9.009  1.00 16.99 ? 78   GLY A O   1 
ATOM   544  N  N   . LEU A 1 79  ? 2.679   -9.128  -6.906  1.00 13.00 ? 79   LEU A N   1 
ATOM   545  C  CA  . LEU A 1 79  ? 1.773   -9.954  -6.198  1.00 13.07 ? 79   LEU A CA  1 
ATOM   546  C  C   . LEU A 1 79  ? 0.326   -9.529  -6.359  1.00 12.67 ? 79   LEU A C   1 
ATOM   547  O  O   . LEU A 1 79  ? -0.606  -10.326 -6.172  1.00 13.01 ? 79   LEU A O   1 
ATOM   548  C  CB  . LEU A 1 79  ? 2.207   -9.976  -4.727  1.00 13.48 ? 79   LEU A CB  1 
ATOM   549  C  CG  . LEU A 1 79  ? 3.521   -10.635 -4.381  1.00 12.35 ? 79   LEU A CG  1 
ATOM   550  C  CD1 . LEU A 1 79  ? 3.718   -10.714 -2.896  1.00 15.50 ? 79   LEU A CD1 1 
ATOM   551  C  CD2 . LEU A 1 79  ? 3.673   -11.941 -4.974  1.00 15.84 ? 79   LEU A CD2 1 
ATOM   552  N  N   . THR A 1 80  ? 0.126   -8.239  -6.681  1.00 13.17 ? 80   THR A N   1 
ATOM   553  C  CA  . THR A 1 80  ? -1.196  -7.698  -7.056  1.00 12.93 ? 80   THR A CA  1 
ATOM   554  C  C   . THR A 1 80  ? -2.001  -8.584  -8.022  1.00 11.98 ? 80   THR A C   1 
ATOM   555  O  O   . THR A 1 80  ? -3.225  -8.814  -7.878  1.00 12.22 ? 80   THR A O   1 
ATOM   556  C  CB  . THR A 1 80  ? -0.983  -6.336  -7.686  1.00 12.48 ? 80   THR A CB  1 
ATOM   557  O  OG1 . THR A 1 80  ? -0.389  -5.476  -6.737  1.00 13.89 ? 80   THR A OG1 1 
ATOM   558  C  CG2 . THR A 1 80  ? -2.286  -5.672  -8.075  1.00 15.74 ? 80   THR A CG2 1 
ATOM   559  N  N   . HIS A 1 81  ? -1.291  -9.073  -9.006  1.00 12.00 ? 81   HIS A N   1 
ATOM   560  C  CA  . HIS A 1 81  ? -1.846  -9.757  -10.155 1.00 11.43 ? 81   HIS A CA  1 
ATOM   561  C  C   . HIS A 1 81  ? -1.806  -11.290 -10.023 1.00 12.25 ? 81   HIS A C   1 
ATOM   562  O  O   . HIS A 1 81  ? -2.382  -11.950 -10.875 1.00 14.72 ? 81   HIS A O   1 
ATOM   563  C  CB  . HIS A 1 81  ? -1.066  -9.391  -11.411 1.00 11.25 ? 81   HIS A CB  1 
ATOM   564  C  CG  . HIS A 1 81  ? -0.748  -7.952  -11.504 1.00 11.72 ? 81   HIS A CG  1 
ATOM   565  N  ND1 . HIS A 1 81  ? -1.723  -6.994  -11.486 1.00 14.44 ? 81   HIS A ND1 1 
ATOM   566  C  CD2 . HIS A 1 81  ? 0.433   -7.291  -11.620 1.00 13.44 ? 81   HIS A CD2 1 
ATOM   567  C  CE1 . HIS A 1 81  ? -1.160  -5.797  -11.601 1.00 14.61 ? 81   HIS A CE1 1 
ATOM   568  N  NE2 . HIS A 1 81  ? 0.144   -5.948  -11.658 1.00 17.18 ? 81   HIS A NE2 1 
ATOM   569  N  N   . THR A 1 82  ? -1.098  -11.827 -9.042  1.00 10.88 ? 82   THR A N   1 
ATOM   570  C  CA  . THR A 1 82  ? -0.843  -13.252 -8.884  1.00 13.16 ? 82   THR A CA  1 
ATOM   571  C  C   . THR A 1 82  ? -1.232  -13.947 -7.596  1.00 14.63 ? 82   THR A C   1 
ATOM   572  O  O   . THR A 1 82  ? -1.439  -15.149 -7.615  1.00 14.54 ? 82   THR A O   1 
ATOM   573  C  CB  . THR A 1 82  ? 0.688   -13.525 -9.000  1.00 13.73 ? 82   THR A CB  1 
ATOM   574  O  OG1 . THR A 1 82  ? 1.363   -12.825 -7.981  1.00 12.38 ? 82   THR A OG1 1 
ATOM   575  C  CG2 . THR A 1 82  ? 1.193   -12.960 -10.219 1.00 11.66 ? 82   THR A CG2 1 
ATOM   576  N  N   . SER A 1 83  ? -1.208  -13.241 -6.455  1.00 15.10 ? 83   SER A N   1 
ATOM   577  C  CA  . SER A 1 83  ? -1.446  -13.860 -5.145  1.00 13.72 ? 83   SER A CA  1 
ATOM   578  C  C   . SER A 1 83  ? -2.896  -13.930 -4.643  1.00 13.66 ? 83   SER A C   1 
ATOM   579  O  O   . SER A 1 83  ? -3.452  -12.922 -4.210  1.00 15.16 ? 83   SER A O   1 
ATOM   580  C  CB  . SER A 1 83  ? -0.635  -13.166 -4.078  1.00 14.00 ? 83   SER A CB  1 
ATOM   581  O  OG  . SER A 1 83  ? -0.617  -13.922 -2.846  1.00 16.60 ? 83   SER A OG  1 
ATOM   582  N  N   . VAL A 1 84  ? -3.440  -15.119 -4.577  1.00 11.94 ? 84   VAL A N   1 
ATOM   583  C  CA  . VAL A 1 84  ? -4.742  -15.319 -3.870  1.00 13.16 ? 84   VAL A CA  1 
ATOM   584  C  C   . VAL A 1 84  ? -4.528  -15.365 -2.383  1.00 11.92 ? 84   VAL A C   1 
ATOM   585  O  O   . VAL A 1 84  ? -5.350  -14.841 -1.598  1.00 10.17 ? 84   VAL A O   1 
ATOM   586  C  CB  . VAL A 1 84  ? -5.477  -16.580 -4.358  1.00 13.33 ? 84   VAL A CB  1 
ATOM   587  C  CG1 . VAL A 1 84  ? -6.695  -16.865 -3.461  1.00 14.14 ? 84   VAL A CG1 1 
ATOM   588  C  CG2 . VAL A 1 84  ? -5.737  -16.398 -5.812  1.00 13.15 ? 84   VAL A CG2 1 
ATOM   589  N  N   . ALA A 1 85  ? -3.400  -15.883 -1.956  1.00 10.61 ? 85   ALA A N   1 
ATOM   590  C  CA  . ALA A 1 85  ? -3.080  -15.826 -0.522  1.00 10.89 ? 85   ALA A CA  1 
ATOM   591  C  C   . ALA A 1 85  ? -3.065  -14.412 0.107   1.00 11.15 ? 85   ALA A C   1 
ATOM   592  O  O   . ALA A 1 85  ? -3.623  -14.203 1.169   1.00 10.88 ? 85   ALA A O   1 
ATOM   593  C  CB  . ALA A 1 85  ? -1.792  -16.563 -0.237  1.00 11.68 ? 85   ALA A CB  1 
ATOM   594  N  N   . LEU A 1 86  ? -2.536  -13.438 -0.635  1.00 10.99 ? 86   LEU A N   1 
ATOM   595  C  CA  . LEU A 1 86  ? -2.475  -12.073 -0.188  1.00 11.32 ? 86   LEU A CA  1 
ATOM   596  C  C   . LEU A 1 86  ? -3.842  -11.528 -0.139  1.00 11.99 ? 86   LEU A C   1 
ATOM   597  O  O   . LEU A 1 86  ? -4.260  -10.873 0.844   1.00 10.53 ? 86   LEU A O   1 
ATOM   598  C  CB  . LEU A 1 86  ? -1.549  -11.254 -1.075  1.00 11.03 ? 86   LEU A CB  1 
ATOM   599  C  CG  . LEU A 1 86  ? -1.313  -9.810  -0.599  1.00 15.48 ? 86   LEU A CG  1 
ATOM   600  C  CD1 . LEU A 1 86  ? -0.642  -9.655  0.787   1.00 17.59 ? 86   LEU A CD1 1 
ATOM   601  C  CD2 . LEU A 1 86  ? -0.467  -9.091  -1.609  1.00 16.44 ? 86   LEU A CD2 1 
ATOM   602  N  N   . ARG A 1 87  ? -4.607  -11.775 -1.204  1.00 13.48 ? 87   ARG A N   1 
ATOM   603  C  CA  . ARG A 1 87  ? -6.018  -11.389 -1.173  1.00 12.19 ? 87   ARG A CA  1 
ATOM   604  C  C   . ARG A 1 87  ? -6.787  -11.912 0.040   1.00 13.17 ? 87   ARG A C   1 
ATOM   605  O  O   . ARG A 1 87  ? -7.540  -11.212 0.704   1.00 13.98 ? 87   ARG A O   1 
ATOM   606  C  CB  . ARG A 1 87  ? -6.679  -11.871 -2.445  1.00 12.92 ? 87   ARG A CB  1 
ATOM   607  C  CG  . ARG A 1 87  ? -8.168  -11.561 -2.499  1.00 15.10 ? 87   ARG A CG  1 
ATOM   608  C  CD  . ARG A 1 87  ? -8.845  -12.333 -3.548  1.00 16.41 ? 87   ARG A CD  1 
ATOM   609  N  NE  . ARG A 1 87  ? -10.298 -12.207 -3.640  1.00 15.13 ? 87   ARG A NE  1 
ATOM   610  C  CZ  . ARG A 1 87  ? -10.965 -11.613 -4.644  1.00 17.06 ? 87   ARG A CZ  1 
ATOM   611  N  NH1 . ARG A 1 87  ? -10.344 -10.934 -5.601  1.00 15.10 ? 87   ARG A NH1 1 
ATOM   612  N  NH2 . ARG A 1 87  ? -12.277 -11.638 -4.658  1.00 19.09 ? 87   ARG A NH2 1 
ATOM   613  N  N   . ASP A 1 88  ? -6.643  -13.169 0.361   1.00 14.14 ? 88   ASP A N   1 
ATOM   614  C  CA  . ASP A 1 88  ? -7.428  -13.732 1.450   1.00 16.01 ? 88   ASP A CA  1 
ATOM   615  C  C   . ASP A 1 88  ? -7.033  -13.104 2.788   1.00 15.56 ? 88   ASP A C   1 
ATOM   616  O  O   . ASP A 1 88  ? -7.881  -12.863 3.652   1.00 12.47 ? 88   ASP A O   1 
ATOM   617  C  CB  . ASP A 1 88  ? -7.244  -15.256 1.526   1.00 16.35 ? 88   ASP A CB  1 
ATOM   618  C  CG  . ASP A 1 88  ? -7.942  -15.975 0.358   1.00 20.01 ? 88   ASP A CG  1 
ATOM   619  O  OD1 . ASP A 1 88  ? -8.793  -15.385 -0.344  1.00 24.91 ? 88   ASP A OD1 1 
ATOM   620  O  OD2 . ASP A 1 88  ? -7.684  -17.134 0.126   1.00 24.13 ? 88   ASP A OD2 1 
ATOM   621  N  N   . ALA A 1 89  ? -5.774  -12.780 2.969   1.00 14.89 ? 89   ALA A N   1 
ATOM   622  C  CA  . ALA A 1 89  ? -5.400  -12.163 4.269   1.00 14.27 ? 89   ALA A CA  1 
ATOM   623  C  C   . ALA A 1 89  ? -5.950  -10.720 4.373   1.00 15.48 ? 89   ALA A C   1 
ATOM   624  O  O   . ALA A 1 89  ? -6.325  -10.269 5.431   1.00 15.01 ? 89   ALA A O   1 
ATOM   625  C  CB  . ALA A 1 89  ? -3.888  -12.143 4.457   1.00 14.23 ? 89   ALA A CB  1 
ATOM   626  N  N   . CYS A 1 90  ? -5.930  -9.992  3.262   1.00 15.47 ? 90   CYS A N   1 
ATOM   627  C  CA  . CYS A 1 90  ? -6.409  -8.640  3.200   1.00 15.25 ? 90   CYS A CA  1 
ATOM   628  C  C   . CYS A 1 90  ? -7.915  -8.656  3.383   1.00 16.58 ? 90   CYS A C   1 
ATOM   629  O  O   . CYS A 1 90  ? -8.436  -7.787  3.983   1.00 15.71 ? 90   CYS A O   1 
ATOM   630  C  CB  . CYS A 1 90  ? -6.090  -7.986  1.894   1.00 15.69 ? 90   CYS A CB  1 
ATOM   631  S  SG  . CYS A 1 90  ? -4.394  -7.523  1.559   1.00 15.83 ? 90   CYS A SG  1 
ATOM   632  N  N   . ALA A 1 91  ? -8.606  -9.683  2.928   1.00 17.96 ? 91   ALA A N   1 
ATOM   633  C  CA  . ALA A 1 91  ? -10.068 -9.787  3.147   1.00 19.22 ? 91   ALA A CA  1 
ATOM   634  C  C   . ALA A 1 91  ? -10.502 -9.838  4.636   1.00 20.29 ? 91   ALA A C   1 
ATOM   635  O  O   . ALA A 1 91  ? -11.632 -9.581  4.952   1.00 20.47 ? 91   ALA A O   1 
ATOM   636  C  CB  . ALA A 1 91  ? -10.634 -10.985 2.436   1.00 19.08 ? 91   ALA A CB  1 
ATOM   637  N  N   . GLU A 1 92  ? -9.598  -10.155 5.546   1.00 20.84 ? 92   GLU A N   1 
ATOM   638  C  CA  . GLU A 1 92  ? -9.920  -10.181 6.963   1.00 20.77 ? 92   GLU A CA  1 
ATOM   639  C  C   . GLU A 1 92  ? -9.852  -8.769  7.588   1.00 20.46 ? 92   GLU A C   1 
ATOM   640  O  O   . GLU A 1 92  ? -10.352 -8.560  8.661   1.00 19.77 ? 92   GLU A O   1 
ATOM   641  C  CB  . GLU A 1 92  ? -8.886  -10.963 7.676   1.00 21.32 ? 92   GLU A CB  1 
ATOM   642  C  CG  . GLU A 1 92  ? -8.938  -12.464 7.854   1.00 27.52 ? 92   GLU A CG  1 
ATOM   643  C  CD  . GLU A 1 92  ? -7.958  -12.778 9.016   1.00 33.06 ? 92   GLU A CD  1 
ATOM   644  O  OE1 . GLU A 1 92  ? -8.378  -12.624 10.199  1.00 40.17 ? 92   GLU A OE1 1 
ATOM   645  O  OE2 . GLU A 1 92  ? -6.734  -13.011 8.792   1.00 33.73 ? 92   GLU A OE2 1 
ATOM   646  N  N   . LEU A 1 93  ? -9.170  -7.816  6.963   1.00 19.06 ? 93   LEU A N   1 
ATOM   647  C  CA  . LEU A 1 93  ? -9.066  -6.504  7.556   1.00 19.26 ? 93   LEU A CA  1 
ATOM   648  C  C   . LEU A 1 93  ? -10.478 -5.904  7.741   1.00 20.98 ? 93   LEU A C   1 
ATOM   649  O  O   . LEU A 1 93  ? -11.343 -5.974  6.836   1.00 22.62 ? 93   LEU A O   1 
ATOM   650  C  CB  . LEU A 1 93  ? -8.228  -5.590  6.682   1.00 17.56 ? 93   LEU A CB  1 
ATOM   651  C  CG  . LEU A 1 93  ? -6.800  -6.068  6.408   1.00 16.52 ? 93   LEU A CG  1 
ATOM   652  C  CD1 . LEU A 1 93  ? -6.160  -5.198  5.192   1.00 16.25 ? 93   LEU A CD1 1 
ATOM   653  C  CD2 . LEU A 1 93  ? -5.985  -5.852  7.656   1.00 10.01 ? 93   LEU A CD2 1 
ATOM   654  N  N   . SER A 1 94  ? -10.738 -5.375  8.911   1.00 20.78 ? 94   SER A N   1 
ATOM   655  C  CA  . SER A 1 94  ? -12.026 -4.738  9.227   1.00 20.33 ? 94   SER A CA  1 
ATOM   656  C  C   . SER A 1 94  ? -11.942 -3.204  9.011   1.00 20.14 ? 94   SER A C   1 
ATOM   657  O  O   . SER A 1 94  ? -12.915 -2.605  8.706   1.00 21.67 ? 94   SER A O   1 
ATOM   658  C  CB  . SER A 1 94  ? -12.455 -5.083  10.658  1.00 19.78 ? 94   SER A CB  1 
ATOM   659  O  OG  . SER A 1 94  ? -11.537 -4.578  11.614  1.00 20.16 ? 94   SER A OG  1 
ATOM   660  N  N   . ALA A 1 95  ? -10.769 -2.597  9.181   1.00 19.53 ? 95   ALA A N   1 
ATOM   661  C  CA  . ALA A 1 95  ? -10.486 -1.202  8.788   1.00 17.87 ? 95   ALA A CA  1 
ATOM   662  C  C   . ALA A 1 95  ? -10.180 -1.048  7.270   1.00 17.45 ? 95   ALA A C   1 
ATOM   663  O  O   . ALA A 1 95  ? -9.929  -2.002  6.571   1.00 18.47 ? 95   ALA A O   1 
ATOM   664  C  CB  . ALA A 1 95  ? -9.305  -0.711  9.574   1.00 18.10 ? 95   ALA A CB  1 
ATOM   665  N  N   . PRO A 1 96  ? -10.188 0.172   6.744   1.00 17.68 ? 96   PRO A N   1 
ATOM   666  C  CA  . PRO A 1 96  ? -10.035 0.339   5.319   1.00 16.77 ? 96   PRO A CA  1 
ATOM   667  C  C   . PRO A 1 96  ? -8.732  -0.148  4.786   1.00 16.08 ? 96   PRO A C   1 
ATOM   668  O  O   . PRO A 1 96  ? -7.731  -0.158  5.484   1.00 15.24 ? 96   PRO A O   1 
ATOM   669  C  CB  . PRO A 1 96  ? -10.176 1.833   5.136   1.00 17.88 ? 96   PRO A CB  1 
ATOM   670  C  CG  . PRO A 1 96  ? -10.989 2.311   6.340   1.00 18.30 ? 96   PRO A CG  1 
ATOM   671  C  CD  . PRO A 1 96  ? -10.470 1.471   7.417   1.00 18.55 ? 96   PRO A CD  1 
ATOM   672  N  N   . LEU A 1 97  ? -8.791  -0.615  3.534   1.00 14.96 ? 97   LEU A N   1 
ATOM   673  C  CA  . LEU A 1 97  ? -7.629  -1.001  2.757   1.00 15.25 ? 97   LEU A CA  1 
ATOM   674  C  C   . LEU A 1 97  ? -7.589  -0.197  1.489   1.00 13.44 ? 97   LEU A C   1 
ATOM   675  O  O   . LEU A 1 97  ? -8.525  -0.223  0.683   1.00 13.53 ? 97   LEU A O   1 
ATOM   676  C  CB  . LEU A 1 97  ? -7.710  -2.495  2.394   1.00 14.20 ? 97   LEU A CB  1 
ATOM   677  C  CG  . LEU A 1 97  ? -6.715  -3.050  1.398   1.00 16.20 ? 97   LEU A CG  1 
ATOM   678  C  CD1 . LEU A 1 97  ? -5.284  -3.272  1.941   1.00 18.08 ? 97   LEU A CD1 1 
ATOM   679  C  CD2 . LEU A 1 97  ? -7.242  -4.492  1.114   1.00 16.41 ? 97   LEU A CD2 1 
ATOM   680  N  N   . ILE A 1 98  ? -6.484  0.516   1.271   1.00 14.21 ? 98   ILE A N   1 
ATOM   681  C  CA  . ILE A 1 98  ? -6.368  1.317   0.055   1.00 13.82 ? 98   ILE A CA  1 
ATOM   682  C  C   . ILE A 1 98  ? -5.217  0.708   -0.757  1.00 13.41 ? 98   ILE A C   1 
ATOM   683  O  O   . ILE A 1 98  ? -4.076  0.594   -0.277  1.00 16.22 ? 98   ILE A O   1 
ATOM   684  C  CB  . ILE A 1 98  ? -6.079  2.793   0.363   1.00 13.85 ? 98   ILE A CB  1 
ATOM   685  C  CG1 . ILE A 1 98  ? -6.971  3.381   1.466   1.00 19.41 ? 98   ILE A CG1 1 
ATOM   686  C  CG2 . ILE A 1 98  ? -6.109  3.608   -0.955  1.00 14.74 ? 98   ILE A CG2 1 
ATOM   687  C  CD1 . ILE A 1 98  ? -8.382  3.350   1.087   1.00 20.86 ? 98   ILE A CD1 1 
ATOM   688  N  N   . GLU A 1 99  ? -5.534  0.231   -1.947  1.00 13.44 ? 99   GLU A N   1 
ATOM   689  C  CA  . GLU A 1 99  ? -4.573  -0.325  -2.899  1.00 11.18 ? 99   GLU A CA  1 
ATOM   690  C  C   . GLU A 1 99  ? -3.913  0.802   -3.662  1.00 12.09 ? 99   GLU A C   1 
ATOM   691  O  O   . GLU A 1 99  ? -4.564  1.682   -4.215  1.00 9.68  ? 99   GLU A O   1 
ATOM   692  C  CB  . GLU A 1 99  ? -5.329  -1.314  -3.846  1.00 14.26 ? 99   GLU A CB  1 
ATOM   693  C  CG  . GLU A 1 99  ? -4.491  -1.909  -4.949  1.00 15.31 ? 99   GLU A CG  1 
ATOM   694  C  CD  . GLU A 1 99  ? -5.253  -2.831  -5.880  1.00 19.27 ? 99   GLU A CD  1 
ATOM   695  O  OE1 . GLU A 1 99  ? -6.469  -3.046  -5.682  1.00 17.83 ? 99   GLU A OE1 1 
ATOM   696  O  OE2 . GLU A 1 99  ? -4.637  -3.278  -6.834  1.00 17.05 ? 99   GLU A OE2 1 
ATOM   697  N  N   . VAL A 1 100 ? -2.594  0.885   -3.567  1.00 12.36 ? 100  VAL A N   1 
ATOM   698  C  CA  . VAL A 1 100 ? -1.846  1.884   -4.273  1.00 13.33 ? 100  VAL A CA  1 
ATOM   699  C  C   . VAL A 1 100 ? -0.934  1.281   -5.326  1.00 11.88 ? 100  VAL A C   1 
ATOM   700  O  O   . VAL A 1 100 ? -0.196  0.355   -5.056  1.00 13.48 ? 100  VAL A O   1 
ATOM   701  C  CB  . VAL A 1 100 ? -0.997  2.790   -3.350  1.00 12.57 ? 100  VAL A CB  1 
ATOM   702  C  CG1 . VAL A 1 100 ? -0.030  3.716   -4.202  1.00 16.40 ? 100  VAL A CG1 1 
ATOM   703  C  CG2 . VAL A 1 100 ? -1.881  3.715   -2.562  1.00 14.73 ? 100  VAL A CG2 1 
ATOM   704  N  N   . HIS A 1 101 ? -0.902  1.915   -6.481  1.00 12.55 ? 101  HIS A N   1 
ATOM   705  C  CA  . HIS A 1 101 ? 0.131   1.657   -7.519  1.00 12.52 ? 101  HIS A CA  1 
ATOM   706  C  C   . HIS A 1 101 ? 0.781   2.972   -8.009  1.00 12.80 ? 101  HIS A C   1 
ATOM   707  O  O   . HIS A 1 101 ? 0.084   3.911   -8.389  1.00 13.53 ? 101  HIS A O   1 
ATOM   708  C  CB  . HIS A 1 101 ? -0.461  0.893   -8.661  1.00 12.38 ? 101  HIS A CB  1 
ATOM   709  C  CG  . HIS A 1 101 ? -1.090  -0.400  -8.264  1.00 15.43 ? 101  HIS A CG  1 
ATOM   710  N  ND1 . HIS A 1 101 ? -0.372  -1.549  -8.046  1.00 21.41 ? 101  HIS A ND1 1 
ATOM   711  C  CD2 . HIS A 1 101 ? -2.389  -0.722  -8.032  1.00 18.85 ? 101  HIS A CD2 1 
ATOM   712  C  CE1 . HIS A 1 101 ? -1.193  -2.517  -7.693  1.00 20.34 ? 101  HIS A CE1 1 
ATOM   713  N  NE2 . HIS A 1 101 ? -2.423  -2.036  -7.655  1.00 16.54 ? 101  HIS A NE2 1 
ATOM   714  N  N   . ILE A 1 102 ? 2.104   3.025   -8.065  1.00 13.10 ? 102  ILE A N   1 
ATOM   715  C  CA  . ILE A 1 102 ? 2.805   4.253   -8.441  1.00 13.16 ? 102  ILE A CA  1 
ATOM   716  C  C   . ILE A 1 102 ? 2.601   4.524   -9.953  1.00 13.66 ? 102  ILE A C   1 
ATOM   717  O  O   . ILE A 1 102 ? 2.311   5.675   -10.386 1.00 13.42 ? 102  ILE A O   1 
ATOM   718  C  CB  . ILE A 1 102 ? 4.349   4.057   -8.095  1.00 13.59 ? 102  ILE A CB  1 
ATOM   719  C  CG1 . ILE A 1 102 ? 4.554   4.035   -6.579  1.00 11.27 ? 102  ILE A CG1 1 
ATOM   720  C  CG2 . ILE A 1 102 ? 5.321   5.129   -8.697  1.00 12.95 ? 102  ILE A CG2 1 
ATOM   721  C  CD1 . ILE A 1 102 ? 5.865   3.502   -6.170  1.00 15.50 ? 102  ILE A CD1 1 
ATOM   722  N  N   . SER A 1 103 ? 2.793   3.486   -10.799 1.00 12.48 ? 103  SER A N   1 
ATOM   723  C  CA  . SER A 1 103 ? 2.580   3.624   -12.218 1.00 11.88 ? 103  SER A CA  1 
ATOM   724  C  C   . SER A 1 103 ? 1.113   3.425   -12.613 1.00 12.23 ? 103  SER A C   1 
ATOM   725  O  O   . SER A 1 103 ? 0.271   2.882   -11.853 1.00 8.45  ? 103  SER A O   1 
ATOM   726  C  CB  . SER A 1 103 ? 3.473   2.614   -12.988 1.00 13.53 ? 103  SER A CB  1 
ATOM   727  O  OG  . SER A 1 103 ? 2.930   1.290   -12.937 1.00 14.69 ? 103  SER A OG  1 
ATOM   728  N  N   . ASN A 1 104 ? 0.761   3.874   -13.819 1.00 11.97 ? 104  ASN A N   1 
ATOM   729  C  CA  . ASN A 1 104 ? -0.540  3.543   -14.318 1.00 13.70 ? 104  ASN A CA  1 
ATOM   730  C  C   . ASN A 1 104 ? -0.577  2.118   -14.883 1.00 14.07 ? 104  ASN A C   1 
ATOM   731  O  O   . ASN A 1 104 ? -0.223  1.937   -16.027 1.00 14.74 ? 104  ASN A O   1 
ATOM   732  C  CB  . ASN A 1 104 ? -0.971  4.544   -15.392 1.00 13.84 ? 104  ASN A CB  1 
ATOM   733  C  CG  . ASN A 1 104 ? -2.406  4.362   -15.817 1.00 14.28 ? 104  ASN A CG  1 
ATOM   734  O  OD1 . ASN A 1 104 ? -3.063  3.329   -15.557 1.00 15.72 ? 104  ASN A OD1 1 
ATOM   735  N  ND2 . ASN A 1 104 ? -2.906  5.370   -16.527 1.00 16.84 ? 104  ASN A ND2 1 
ATOM   736  N  N   . VAL A 1 105 ? -1.026  1.143   -14.121 1.00 15.48 ? 105  VAL A N   1 
ATOM   737  C  CA  . VAL A 1 105 ? -1.071  -0.275  -14.535 1.00 15.62 ? 105  VAL A CA  1 
ATOM   738  C  C   . VAL A 1 105 ? -1.970  -0.524  -15.754 1.00 16.95 ? 105  VAL A C   1 
ATOM   739  O  O   . VAL A 1 105 ? -1.968  -1.606  -16.308 1.00 18.01 ? 105  VAL A O   1 
ATOM   740  C  CB  . VAL A 1 105 ? -1.566  -1.158  -13.359 1.00 17.28 ? 105  VAL A CB  1 
ATOM   741  C  CG1 . VAL A 1 105 ? -0.563  -1.142  -12.184 1.00 17.24 ? 105  VAL A CG1 1 
ATOM   742  C  CG2 . VAL A 1 105 ? -2.912  -0.693  -12.870 1.00 18.89 ? 105  VAL A CG2 1 
ATOM   743  N  N   . HIS A 1 106 ? -2.805  0.443   -16.127 1.00 14.22 ? 106  HIS A N   1 
ATOM   744  C  CA  . HIS A 1 106 ? -3.615  0.286   -17.314 1.00 14.04 ? 106  HIS A CA  1 
ATOM   745  C  C   . HIS A 1 106 ? -3.005  0.776   -18.616 1.00 13.77 ? 106  HIS A C   1 
ATOM   746  O  O   . HIS A 1 106 ? -3.610  0.641   -19.693 1.00 15.33 ? 106  HIS A O   1 
ATOM   747  C  CB  . HIS A 1 106 ? -4.953  0.959   -17.076 1.00 14.27 ? 106  HIS A CB  1 
ATOM   748  C  CG  . HIS A 1 106 ? -5.696  0.401   -15.899 1.00 13.46 ? 106  HIS A CG  1 
ATOM   749  N  ND1 . HIS A 1 106 ? -6.479  -0.735  -15.995 1.00 17.97 ? 106  HIS A ND1 1 
ATOM   750  C  CD2 . HIS A 1 106 ? -5.824  0.842   -14.622 1.00 15.81 ? 106  HIS A CD2 1 
ATOM   751  C  CE1 . HIS A 1 106 ? -7.008  -1.001  -14.798 1.00 19.53 ? 106  HIS A CE1 1 
ATOM   752  N  NE2 . HIS A 1 106 ? -6.659  -0.030  -13.953 1.00 11.96 ? 106  HIS A NE2 1 
ATOM   753  N  N   . ALA A 1 107 ? -1.861  1.413   -18.534 1.00 13.70 ? 107  ALA A N   1 
ATOM   754  C  CA  . ALA A 1 107 ? -1.120  1.866   -19.714 1.00 15.30 ? 107  ALA A CA  1 
ATOM   755  C  C   . ALA A 1 107 ? 0.035   0.974   -19.977 1.00 15.35 ? 107  ALA A C   1 
ATOM   756  O  O   . ALA A 1 107 ? 0.945   1.385   -20.611 1.00 15.56 ? 107  ALA A O   1 
ATOM   757  C  CB  . ALA A 1 107 ? -0.585  3.351   -19.524 1.00 14.51 ? 107  ALA A CB  1 
ATOM   758  N  N   . ARG A 1 108 ? 0.013   -0.257  -19.497 1.00 16.50 ? 108  ARG A N   1 
ATOM   759  C  CA  . ARG A 1 108 ? 1.134   -1.177  -19.638 1.00 17.82 ? 108  ARG A CA  1 
ATOM   760  C  C   . ARG A 1 108 ? 0.646   -2.481  -20.263 1.00 19.67 ? 108  ARG A C   1 
ATOM   761  O  O   . ARG A 1 108 ? -0.220  -2.430  -21.109 1.00 20.99 ? 108  ARG A O   1 
ATOM   762  C  CB  . ARG A 1 108 ? 1.829   -1.370  -18.236 1.00 16.62 ? 108  ARG A CB  1 
ATOM   763  C  CG  . ARG A 1 108 ? 2.369   -0.019  -17.709 1.00 17.80 ? 108  ARG A CG  1 
ATOM   764  C  CD  . ARG A 1 108 ? 3.030   -0.042  -16.328 1.00 20.35 ? 108  ARG A CD  1 
ATOM   765  N  NE  . ARG A 1 108 ? 4.212   -0.925  -16.385 1.00 19.15 ? 108  ARG A NE  1 
ATOM   766  C  CZ  . ARG A 1 108 ? 4.858   -1.423  -15.327 1.00 23.02 ? 108  ARG A CZ  1 
ATOM   767  N  NH1 . ARG A 1 108 ? 4.501   -1.183  -14.051 1.00 17.43 ? 108  ARG A NH1 1 
ATOM   768  N  NH2 . ARG A 1 108 ? 5.868   -2.224  -15.561 1.00 22.09 ? 108  ARG A NH2 1 
ATOM   769  N  N   . GLU A 1 109 ? 1.168   -3.634  -19.824 1.00 18.39 ? 109  GLU A N   1 
ATOM   770  C  CA  . GLU A 1 109 ? 0.726   -4.876  -20.353 1.00 19.08 ? 109  GLU A CA  1 
ATOM   771  C  C   . GLU A 1 109 ? -0.649  -5.138  -19.862 1.00 20.35 ? 109  GLU A C   1 
ATOM   772  O  O   . GLU A 1 109 ? -1.056  -4.744  -18.721 1.00 19.98 ? 109  GLU A O   1 
ATOM   773  C  CB  . GLU A 1 109 ? 1.655   -6.009  -19.883 1.00 19.43 ? 109  GLU A CB  1 
ATOM   774  C  CG  . GLU A 1 109 ? 3.081   -5.789  -20.308 1.00 19.34 ? 109  GLU A CG  1 
ATOM   775  C  CD  . GLU A 1 109 ? 3.955   -5.214  -19.253 1.00 21.42 ? 109  GLU A CD  1 
ATOM   776  O  OE1 . GLU A 1 109 ? 3.514   -4.384  -18.396 1.00 19.93 ? 109  GLU A OE1 1 
ATOM   777  O  OE2 . GLU A 1 109 ? 5.142   -5.576  -19.325 1.00 27.73 ? 109  GLU A OE2 1 
ATOM   778  N  N   . GLU A 1 110 ? -1.362  -5.835  -20.716 1.00 20.43 ? 110  GLU A N   1 
ATOM   779  C  CA  . GLU A 1 110 ? -2.701  -6.288  -20.439 1.00 20.98 ? 110  GLU A CA  1 
ATOM   780  C  C   . GLU A 1 110 ? -2.825  -7.020  -19.101 1.00 21.14 ? 110  GLU A C   1 
ATOM   781  O  O   . GLU A 1 110 ? -3.819  -6.759  -18.365 1.00 20.99 ? 110  GLU A O   1 
ATOM   782  C  CB  . GLU A 1 110 ? -3.169  -7.171  -21.588 1.00 21.40 ? 110  GLU A CB  1 
ATOM   783  C  CG  . GLU A 1 110 ? -4.643  -7.459  -21.628 1.00 29.69 ? 110  GLU A CG  1 
ATOM   784  C  CD  . GLU A 1 110 ? -5.503  -6.187  -21.605 1.00 38.48 ? 110  GLU A CD  1 
ATOM   785  O  OE1 . GLU A 1 110 ? -5.198  -5.214  -22.351 1.00 42.17 ? 110  GLU A OE1 1 
ATOM   786  O  OE2 . GLU A 1 110 ? -6.483  -6.163  -20.780 1.00 46.14 ? 110  GLU A OE2 1 
ATOM   787  N  N   . PHE A 1 111 ? -1.840  -7.889  -18.764 1.00 18.52 ? 111  PHE A N   1 
ATOM   788  C  CA  . PHE A 1 111 ? -1.910  -8.696  -17.541 1.00 19.02 ? 111  PHE A CA  1 
ATOM   789  C  C   . PHE A 1 111 ? -1.851  -7.826  -16.250 1.00 17.52 ? 111  PHE A C   1 
ATOM   790  O  O   . PHE A 1 111 ? -2.312  -8.250  -15.230 1.00 15.73 ? 111  PHE A O   1 
ATOM   791  C  CB  . PHE A 1 111 ? -0.861  -9.846  -17.507 1.00 19.02 ? 111  PHE A CB  1 
ATOM   792  C  CG  . PHE A 1 111 ? 0.581   -9.367  -17.348 1.00 19.88 ? 111  PHE A CG  1 
ATOM   793  C  CD1 . PHE A 1 111 ? 1.056   -8.867  -16.138 1.00 18.10 ? 111  PHE A CD1 1 
ATOM   794  C  CD2 . PHE A 1 111 ? 1.435   -9.397  -18.434 1.00 17.59 ? 111  PHE A CD2 1 
ATOM   795  C  CE1 . PHE A 1 111 ? 2.371   -8.393  -16.050 1.00 19.49 ? 111  PHE A CE1 1 
ATOM   796  C  CE2 . PHE A 1 111 ? 2.750   -8.982  -18.326 1.00 16.62 ? 111  PHE A CE2 1 
ATOM   797  C  CZ  . PHE A 1 111 ? 3.226   -8.510  -17.177 1.00 16.00 ? 111  PHE A CZ  1 
ATOM   798  N  N   . ARG A 1 112 ? -1.447  -6.551  -16.347 1.00 16.20 ? 112  ARG A N   1 
ATOM   799  C  CA  . ARG A 1 112 ? -1.405  -5.673  -15.172 1.00 14.26 ? 112  ARG A CA  1 
ATOM   800  C  C   . ARG A 1 112 ? -2.726  -4.992  -14.901 1.00 13.78 ? 112  ARG A C   1 
ATOM   801  O  O   . ARG A 1 112 ? -2.895  -4.307  -13.867 1.00 12.41 ? 112  ARG A O   1 
ATOM   802  C  CB  . ARG A 1 112 ? -0.356  -4.634  -15.308 1.00 13.86 ? 112  ARG A CB  1 
ATOM   803  C  CG  . ARG A 1 112 ? 1.066   -5.182  -15.200 1.00 13.70 ? 112  ARG A CG  1 
ATOM   804  C  CD  . ARG A 1 112 ? 2.172   -4.031  -15.319 1.00 16.57 ? 112  ARG A CD  1 
ATOM   805  N  NE  . ARG A 1 112 ? 3.433   -4.565  -15.741 1.00 15.54 ? 112  ARG A NE  1 
ATOM   806  C  CZ  . ARG A 1 112 ? 4.284   -5.196  -14.962 1.00 15.24 ? 112  ARG A CZ  1 
ATOM   807  N  NH1 . ARG A 1 112 ? 4.107   -5.293  -13.620 1.00 15.67 ? 112  ARG A NH1 1 
ATOM   808  N  NH2 . ARG A 1 112 ? 5.385   -5.648  -15.523 1.00 13.72 ? 112  ARG A NH2 1 
ATOM   809  N  N   . ARG A 1 113 ? -3.675  -5.183  -15.801 1.00 14.17 ? 113  ARG A N   1 
ATOM   810  C  CA  . ARG A 1 113 ? -4.994  -4.543  -15.691 1.00 14.37 ? 113  ARG A CA  1 
ATOM   811  C  C   . ARG A 1 113 ? -5.965  -5.461  -14.900 1.00 15.23 ? 113  ARG A C   1 
ATOM   812  O  O   . ARG A 1 113 ? -7.081  -5.065  -14.706 1.00 16.61 ? 113  ARG A O   1 
ATOM   813  C  CB  . ARG A 1 113 ? -5.579  -4.209  -17.079 1.00 14.25 ? 113  ARG A CB  1 
ATOM   814  C  CG  . ARG A 1 113 ? -4.638  -3.436  -17.982 1.00 15.60 ? 113  ARG A CG  1 
ATOM   815  C  CD  . ARG A 1 113 ? -5.323  -2.880  -19.228 1.00 19.05 ? 113  ARG A CD  1 
ATOM   816  N  NE  . ARG A 1 113 ? -6.436  -1.955  -18.924 1.00 17.16 ? 113  ARG A NE  1 
ATOM   817  C  CZ  . ARG A 1 113 ? -7.164  -1.398  -19.823 1.00 15.87 ? 113  ARG A CZ  1 
ATOM   818  N  NH1 . ARG A 1 113 ? -6.945  -1.678  -21.130 1.00 17.33 ? 113  ARG A NH1 1 
ATOM   819  N  NH2 . ARG A 1 113 ? -8.076  -0.553  -19.452 1.00 15.90 ? 113  ARG A NH2 1 
ATOM   820  N  N   . HIS A 1 114 ? -5.537  -6.598  -14.348 1.00 15.44 ? 114  HIS A N   1 
ATOM   821  C  CA  . HIS A 1 114 ? -6.315  -7.319  -13.319 1.00 14.84 ? 114  HIS A CA  1 
ATOM   822  C  C   . HIS A 1 114 ? -5.607  -7.402  -11.971 1.00 14.95 ? 114  HIS A C   1 
ATOM   823  O  O   . HIS A 1 114 ? -4.455  -7.817  -11.861 1.00 15.47 ? 114  HIS A O   1 
ATOM   824  C  CB  . HIS A 1 114 ? -6.729  -8.738  -13.797 1.00 15.87 ? 114  HIS A CB  1 
ATOM   825  C  CG  . HIS A 1 114 ? -7.339  -9.564  -12.691 1.00 21.62 ? 114  HIS A CG  1 
ATOM   826  N  ND1 . HIS A 1 114 ? -6.587  -10.393 -11.878 1.00 25.40 ? 114  HIS A ND1 1 
ATOM   827  C  CD2 . HIS A 1 114 ? -8.592  -9.551  -12.153 1.00 25.75 ? 114  HIS A CD2 1 
ATOM   828  C  CE1 . HIS A 1 114 ? -7.374  -10.936 -10.964 1.00 25.59 ? 114  HIS A CE1 1 
ATOM   829  N  NE2 . HIS A 1 114 ? -8.587  -10.442 -11.110 1.00 24.43 ? 114  HIS A NE2 1 
ATOM   830  N  N   . SER A 1 115 ? -6.354  -7.067  -10.911 1.00 14.22 ? 115  SER A N   1 
ATOM   831  C  CA  . SER A 1 115 ? -5.912  -7.091  -9.552  1.00 13.35 ? 115  SER A CA  1 
ATOM   832  C  C   . SER A 1 115 ? -6.782  -8.035  -8.767  1.00 14.05 ? 115  SER A C   1 
ATOM   833  O  O   . SER A 1 115 ? -8.038  -7.910  -8.808  1.00 13.44 ? 115  SER A O   1 
ATOM   834  C  CB  . SER A 1 115 ? -6.028  -5.711  -8.909  1.00 10.62 ? 115  SER A CB  1 
ATOM   835  O  OG  . SER A 1 115 ? -5.658  -5.730  -7.508  1.00 14.48 ? 115  SER A OG  1 
ATOM   836  N  N   . TYR A 1 116 ? -6.134  -8.939  -7.998  1.00 13.91 ? 116  TYR A N   1 
ATOM   837  C  CA  . TYR A 1 116 ? -6.826  -9.829  -7.027  1.00 12.77 ? 116  TYR A CA  1 
ATOM   838  C  C   . TYR A 1 116 ? -7.284  -9.013  -5.846  1.00 13.95 ? 116  TYR A C   1 
ATOM   839  O  O   . TYR A 1 116 ? -8.191  -9.398  -5.116  1.00 15.66 ? 116  TYR A O   1 
ATOM   840  C  CB  . TYR A 1 116 ? -5.995  -10.969 -6.543  1.00 12.93 ? 116  TYR A CB  1 
ATOM   841  C  CG  . TYR A 1 116 ? -6.016  -12.150 -7.472  1.00 13.77 ? 116  TYR A CG  1 
ATOM   842  C  CD1 . TYR A 1 116 ? -7.207  -12.924 -7.649  1.00 13.18 ? 116  TYR A CD1 1 
ATOM   843  C  CD2 . TYR A 1 116 ? -4.923  -12.443 -8.230  1.00 14.72 ? 116  TYR A CD2 1 
ATOM   844  C  CE1 . TYR A 1 116 ? -7.228  -13.947 -8.545  1.00 15.48 ? 116  TYR A CE1 1 
ATOM   845  C  CE2 . TYR A 1 116 ? -4.905  -13.526 -9.098  1.00 15.75 ? 116  TYR A CE2 1 
ATOM   846  C  CZ  . TYR A 1 116 ? -6.024  -14.286 -9.243  1.00 14.54 ? 116  TYR A CZ  1 
ATOM   847  O  OH  . TYR A 1 116 ? -6.019  -15.271 -10.171 1.00 19.03 ? 116  TYR A OH  1 
ATOM   848  N  N   . LEU A 1 117 ? -6.725  -7.839  -5.732  1.00 12.15 ? 117  LEU A N   1 
ATOM   849  C  CA  . LEU A 1 117 ? -6.892  -7.049  -4.536  1.00 12.36 ? 117  LEU A CA  1 
ATOM   850  C  C   . LEU A 1 117 ? -8.044  -6.070  -4.654  1.00 11.47 ? 117  LEU A C   1 
ATOM   851  O  O   . LEU A 1 117 ? -8.777  -5.819  -3.702  1.00 11.56 ? 117  LEU A O   1 
ATOM   852  C  CB  . LEU A 1 117 ? -5.562  -6.229  -4.251  1.00 9.88  ? 117  LEU A CB  1 
ATOM   853  C  CG  . LEU A 1 117 ? -4.387  -7.033  -3.813  1.00 12.07 ? 117  LEU A CG  1 
ATOM   854  C  CD1 . LEU A 1 117 ? -3.218  -6.171  -3.570  1.00 16.92 ? 117  LEU A CD1 1 
ATOM   855  C  CD2 . LEU A 1 117 ? -4.696  -7.795  -2.566  1.00 10.91 ? 117  LEU A CD2 1 
ATOM   856  N  N   . SER A 1 118 ? -8.210  -5.452  -5.802  1.00 11.16 ? 118  SER A N   1 
ATOM   857  C  CA  . SER A 1 118 ? -9.217  -4.386  -5.911  1.00 11.83 ? 118  SER A CA  1 
ATOM   858  C  C   . SER A 1 118 ? -10.640 -4.747  -5.442  1.00 10.98 ? 118  SER A C   1 
ATOM   859  O  O   . SER A 1 118 ? -11.310 -3.907  -4.923  1.00 12.63 ? 118  SER A O   1 
ATOM   860  C  CB  . SER A 1 118 ? -9.236  -3.840  -7.345  1.00 12.65 ? 118  SER A CB  1 
ATOM   861  O  OG  . SER A 1 118 ? -7.929  -3.378  -7.741  1.00 11.12 ? 118  SER A OG  1 
ATOM   862  N  N   . PRO A 1 119 ? -11.143 -5.935  -5.697  1.00 12.34 ? 119  PRO A N   1 
ATOM   863  C  CA  . PRO A 1 119 ? -12.490 -6.312  -5.258  1.00 12.34 ? 119  PRO A CA  1 
ATOM   864  C  C   . PRO A 1 119 ? -12.725 -6.376  -3.772  1.00 13.54 ? 119  PRO A C   1 
ATOM   865  O  O   . PRO A 1 119 ? -13.848 -6.158  -3.287  1.00 14.27 ? 119  PRO A O   1 
ATOM   866  C  CB  . PRO A 1 119 ? -12.707 -7.642  -5.910  1.00 11.74 ? 119  PRO A CB  1 
ATOM   867  C  CG  . PRO A 1 119 ? -11.813 -7.595  -7.070  1.00 11.96 ? 119  PRO A CG  1 
ATOM   868  C  CD  . PRO A 1 119 ? -10.562 -6.964  -6.594  1.00 10.93 ? 119  PRO A CD  1 
ATOM   869  N  N   . ILE A 1 120 ? -11.666 -6.545  -3.017  1.00 14.87 ? 120  ILE A N   1 
ATOM   870  C  CA  . ILE A 1 120 ? -11.786 -6.439  -1.579  1.00 16.65 ? 120  ILE A CA  1 
ATOM   871  C  C   . ILE A 1 120 ? -11.216 -5.204  -0.912  1.00 16.65 ? 120  ILE A C   1 
ATOM   872  O  O   . ILE A 1 120 ? -11.321 -5.045  0.287   1.00 16.93 ? 120  ILE A O   1 
ATOM   873  C  CB  . ILE A 1 120 ? -11.234 -7.761  -0.981  1.00 18.83 ? 120  ILE A CB  1 
ATOM   874  C  CG1 . ILE A 1 120 ? -9.815  -8.002  -1.436  1.00 20.91 ? 120  ILE A CG1 1 
ATOM   875  C  CG2 . ILE A 1 120 ? -12.088 -8.958  -1.476  1.00 17.99 ? 120  ILE A CG2 1 
ATOM   876  C  CD1 . ILE A 1 120 ? -8.993  -7.972  -0.431  1.00 28.87 ? 120  ILE A CD1 1 
ATOM   877  N  N   . ALA A 1 121 ? -10.569 -4.329  -1.658  1.00 15.42 ? 121  ALA A N   1 
ATOM   878  C  CA  . ALA A 1 121 ? -10.169 -3.069  -1.129  1.00 14.90 ? 121  ALA A CA  1 
ATOM   879  C  C   . ALA A 1 121 ? -11.338 -2.114  -0.936  1.00 15.18 ? 121  ALA A C   1 
ATOM   880  O  O   . ALA A 1 121 ? -12.377 -2.195  -1.588  1.00 14.89 ? 121  ALA A O   1 
ATOM   881  C  CB  . ALA A 1 121 ? -9.150  -2.448  -2.072  1.00 15.41 ? 121  ALA A CB  1 
ATOM   882  N  N   . THR A 1 122 ? -11.114 -1.104  -0.109  1.00 15.10 ? 122  THR A N   1 
ATOM   883  C  CA  . THR A 1 122 ? -12.048 0.011   -0.065  1.00 16.04 ? 122  THR A CA  1 
ATOM   884  C  C   . THR A 1 122 ? -11.994 0.807   -1.348  1.00 14.86 ? 122  THR A C   1 
ATOM   885  O  O   . THR A 1 122 ? -13.064 1.101   -1.943  1.00 15.20 ? 122  THR A O   1 
ATOM   886  C  CB  . THR A 1 122 ? -11.653 0.979   1.087   1.00 15.63 ? 122  THR A CB  1 
ATOM   887  O  OG1 . THR A 1 122 ? -11.670 0.301   2.358   1.00 15.46 ? 122  THR A OG1 1 
ATOM   888  C  CG2 . THR A 1 122 ? -12.699 2.021   1.267   1.00 18.38 ? 122  THR A CG2 1 
ATOM   889  N  N   . GLY A 1 123 ? -10.756 1.129   -1.774  1.00 15.20 ? 123  GLY A N   1 
ATOM   890  C  CA  . GLY A 1 123 ? -10.496 1.961   -2.961  1.00 14.17 ? 123  GLY A CA  1 
ATOM   891  C  C   . GLY A 1 123 ? -9.120  1.761   -3.532  1.00 14.77 ? 123  GLY A C   1 
ATOM   892  O  O   . GLY A 1 123 ? -8.297  1.017   -2.952  1.00 12.95 ? 123  GLY A O   1 
ATOM   893  N  N   . VAL A 1 124 ? -8.886  2.357   -4.699  1.00 14.08 ? 124  VAL A N   1 
ATOM   894  C  CA  . VAL A 1 124 ? -7.629  2.094   -5.452  1.00 15.78 ? 124  VAL A CA  1 
ATOM   895  C  C   . VAL A 1 124 ? -7.084  3.383   -6.032  1.00 13.48 ? 124  VAL A C   1 
ATOM   896  O  O   . VAL A 1 124 ? -7.812  4.140   -6.532  1.00 16.16 ? 124  VAL A O   1 
ATOM   897  C  CB  . VAL A 1 124 ? -7.835  1.078   -6.610  1.00 15.94 ? 124  VAL A CB  1 
ATOM   898  C  CG1 . VAL A 1 124 ? -6.423  0.559   -7.204  1.00 16.87 ? 124  VAL A CG1 1 
ATOM   899  C  CG2 . VAL A 1 124 ? -8.649  -0.092  -6.180  1.00 17.61 ? 124  VAL A CG2 1 
ATOM   900  N  N   . ILE A 1 125 ? -5.814  3.656   -5.933  1.00 14.17 ? 125  ILE A N   1 
ATOM   901  C  CA  . ILE A 1 125 ? -5.217  4.825   -6.539  1.00 10.74 ? 125  ILE A CA  1 
ATOM   902  C  C   . ILE A 1 125 ? -4.059  4.323   -7.373  1.00 12.21 ? 125  ILE A C   1 
ATOM   903  O  O   . ILE A 1 125 ? -3.170  3.619   -6.816  1.00 9.91  ? 125  ILE A O   1 
ATOM   904  C  CB  . ILE A 1 125 ? -4.663  5.733   -5.464  1.00 11.93 ? 125  ILE A CB  1 
ATOM   905  C  CG1 . ILE A 1 125 ? -5.795  6.379   -4.643  1.00 10.29 ? 125  ILE A CG1 1 
ATOM   906  C  CG2 . ILE A 1 125 ? -3.903  6.916   -6.135  1.00 7.96  ? 125  ILE A CG2 1 
ATOM   907  C  CD1 . ILE A 1 125 ? -5.314  7.061   -3.295  1.00 12.18 ? 125  ILE A CD1 1 
ATOM   908  N  N   . VAL A 1 126 ? -4.097  4.681   -8.679  1.00 11.27 ? 126  VAL A N   1 
ATOM   909  C  CA  . VAL A 1 126 ? -3.057  4.285   -9.658  1.00 13.14 ? 126  VAL A CA  1 
ATOM   910  C  C   . VAL A 1 126 ? -2.559  5.440   -10.534 1.00 12.84 ? 126  VAL A C   1 
ATOM   911  O  O   . VAL A 1 126 ? -3.325  6.305   -10.913 1.00 9.99  ? 126  VAL A O   1 
ATOM   912  C  CB  . VAL A 1 126 ? -3.362  3.005   -10.499 1.00 12.19 ? 126  VAL A CB  1 
ATOM   913  C  CG1 . VAL A 1 126 ? -4.260  2.102   -9.790  1.00 17.91 ? 126  VAL A CG1 1 
ATOM   914  C  CG2 . VAL A 1 126 ? -3.887  3.316   -11.838 1.00 16.55 ? 126  VAL A CG2 1 
ATOM   915  N  N   . GLY A 1 127 ? -1.282  5.388   -10.882 1.00 12.92 ? 127  GLY A N   1 
ATOM   916  C  CA  . GLY A 1 127 ? -0.704  6.373   -11.758 1.00 14.70 ? 127  GLY A CA  1 
ATOM   917  C  C   . GLY A 1 127 ? -0.422  7.741   -11.231 1.00 15.38 ? 127  GLY A C   1 
ATOM   918  O  O   . GLY A 1 127 ? -0.025  8.575   -12.040 1.00 15.98 ? 127  GLY A O   1 
ATOM   919  N  N   . LEU A 1 128 ? -0.593  7.993   -9.907  1.00 16.13 ? 128  LEU A N   1 
ATOM   920  C  CA  . LEU A 1 128 ? -0.401  9.340   -9.400  1.00 14.35 ? 128  LEU A CA  1 
ATOM   921  C  C   . LEU A 1 128 ? 1.001   9.437   -8.771  1.00 16.00 ? 128  LEU A C   1 
ATOM   922  O  O   . LEU A 1 128 ? 1.302   10.302  -7.930  1.00 15.93 ? 128  LEU A O   1 
ATOM   923  C  CB  . LEU A 1 128 ? -1.502  9.750   -8.491  1.00 14.07 ? 128  LEU A CB  1 
ATOM   924  C  CG  . LEU A 1 128 ? -2.849  9.823   -9.145  1.00 11.37 ? 128  LEU A CG  1 
ATOM   925  C  CD1 . LEU A 1 128 ? -3.948  10.387  -8.149  1.00 13.22 ? 128  LEU A CD1 1 
ATOM   926  C  CD2 . LEU A 1 128 ? -2.878  10.636  -10.455 1.00 9.63  ? 128  LEU A CD2 1 
ATOM   927  N  N   . GLY A 1 129 ? 1.863   8.495   -9.137  1.00 15.52 ? 129  GLY A N   1 
ATOM   928  C  CA  . GLY A 1 129 ? 3.226   8.459   -8.560  1.00 17.36 ? 129  GLY A CA  1 
ATOM   929  C  C   . GLY A 1 129 ? 3.268   8.238   -7.069  1.00 17.16 ? 129  GLY A C   1 
ATOM   930  O  O   . GLY A 1 129 ? 2.345   7.688   -6.492  1.00 19.04 ? 129  GLY A O   1 
ATOM   931  N  N   . ILE A 1 130 ? 4.281   8.736   -6.431  1.00 18.13 ? 130  ILE A N   1 
ATOM   932  C  CA  . ILE A 1 130 ? 4.453   8.623   -4.982  1.00 20.15 ? 130  ILE A CA  1 
ATOM   933  C  C   . ILE A 1 130 ? 3.393   9.390   -4.172  1.00 19.52 ? 130  ILE A C   1 
ATOM   934  O  O   . ILE A 1 130 ? 2.996   8.991   -3.038  1.00 17.42 ? 130  ILE A O   1 
ATOM   935  C  CB  . ILE A 1 130 ? 5.945   9.020   -4.676  1.00 22.12 ? 130  ILE A CB  1 
ATOM   936  C  CG1 . ILE A 1 130 ? 6.694   7.733   -4.368  1.00 25.26 ? 130  ILE A CG1 1 
ATOM   937  C  CG2 . ILE A 1 130 ? 6.083   9.964   -3.515  1.00 27.88 ? 130  ILE A CG2 1 
ATOM   938  C  CD1 . ILE A 1 130 ? 7.490   7.186   -5.426  1.00 25.90 ? 130  ILE A CD1 1 
ATOM   939  N  N   . GLN A 1 131 ? 2.850   10.438  -4.770  1.00 17.96 ? 131  GLN A N   1 
ATOM   940  C  CA  . GLN A 1 131 ? 1.765   11.189  -4.107  1.00 17.37 ? 131  GLN A CA  1 
ATOM   941  C  C   . GLN A 1 131 ? 0.558   10.346  -3.801  1.00 17.21 ? 131  GLN A C   1 
ATOM   942  O  O   . GLN A 1 131 ? -0.179  10.662  -2.851  1.00 16.91 ? 131  GLN A O   1 
ATOM   943  C  CB  . GLN A 1 131 ? 1.283   12.452  -4.894  1.00 17.28 ? 131  GLN A CB  1 
ATOM   944  C  CG  A GLN A 1 131 ? 1.258   13.731  -4.061  0.70 16.87 ? 131  GLN A CG  1 
ATOM   945  C  CG  B GLN A 1 131 ? 2.209   13.734  -4.998  0.30 17.59 ? 131  GLN A CG  1 
ATOM   946  C  CD  A GLN A 1 131 ? 0.385   14.805  -4.675  0.70 14.34 ? 131  GLN A CD  1 
ATOM   947  C  CD  B GLN A 1 131 ? 3.008   14.239  -3.773  0.30 18.30 ? 131  GLN A CD  1 
ATOM   948  O  OE1 A GLN A 1 131 ? -0.483  15.448  -4.037  0.70 14.35 ? 131  GLN A OE1 1 
ATOM   949  O  OE1 B GLN A 1 131 ? 2.472   14.988  -2.953  0.30 21.25 ? 131  GLN A OE1 1 
ATOM   950  N  NE2 A GLN A 1 131 ? 0.617   15.001  -5.926  0.70 12.32 ? 131  GLN A NE2 1 
ATOM   951  N  NE2 B GLN A 1 131 ? 4.309   13.935  -3.726  0.30 17.19 ? 131  GLN A NE2 1 
ATOM   952  N  N   . GLY A 1 132 ? 0.307   9.301   -4.589  1.00 15.99 ? 132  GLY A N   1 
ATOM   953  C  CA  . GLY A 1 132 ? -0.764  8.391   -4.276  1.00 14.29 ? 132  GLY A CA  1 
ATOM   954  C  C   . GLY A 1 132 ? -0.789  7.892   -2.834  1.00 13.80 ? 132  GLY A C   1 
ATOM   955  O  O   . GLY A 1 132 ? -1.858  7.790   -2.242  1.00 13.30 ? 132  GLY A O   1 
ATOM   956  N  N   . TYR A 1 133 ? 0.365   7.557   -2.267  1.00 14.96 ? 133  TYR A N   1 
ATOM   957  C  CA  . TYR A 1 133 ? 0.454   7.203   -0.854  1.00 12.98 ? 133  TYR A CA  1 
ATOM   958  C  C   . TYR A 1 133 ? -0.028  8.321   0.058   1.00 13.99 ? 133  TYR A C   1 
ATOM   959  O  O   . TYR A 1 133 ? -0.687  8.049   1.033   1.00 14.85 ? 133  TYR A O   1 
ATOM   960  C  CB  . TYR A 1 133 ? 1.868   6.821   -0.453  1.00 12.62 ? 133  TYR A CB  1 
ATOM   961  C  CG  . TYR A 1 133 ? 2.515   5.612   -1.093  1.00 14.39 ? 133  TYR A CG  1 
ATOM   962  C  CD1 . TYR A 1 133 ? 2.433   4.385   -0.491  1.00 12.04 ? 133  TYR A CD1 1 
ATOM   963  C  CD2 . TYR A 1 133 ? 3.290   5.705   -2.291  1.00 10.75 ? 133  TYR A CD2 1 
ATOM   964  C  CE1 . TYR A 1 133 ? 2.994   3.289   -1.034  1.00 15.26 ? 133  TYR A CE1 1 
ATOM   965  C  CE2 . TYR A 1 133 ? 3.872   4.584   -2.811  1.00 10.30 ? 133  TYR A CE2 1 
ATOM   966  C  CZ  . TYR A 1 133 ? 3.730   3.374   -2.166  1.00 13.24 ? 133  TYR A CZ  1 
ATOM   967  O  OH  . TYR A 1 133 ? 4.260   2.209   -2.595  1.00 13.29 ? 133  TYR A OH  1 
ATOM   968  N  N   . LEU A 1 134 ? 0.417   9.554   -0.187  1.00 13.87 ? 134  LEU A N   1 
ATOM   969  C  CA  . LEU A 1 134 ? 0.035   10.726  0.567   1.00 12.55 ? 134  LEU A CA  1 
ATOM   970  C  C   . LEU A 1 134 ? -1.461  10.953  0.465   1.00 14.21 ? 134  LEU A C   1 
ATOM   971  O  O   . LEU A 1 134 ? -2.129  11.244  1.461   1.00 12.19 ? 134  LEU A O   1 
ATOM   972  C  CB  . LEU A 1 134 ? 0.784   11.964  0.073   1.00 13.62 ? 134  LEU A CB  1 
ATOM   973  C  CG  . LEU A 1 134 ? 2.329   11.855  0.075   1.00 18.46 ? 134  LEU A CG  1 
ATOM   974  C  CD1 . LEU A 1 134 ? 3.042   13.179  0.043   1.00 20.91 ? 134  LEU A CD1 1 
ATOM   975  C  CD2 . LEU A 1 134 ? 2.893   11.102  1.255   1.00 18.80 ? 134  LEU A CD2 1 
ATOM   976  N  N   . LEU A 1 135 ? -2.024  10.739  -0.732  1.00 13.93 ? 135  LEU A N   1 
ATOM   977  C  CA  . LEU A 1 135 ? -3.427  10.947  -0.875  1.00 13.95 ? 135  LEU A CA  1 
ATOM   978  C  C   . LEU A 1 135 ? -4.238  9.867   -0.150  1.00 14.35 ? 135  LEU A C   1 
ATOM   979  O  O   . LEU A 1 135 ? -5.312  10.117  0.475   1.00 14.74 ? 135  LEU A O   1 
ATOM   980  C  CB  . LEU A 1 135 ? -3.786  10.997  -2.352  1.00 14.54 ? 135  LEU A CB  1 
ATOM   981  C  CG  . LEU A 1 135 ? -3.158  12.153  -3.183  1.00 11.58 ? 135  LEU A CG  1 
ATOM   982  C  CD1 . LEU A 1 135 ? -3.430  11.917  -4.640  1.00 14.12 ? 135  LEU A CD1 1 
ATOM   983  C  CD2 . LEU A 1 135 ? -3.600  13.504  -2.826  1.00 13.58 ? 135  LEU A CD2 1 
ATOM   984  N  N   . ALA A 1 136 ? -3.731  8.664   -0.161  1.00 14.79 ? 136  ALA A N   1 
ATOM   985  C  CA  . ALA A 1 136 ? -4.380  7.598   0.587   1.00 15.13 ? 136  ALA A CA  1 
ATOM   986  C  C   . ALA A 1 136 ? -4.361  7.958   2.050   1.00 14.94 ? 136  ALA A C   1 
ATOM   987  O  O   . ALA A 1 136 ? -5.338  7.771   2.748   1.00 12.93 ? 136  ALA A O   1 
ATOM   988  C  CB  . ALA A 1 136 ? -3.704  6.234   0.348   1.00 13.76 ? 136  ALA A CB  1 
ATOM   989  N  N   . LEU A 1 137 ? -3.280  8.546   2.518   1.00 15.55 ? 137  LEU A N   1 
ATOM   990  C  CA  . LEU A 1 137 ? -3.256  8.876   3.943   1.00 16.16 ? 137  LEU A CA  1 
ATOM   991  C  C   . LEU A 1 137 ? -4.342  9.873   4.290   1.00 17.86 ? 137  LEU A C   1 
ATOM   992  O  O   . LEU A 1 137 ? -4.962  9.830   5.393   1.00 19.07 ? 137  LEU A O   1 
ATOM   993  C  CB  . LEU A 1 137 ? -1.901  9.484   4.384   1.00 16.04 ? 137  LEU A CB  1 
ATOM   994  C  CG  . LEU A 1 137 ? -0.718  8.632   4.637   1.00 18.84 ? 137  LEU A CG  1 
ATOM   995  C  CD1 . LEU A 1 137 ? 0.494   9.497   4.955   1.00 20.08 ? 137  LEU A CD1 1 
ATOM   996  C  CD2 . LEU A 1 137 ? -0.989  7.740   5.905   1.00 25.32 ? 137  LEU A CD2 1 
ATOM   997  N  N   . ARG A 1 138 ? -4.584  10.792  3.373   1.00 18.43 ? 138  ARG A N   1 
ATOM   998  C  CA  . ARG A 1 138 ? -5.479  11.916  3.646   1.00 19.82 ? 138  ARG A CA  1 
ATOM   999  C  C   . ARG A 1 138 ? -6.926  11.445  3.654   1.00 18.67 ? 138  ARG A C   1 
ATOM   1000 O  O   . ARG A 1 138 ? -7.777  11.954  4.431   1.00 17.64 ? 138  ARG A O   1 
ATOM   1001 C  CB  . ARG A 1 138 ? -5.186  13.036  2.632   1.00 19.34 ? 138  ARG A CB  1 
ATOM   1002 C  CG  . ARG A 1 138 ? -6.064  14.295  2.853   1.00 22.99 ? 138  ARG A CG  1 
ATOM   1003 C  CD  . ARG A 1 138 ? -5.649  15.450  1.940   1.00 21.25 ? 138  ARG A CD  1 
ATOM   1004 N  NE  . ARG A 1 138 ? -4.282  15.916  2.244   1.00 22.51 ? 138  ARG A NE  1 
ATOM   1005 C  CZ  . ARG A 1 138 ? -4.015  16.872  3.153   1.00 23.90 ? 138  ARG A CZ  1 
ATOM   1006 N  NH1 . ARG A 1 138 ? -4.972  17.411  3.818   1.00 25.00 ? 138  ARG A NH1 1 
ATOM   1007 N  NH2 . ARG A 1 138 ? -2.787  17.290  3.414   1.00 27.55 ? 138  ARG A NH2 1 
ATOM   1008 N  N   . TYR A 1 139 ? -7.222  10.479  2.772   1.00 18.27 ? 139  TYR A N   1 
ATOM   1009 C  CA  . TYR A 1 139 ? -8.494  9.793   2.805   1.00 17.49 ? 139  TYR A CA  1 
ATOM   1010 C  C   . TYR A 1 139 ? -8.706  9.195   4.202   1.00 17.74 ? 139  TYR A C   1 
ATOM   1011 O  O   . TYR A 1 139 ? -9.703  9.409   4.804   1.00 17.98 ? 139  TYR A O   1 
ATOM   1012 C  CB  . TYR A 1 139 ? -8.561  8.691   1.748   1.00 17.72 ? 139  TYR A CB  1 
ATOM   1013 C  CG  . TYR A 1 139 ? -9.827  7.883   1.889   1.00 18.70 ? 139  TYR A CG  1 
ATOM   1014 C  CD1 . TYR A 1 139 ? -10.984 8.246   1.238   1.00 16.86 ? 139  TYR A CD1 1 
ATOM   1015 C  CD2 . TYR A 1 139 ? -9.853  6.743   2.698   1.00 14.28 ? 139  TYR A CD2 1 
ATOM   1016 C  CE1 . TYR A 1 139 ? -12.163 7.496   1.416   1.00 14.44 ? 139  TYR A CE1 1 
ATOM   1017 C  CE2 . TYR A 1 139 ? -11.011 6.001   2.878   1.00 12.36 ? 139  TYR A CE2 1 
ATOM   1018 C  CZ  . TYR A 1 139 ? -12.160 6.379   2.228   1.00 15.01 ? 139  TYR A CZ  1 
ATOM   1019 O  OH  . TYR A 1 139 ? -13.326 5.630   2.451   1.00 20.95 ? 139  TYR A OH  1 
ATOM   1020 N  N   . LEU A 1 140 ? -7.767  8.436   4.723   1.00 18.97 ? 140  LEU A N   1 
ATOM   1021 C  CA  . LEU A 1 140 ? -7.917  7.788   6.055   1.00 20.51 ? 140  LEU A CA  1 
ATOM   1022 C  C   . LEU A 1 140 ? -8.076  8.764   7.244   1.00 22.18 ? 140  LEU A C   1 
ATOM   1023 O  O   . LEU A 1 140 ? -8.790  8.451   8.163   1.00 20.10 ? 140  LEU A O   1 
ATOM   1024 C  CB  . LEU A 1 140 ? -6.721  6.854   6.359   1.00 20.45 ? 140  LEU A CB  1 
ATOM   1025 C  CG  . LEU A 1 140 ? -6.558  5.692   5.406   1.00 20.63 ? 140  LEU A CG  1 
ATOM   1026 C  CD1 . LEU A 1 140 ? -5.281  4.949   5.720   1.00 26.82 ? 140  LEU A CD1 1 
ATOM   1027 C  CD2 . LEU A 1 140 ? -7.775  4.768   5.486   1.00 19.89 ? 140  LEU A CD2 1 
ATOM   1028 N  N   . ALA A 1 141 ? -7.393  9.908   7.207   1.00 24.66 ? 141  ALA A N   1 
ATOM   1029 C  CA  . ALA A 1 141 ? -7.473  10.962  8.219   1.00 27.27 ? 141  ALA A CA  1 
ATOM   1030 C  C   . ALA A 1 141 ? -8.857  11.599  8.178   1.00 31.95 ? 141  ALA A C   1 
ATOM   1031 O  O   . ALA A 1 141 ? -9.377  11.957  9.195   1.00 30.93 ? 141  ALA A O   1 
ATOM   1032 C  CB  . ALA A 1 141 ? -6.393  12.059  7.962   1.00 25.90 ? 141  ALA A CB  1 
ATOM   1033 N  N   . GLU A 1 142 ? -9.479  11.706  7.002   1.00 36.65 ? 142  GLU A N   1 
ATOM   1034 C  CA  . GLU A 1 142 ? -10.858 12.226  6.929   1.00 41.00 ? 142  GLU A CA  1 
ATOM   1035 C  C   . GLU A 1 142 ? -11.881 11.163  7.242   1.00 43.39 ? 142  GLU A C   1 
ATOM   1036 O  O   . GLU A 1 142 ? -12.984 11.461  7.598   1.00 45.12 ? 142  GLU A O   1 
ATOM   1037 C  CB  . GLU A 1 142 ? -11.138 12.925  5.589   1.00 41.73 ? 142  GLU A CB  1 
ATOM   1038 C  CG  . GLU A 1 142 ? -10.302 14.213  5.428   1.00 46.50 ? 142  GLU A CG  1 
ATOM   1039 C  CD  . GLU A 1 142 ? -10.856 15.330  6.263   1.00 55.37 ? 142  GLU A CD  1 
ATOM   1040 O  OE1 . GLU A 1 142 ? -11.944 15.113  6.880   1.00 61.68 ? 142  GLU A OE1 1 
ATOM   1041 O  OE2 . GLU A 1 142 ? -10.243 16.426  6.294   1.00 61.23 ? 142  GLU A OE2 1 
ATOM   1042 N  N   . HIS A 1 143 ? -11.508 9.908   7.177   1.00 46.82 ? 143  HIS A N   1 
ATOM   1043 C  CA  . HIS A 1 143 ? -12.453 8.845   7.488   1.00 49.48 ? 143  HIS A CA  1 
ATOM   1044 C  C   . HIS A 1 143 ? -12.231 8.190   8.904   1.00 53.24 ? 143  HIS A C   1 
ATOM   1045 O  O   . HIS A 1 143 ? -12.252 6.938   9.053   1.00 54.36 ? 143  HIS A O   1 
ATOM   1046 C  CB  . HIS A 1 143 ? -12.475 7.821   6.343   1.00 49.16 ? 143  HIS A CB  1 
ATOM   1047 C  CG  . HIS A 1 143 ? -13.296 8.263   5.168   1.00 46.86 ? 143  HIS A CG  1 
ATOM   1048 N  ND1 . HIS A 1 143 ? -12.846 9.202   4.252   1.00 45.55 ? 143  HIS A ND1 1 
ATOM   1049 C  CD2 . HIS A 1 143 ? -14.569 7.956   4.808   1.00 44.04 ? 143  HIS A CD2 1 
ATOM   1050 C  CE1 . HIS A 1 143 ? -13.806 9.442   3.365   1.00 46.40 ? 143  HIS A CE1 1 
ATOM   1051 N  NE2 . HIS A 1 143 ? -14.858 8.688   3.672   1.00 46.63 ? 143  HIS A NE2 1 
ATOM   1052 N  N   . VAL A 1 144 ? -12.040 9.047   9.937   1.00 56.38 ? 144  VAL A N   1 
ATOM   1053 C  CA  . VAL A 1 144 ? -12.164 8.617   11.364  1.00 58.00 ? 144  VAL A CA  1 
ATOM   1054 C  C   . VAL A 1 144 ? -12.776 9.688   12.289  1.00 59.10 ? 144  VAL A C   1 
ATOM   1055 O  O   . VAL A 1 144 ? -13.542 10.553  11.854  1.00 61.03 ? 144  VAL A O   1 
ATOM   1056 C  CB  . VAL A 1 144 ? -10.811 8.162   12.003  1.00 58.28 ? 144  VAL A CB  1 
ATOM   1057 C  CG1 . VAL A 1 144 ? -10.584 6.650   11.788  1.00 58.29 ? 144  VAL A CG1 1 
ATOM   1058 C  CG2 . VAL A 1 144 ? -9.653  9.057   11.510  1.00 58.76 ? 144  VAL A CG2 1 
HETATM 1059 C  C2  . FA1 B 2 .   ? 2.601   -1.965  -10.554 1.00 18.12 ? 200  FA1 A C2  1 
HETATM 1060 C  C3  . FA1 B 2 .   ? 2.705   -3.485  -10.610 1.00 18.65 ? 200  FA1 A C3  1 
HETATM 1061 O  O3  . FA1 B 2 .   ? 2.166   -3.931  -11.895 1.00 17.14 ? 200  FA1 A O3  1 
HETATM 1062 C  C4  . FA1 B 2 .   ? 4.200   -3.864  -10.581 1.00 18.74 ? 200  FA1 A C4  1 
HETATM 1063 O  O4  . FA1 B 2 .   ? 4.306   -5.285  -10.630 1.00 18.85 ? 200  FA1 A O4  1 
HETATM 1064 C  C5  . FA1 B 2 .   ? 5.042   -3.186  -9.501  1.00 15.11 ? 200  FA1 A C5  1 
HETATM 1065 C  C6  . FA1 B 2 .   ? 4.651   -2.055  -8.991  1.00 16.41 ? 200  FA1 A C6  1 
HETATM 1066 C  C   . FA1 B 2 .   ? 3.426   0.047   -9.204  1.00 17.75 ? 200  FA1 A C   1 
HETATM 1067 O  O1  . FA1 B 2 .   ? 3.190   0.766   -10.231 1.00 16.93 ? 200  FA1 A O1  1 
HETATM 1068 O  O30 . FA1 B 2 .   ? 2.362   -1.917  -8.251  1.00 20.73 ? 200  FA1 A O30 1 
HETATM 1069 O  O2  . FA1 B 2 .   ? 3.664   0.617   -8.044  1.00 16.00 ? 200  FA1 A O2  1 
HETATM 1070 C  C1  . FA1 B 2 .   ? 3.289   -1.450  -9.284  1.00 16.81 ? 200  FA1 A C1  1 
HETATM 1071 P  P   . PO4 C 3 .   ? 10.442  -16.869 2.355   0.33 39.32 ? 201  PO4 A P   1 
HETATM 1072 O  O1  . PO4 C 3 .   ? 9.546   -17.482 3.400   0.33 37.01 ? 201  PO4 A O1  1 
HETATM 1073 O  O2  . PO4 C 3 .   ? 10.396  -17.656 1.086   0.33 40.32 ? 201  PO4 A O2  1 
HETATM 1074 O  O3  . PO4 C 3 .   ? 11.866  -16.829 2.876   0.33 40.80 ? 201  PO4 A O3  1 
HETATM 1075 O  O4  . PO4 C 3 .   ? 9.996   -15.471 2.069   0.33 39.77 ? 201  PO4 A O4  1 
HETATM 1076 CL CL  . CL  D 4 .   ? -10.797 -10.916 -8.822  1.00 51.38 ? 202  CL  A CL  1 
HETATM 1077 CL CL  . CL  E 4 .   ? -8.244  1.002   -11.272 0.50 37.40 ? 203  CL  A CL  1 
HETATM 1078 C  C1  . GOL F 5 .   ? 8.509   -6.480  14.404  1.00 52.68 ? 204  GOL A C1  1 
HETATM 1079 O  O1  A GOL F 5 .   ? 8.999   -5.127  14.264  0.50 50.85 ? 204  GOL A O1  1 
HETATM 1080 O  O1  B GOL F 5 .   ? 9.703   -7.291  14.203  0.50 51.47 ? 204  GOL A O1  1 
HETATM 1081 C  C2  . GOL F 5 .   ? 7.504   -6.779  13.271  1.00 51.86 ? 204  GOL A C2  1 
HETATM 1082 O  O2  . GOL F 5 .   ? 6.563   -7.808  13.450  1.00 50.67 ? 204  GOL A O2  1 
HETATM 1083 C  C3  . GOL F 5 .   ? 8.237   -7.117  11.951  1.00 50.73 ? 204  GOL A C3  1 
HETATM 1084 O  O3  . GOL F 5 .   ? 8.438   -5.958  11.144  1.00 51.70 ? 204  GOL A O3  1 
HETATM 1085 O  O   . HOH G 6 .   ? 1.286   -1.173  13.316  1.00 28.91 ? 2001 HOH A O   1 
HETATM 1086 O  O   . HOH G 6 .   ? 15.479  -4.150  -2.264  1.00 25.43 ? 2002 HOH A O   1 
HETATM 1087 O  O   . HOH G 6 .   ? 8.961   -4.128  -17.251 1.00 31.36 ? 2003 HOH A O   1 
HETATM 1088 O  O   . HOH G 6 .   ? 10.905  -0.547  -7.677  1.00 38.87 ? 2004 HOH A O   1 
HETATM 1089 O  O   . HOH G 6 .   ? 12.139  2.057   6.792   1.00 41.28 ? 2005 HOH A O   1 
HETATM 1090 O  O   . HOH G 6 .   ? 18.303  4.803   -0.347  1.00 36.61 ? 2006 HOH A O   1 
HETATM 1091 O  O   . HOH G 6 .   ? 16.244  -2.568  -0.557  1.00 51.48 ? 2007 HOH A O   1 
HETATM 1092 O  O   . HOH G 6 .   ? 15.312  0.095   0.451   1.00 47.44 ? 2008 HOH A O   1 
HETATM 1093 O  O   . HOH G 6 .   ? 18.384  -4.264  -3.496  1.00 26.98 ? 2009 HOH A O   1 
HETATM 1094 O  O   . HOH G 6 .   ? 9.342   9.606   12.568  1.00 55.22 ? 2010 HOH A O   1 
HETATM 1095 O  O   . HOH G 6 .   ? 15.203  2.504   -2.767  1.00 19.36 ? 2011 HOH A O   1 
HETATM 1096 O  O   . HOH G 6 .   ? 3.129   14.584  15.519  1.00 49.83 ? 2012 HOH A O   1 
HETATM 1097 O  O   . HOH G 6 .   ? -1.237  16.259  15.108  1.00 52.32 ? 2013 HOH A O   1 
HETATM 1098 O  O   . HOH G 6 .   ? 6.679   11.725  12.385  1.00 51.17 ? 2014 HOH A O   1 
HETATM 1099 O  O   . HOH G 6 .   ? 6.778   2.827   14.143  1.00 40.71 ? 2015 HOH A O   1 
HETATM 1100 O  O   . HOH G 6 .   ? 3.235   1.698   15.804  1.00 33.22 ? 2016 HOH A O   1 
HETATM 1101 O  O   . HOH G 6 .   ? 3.184   -3.598  -23.684 1.00 52.21 ? 2017 HOH A O   1 
HETATM 1102 O  O   . HOH G 6 .   ? 12.134  3.912   -13.267 1.00 46.93 ? 2018 HOH A O   1 
HETATM 1103 O  O   . HOH G 6 .   ? 4.913   6.055   -13.832 1.00 52.13 ? 2019 HOH A O   1 
HETATM 1104 O  O   . HOH G 6 .   ? 11.023  6.130   -15.240 1.00 51.77 ? 2020 HOH A O   1 
HETATM 1105 O  O   . HOH G 6 .   ? -7.760  -12.588 -15.324 1.00 47.10 ? 2021 HOH A O   1 
HETATM 1106 O  O   . HOH G 6 .   ? -11.456 -10.237 -17.992 1.00 49.95 ? 2022 HOH A O   1 
HETATM 1107 O  O   . HOH G 6 .   ? -10.213 -14.331 -15.331 1.00 46.59 ? 2023 HOH A O   1 
HETATM 1108 O  O   . HOH G 6 .   ? 10.377  6.816   -7.218  1.00 49.34 ? 2024 HOH A O   1 
HETATM 1109 O  O   . HOH G 6 .   ? 8.532   -3.434  -14.143 1.00 42.65 ? 2025 HOH A O   1 
HETATM 1110 O  O   . HOH G 6 .   ? 6.464   8.111   -10.650 1.00 37.81 ? 2026 HOH A O   1 
HETATM 1111 O  O   . HOH G 6 .   ? 11.164  3.290   9.090   1.00 49.16 ? 2027 HOH A O   1 
HETATM 1112 O  O   . HOH G 6 .   ? 12.056  3.672   -9.674  1.00 35.31 ? 2028 HOH A O   1 
HETATM 1113 O  O   . HOH G 6 .   ? 6.184   -17.051 -2.669  0.33 19.21 ? 2029 HOH A O   1 
HETATM 1114 O  O   . HOH G 6 .   ? 5.505   -16.670 8.551   1.00 42.84 ? 2030 HOH A O   1 
HETATM 1115 O  O   . HOH G 6 .   ? 7.261   -17.578 7.437   1.00 38.52 ? 2031 HOH A O   1 
HETATM 1116 O  O   . HOH G 6 .   ? 0.024   -4.828  15.258  1.00 39.34 ? 2032 HOH A O   1 
HETATM 1117 O  O   . HOH G 6 .   ? 13.397  4.246   6.325   1.00 47.99 ? 2033 HOH A O   1 
HETATM 1118 O  O   . HOH G 6 .   ? 13.265  2.110   3.318   1.00 24.71 ? 2034 HOH A O   1 
HETATM 1119 O  O   . HOH G 6 .   ? 16.021  3.495   -0.132  1.00 27.54 ? 2035 HOH A O   1 
HETATM 1120 O  O   . HOH G 6 .   ? 19.025  5.791   2.003   1.00 24.84 ? 2036 HOH A O   1 
HETATM 1121 O  O   . HOH G 6 .   ? 16.392  11.258  -5.549  1.00 59.18 ? 2037 HOH A O   1 
HETATM 1122 O  O   . HOH G 6 .   ? 10.109  12.972  7.680   1.00 43.71 ? 2038 HOH A O   1 
HETATM 1123 O  O   . HOH G 6 .   ? 5.581   14.781  3.018   1.00 32.18 ? 2039 HOH A O   1 
HETATM 1124 O  O   . HOH G 6 .   ? 10.133  10.734  10.261  1.00 46.73 ? 2040 HOH A O   1 
HETATM 1125 O  O   . HOH G 6 .   ? 5.224   15.813  0.693   1.00 40.48 ? 2041 HOH A O   1 
HETATM 1126 O  O   . HOH G 6 .   ? 5.135   17.181  9.360   1.00 42.73 ? 2042 HOH A O   1 
HETATM 1127 O  O   . HOH G 6 .   ? -12.684 -14.610 3.257   1.00 47.34 ? 2043 HOH A O   1 
HETATM 1128 O  O   . HOH G 6 .   ? -2.221  14.191  1.062   1.00 25.87 ? 2044 HOH A O   1 
HETATM 1129 O  O   . HOH G 6 .   ? 4.111   16.501  4.296   1.00 49.78 ? 2045 HOH A O   1 
HETATM 1130 O  O   . HOH G 6 .   ? -14.247 1.396   8.494   1.00 43.73 ? 2046 HOH A O   1 
HETATM 1131 O  O   . HOH G 6 .   ? 0.594   14.665  14.808  1.00 41.06 ? 2047 HOH A O   1 
HETATM 1132 O  O   . HOH G 6 .   ? 0.118   17.828  13.788  1.00 49.32 ? 2048 HOH A O   1 
HETATM 1133 O  O   . HOH G 6 .   ? -7.188  15.055  9.908   1.00 50.71 ? 2049 HOH A O   1 
HETATM 1134 O  O   . HOH G 6 .   ? 1.481   11.962  14.982  1.00 38.28 ? 2050 HOH A O   1 
HETATM 1135 O  O   . HOH G 6 .   ? 3.587   10.980  12.973  1.00 58.98 ? 2051 HOH A O   1 
HETATM 1136 O  O   . HOH G 6 .   ? 4.176   -1.785  -21.368 1.00 52.27 ? 2052 HOH A O   1 
HETATM 1137 O  O   . HOH G 6 .   ? 7.636   4.077   17.233  1.00 55.40 ? 2053 HOH A O   1 
HETATM 1138 O  O   . HOH G 6 .   ? 3.198   3.148   17.986  1.00 20.50 ? 2054 HOH A O   1 
HETATM 1139 O  O   . HOH G 6 .   ? 2.290   -5.904  -24.120 1.00 48.90 ? 2055 HOH A O   1 
HETATM 1140 O  O   . HOH G 6 .   ? 4.266   8.827   11.426  1.00 26.07 ? 2056 HOH A O   1 
HETATM 1141 O  O   . HOH G 6 .   ? -9.229  -10.643 -16.171 1.00 52.10 ? 2057 HOH A O   1 
HETATM 1142 O  O   . HOH G 6 .   ? 3.485   -1.028  7.822   1.00 49.80 ? 2058 HOH A O   1 
HETATM 1143 O  O   . HOH G 6 .   ? 7.716   3.820   9.540   1.00 33.48 ? 2059 HOH A O   1 
HETATM 1144 O  O   . HOH G 6 .   ? 10.147  0.764   5.835   1.00 37.02 ? 2060 HOH A O   1 
HETATM 1145 O  O   . HOH G 6 .   ? -16.702 -1.167  -2.329  1.00 41.99 ? 2061 HOH A O   1 
HETATM 1146 O  O   . HOH G 6 .   ? 12.471  -6.064  4.368   1.00 38.42 ? 2062 HOH A O   1 
HETATM 1147 O  O   . HOH G 6 .   ? 13.129  -1.968  2.081   1.00 31.81 ? 2063 HOH A O   1 
HETATM 1148 O  O   . HOH G 6 .   ? 12.346  -2.131  4.764   1.00 39.00 ? 2064 HOH A O   1 
HETATM 1149 O  O   . HOH G 6 .   ? 13.685  -5.846  0.992   1.00 27.02 ? 2065 HOH A O   1 
HETATM 1150 O  O   . HOH G 6 .   ? 10.660  -2.647  6.229   1.00 20.29 ? 2066 HOH A O   1 
HETATM 1151 O  O   . HOH G 6 .   ? 11.766  -9.105  4.791   1.00 27.39 ? 2067 HOH A O   1 
HETATM 1152 O  O   . HOH G 6 .   ? 13.013  -4.701  -3.069  1.00 18.59 ? 2068 HOH A O   1 
HETATM 1153 O  O   . HOH G 6 .   ? 15.254  -6.486  -1.182  1.00 39.63 ? 2069 HOH A O   1 
HETATM 1154 O  O   . HOH G 6 .   ? 12.776  -8.155  1.521   1.00 24.48 ? 2070 HOH A O   1 
HETATM 1155 O  O   . HOH G 6 .   ? 9.639   -14.324 5.767   1.00 29.05 ? 2071 HOH A O   1 
HETATM 1156 O  O   . HOH G 6 .   ? 0.944   -16.455 -3.946  1.00 20.44 ? 2072 HOH A O   1 
HETATM 1157 O  O   . HOH G 6 .   ? 3.544   -17.864 -3.683  1.00 38.13 ? 2073 HOH A O   1 
HETATM 1158 O  O   . HOH G 6 .   ? 7.979   -13.908 -1.953  1.00 25.68 ? 2074 HOH A O   1 
HETATM 1159 O  O   . HOH G 6 .   ? 3.443   -15.046 7.845   1.00 23.70 ? 2075 HOH A O   1 
HETATM 1160 O  O   . HOH G 6 .   ? 7.917   -14.174 7.433   1.00 33.57 ? 2076 HOH A O   1 
HETATM 1161 O  O   . HOH G 6 .   ? 11.172  -10.566 6.568   1.00 49.42 ? 2077 HOH A O   1 
HETATM 1162 O  O   . HOH G 6 .   ? 6.892   -10.072 11.581  1.00 29.70 ? 2078 HOH A O   1 
HETATM 1163 O  O   . HOH G 6 .   ? 0.935   -4.546  10.616  1.00 31.26 ? 2079 HOH A O   1 
HETATM 1164 O  O   . HOH G 6 .   ? 1.033   -14.238 11.008  0.50 18.75 ? 2080 HOH A O   1 
HETATM 1165 O  O   . HOH G 6 .   ? -1.970  -7.127  15.850  1.00 36.16 ? 2081 HOH A O   1 
HETATM 1166 O  O   . HOH G 6 .   ? 2.198   -6.046  16.195  1.00 46.72 ? 2082 HOH A O   1 
HETATM 1167 O  O   . HOH G 6 .   ? -9.810  -7.343  15.145  1.00 45.45 ? 2083 HOH A O   1 
HETATM 1168 O  O   . HOH G 6 .   ? -1.258  -10.411 15.398  1.00 53.03 ? 2084 HOH A O   1 
HETATM 1169 O  O   . HOH G 6 .   ? -9.097  -10.473 14.568  1.00 39.98 ? 2085 HOH A O   1 
HETATM 1170 O  O   . HOH G 6 .   ? -6.619  -0.772  17.454  1.00 49.57 ? 2086 HOH A O   1 
HETATM 1171 O  O   . HOH G 6 .   ? -7.970  0.683   15.524  1.00 44.19 ? 2087 HOH A O   1 
HETATM 1172 O  O   . HOH G 6 .   ? -10.828 0.319   13.195  1.00 53.59 ? 2088 HOH A O   1 
HETATM 1173 O  O   . HOH G 6 .   ? -0.274  -3.825  12.914  1.00 25.84 ? 2089 HOH A O   1 
HETATM 1174 O  O   . HOH G 6 .   ? -7.948  -4.029  9.890   1.00 24.41 ? 2090 HOH A O   1 
HETATM 1175 O  O   . HOH G 6 .   ? -3.788  0.024   17.110  1.00 32.88 ? 2091 HOH A O   1 
HETATM 1176 O  O   . HOH G 6 .   ? -7.182  -2.500  7.468   1.00 42.91 ? 2092 HOH A O   1 
HETATM 1177 O  O   . HOH G 6 .   ? -1.360  -2.700  -4.497  1.00 30.43 ? 2093 HOH A O   1 
HETATM 1178 O  O   . HOH G 6 .   ? 6.992   -6.477  -8.129  1.00 20.76 ? 2094 HOH A O   1 
HETATM 1179 O  O   . HOH G 6 .   ? -2.858  -10.131 -4.420  1.00 18.02 ? 2095 HOH A O   1 
HETATM 1180 O  O   . HOH G 6 .   ? -4.284  -11.670 -12.536 1.00 28.34 ? 2096 HOH A O   1 
HETATM 1181 O  O   . HOH G 6 .   ? -2.312  -14.626 -12.253 1.00 44.85 ? 2097 HOH A O   1 
HETATM 1182 O  O   . HOH G 6 .   ? 1.887   -14.913 -6.297  1.00 20.16 ? 2098 HOH A O   1 
HETATM 1183 O  O   . HOH G 6 .   ? -1.911  -16.374 -9.999  1.00 35.81 ? 2099 HOH A O   1 
HETATM 1184 O  O   . HOH G 6 .   ? 1.689   -16.964 -8.126  0.33 21.25 ? 2100 HOH A O   1 
HETATM 1185 O  O   . HOH G 6 .   ? -1.665  -17.308 -3.923  1.00 14.81 ? 2101 HOH A O   1 
HETATM 1186 O  O   . HOH G 6 .   ? -14.002 -11.139 -7.396  1.00 29.70 ? 2102 HOH A O   1 
HETATM 1187 O  O   . HOH G 6 .   ? -10.599 -13.054 -0.891  1.00 29.44 ? 2103 HOH A O   1 
HETATM 1188 O  O   . HOH G 6 .   ? -10.049 -14.305 4.082   1.00 27.52 ? 2104 HOH A O   1 
HETATM 1189 O  O   . HOH G 6 .   ? -10.680 -5.790  3.381   1.00 32.15 ? 2105 HOH A O   1 
HETATM 1190 O  O   . HOH G 6 .   ? -10.533 -9.231  11.280  1.00 50.70 ? 2106 HOH A O   1 
HETATM 1191 O  O   . HOH G 6 .   ? -9.644  -11.189 12.085  1.00 43.64 ? 2107 HOH A O   1 
HETATM 1192 O  O   . HOH G 6 .   ? -5.128  -11.217 7.704   1.00 22.07 ? 2108 HOH A O   1 
HETATM 1193 O  O   . HOH G 6 .   ? -12.767 -6.832  4.758   1.00 29.54 ? 2109 HOH A O   1 
HETATM 1194 O  O   . HOH G 6 .   ? -13.675 -0.435  7.125   1.00 40.45 ? 2110 HOH A O   1 
HETATM 1195 O  O   . HOH G 6 .   ? -9.502  -6.004  11.520  1.00 34.46 ? 2111 HOH A O   1 
HETATM 1196 O  O   . HOH G 6 .   ? -12.631 -1.671  12.174  1.00 37.15 ? 2112 HOH A O   1 
HETATM 1197 O  O   . HOH G 6 .   ? -11.223 -3.393  4.641   1.00 20.54 ? 2113 HOH A O   1 
HETATM 1198 O  O   . HOH G 6 .   ? -4.707  -2.067  -9.580  1.00 19.08 ? 2114 HOH A O   1 
HETATM 1199 O  O   . HOH G 6 .   ? -0.300  6.541   -7.404  1.00 10.22 ? 2115 HOH A O   1 
HETATM 1200 O  O   . HOH G 6 .   ? 3.826   7.301   -12.002 1.00 30.50 ? 2116 HOH A O   1 
HETATM 1201 O  O   . HOH G 6 .   ? 2.677   5.362   -15.291 1.00 24.83 ? 2117 HOH A O   1 
HETATM 1202 O  O   . HOH G 6 .   ? -1.858  -2.186  -18.640 1.00 26.72 ? 2118 HOH A O   1 
HETATM 1203 O  O   . HOH G 6 .   ? -2.542  -0.636  -21.743 1.00 37.34 ? 2119 HOH A O   1 
HETATM 1204 O  O   . HOH G 6 .   ? 3.662   0.556   -22.507 1.00 46.54 ? 2120 HOH A O   1 
HETATM 1205 O  O   . HOH G 6 .   ? 2.858   3.076   -20.042 1.00 42.00 ? 2121 HOH A O   1 
HETATM 1206 O  O   . HOH G 6 .   ? 5.277   -1.236  -19.037 1.00 36.81 ? 2122 HOH A O   1 
HETATM 1207 O  O   . HOH G 6 .   ? 6.393   -3.083  -18.117 1.00 31.71 ? 2123 HOH A O   1 
HETATM 1208 O  O   . HOH G 6 .   ? -0.334  -6.469  -23.381 1.00 32.57 ? 2124 HOH A O   1 
HETATM 1209 O  O   . HOH G 6 .   ? -3.791  -3.101  -22.432 1.00 46.71 ? 2125 HOH A O   1 
HETATM 1210 O  O   . HOH G 6 .   ? -6.319  -8.252  -17.432 1.00 30.73 ? 2126 HOH A O   1 
HETATM 1211 O  O   . HOH G 6 .   ? -8.611  -4.654  -19.936 1.00 35.26 ? 2127 HOH A O   1 
HETATM 1212 O  O   . HOH G 6 .   ? -3.393  -10.792 -15.060 1.00 29.64 ? 2128 HOH A O   1 
HETATM 1213 O  O   . HOH G 6 .   ? -0.453  -9.259  -21.120 1.00 28.89 ? 2129 HOH A O   1 
HETATM 1214 O  O   . HOH G 6 .   ? -4.702  -4.085  -11.721 1.00 22.00 ? 2130 HOH A O   1 
HETATM 1215 O  O   . HOH G 6 .   ? -9.218  -3.772  -14.954 0.50 39.97 ? 2131 HOH A O   1 
HETATM 1216 O  O   . HOH G 6 .   ? -7.583  -3.357  -12.218 1.00 38.45 ? 2132 HOH A O   1 
HETATM 1217 O  O   . HOH G 6 .   ? -8.583  -7.569  -16.455 1.00 34.27 ? 2133 HOH A O   1 
HETATM 1218 O  O   . HOH G 6 .   ? -9.930  -6.676  -14.366 1.00 30.42 ? 2134 HOH A O   1 
HETATM 1219 O  O   . HOH G 6 .   ? -9.559  -1.113  -17.065 1.00 23.04 ? 2135 HOH A O   1 
HETATM 1220 O  O   . HOH G 6 .   ? -4.005  -16.203 -11.174 1.00 38.25 ? 2136 HOH A O   1 
HETATM 1221 O  O   . HOH G 6 .   ? -7.282  -1.811  -9.971  1.00 24.96 ? 2137 HOH A O   1 
HETATM 1222 O  O   . HOH G 6 .   ? -16.003 -7.640  -3.576  1.00 36.77 ? 2138 HOH A O   1 
HETATM 1223 O  O   . HOH G 6 .   ? -13.191 -6.817  1.983   1.00 35.14 ? 2139 HOH A O   1 
HETATM 1224 O  O   . HOH G 6 .   ? -14.424 -3.799  -1.673  1.00 28.37 ? 2140 HOH A O   1 
HETATM 1225 O  O   . HOH G 6 .   ? -15.495 0.929   -1.269  1.00 19.33 ? 2141 HOH A O   1 
HETATM 1226 O  O   . HOH G 6 .   ? -13.746 -0.326  3.721   0.50 24.80 ? 2142 HOH A O   1 
HETATM 1227 O  O   . HOH G 6 .   ? -7.643  3.509   -9.202  0.50 19.31 ? 2143 HOH A O   1 
HETATM 1228 O  O   . HOH G 6 .   ? 3.701   11.915  -7.399  1.00 25.70 ? 2144 HOH A O   1 
HETATM 1229 O  O   . HOH G 6 .   ? 6.418   9.676   -8.313  1.00 35.97 ? 2145 HOH A O   1 
HETATM 1230 O  O   . HOH G 6 .   ? -0.863  15.101  -1.049  1.00 27.48 ? 2146 HOH A O   1 
HETATM 1231 O  O   . HOH G 6 .   ? -7.671  17.405  3.614   1.00 37.91 ? 2147 HOH A O   1 
HETATM 1232 O  O   . HOH G 6 .   ? -14.914 5.485   0.255   1.00 43.46 ? 2148 HOH A O   1 
HETATM 1233 O  O   . HOH G 6 .   ? -13.556 4.102   4.158   1.00 37.55 ? 2149 HOH A O   1 
HETATM 1234 O  O   . HOH G 6 .   ? -15.599 10.534  7.584   1.00 46.47 ? 2150 HOH A O   1 
HETATM 1235 O  O   . HOH G 6 .   ? -16.257 7.563   1.288   1.00 49.02 ? 2151 HOH A O   1 
HETATM 1236 O  O   . HOH G 6 .   ? 8.672   -18.998 -0.011  1.00 20.31 ? 2152 HOH A O   1 
HETATM 1237 O  O   . HOH G 6 .   ? 9.486   -16.987 5.689   1.00 26.85 ? 2153 HOH A O   1 
# 
loop_
_pdbx_poly_seq_scheme.asym_id 
_pdbx_poly_seq_scheme.entity_id 
_pdbx_poly_seq_scheme.seq_id 
_pdbx_poly_seq_scheme.mon_id 
_pdbx_poly_seq_scheme.ndb_seq_num 
_pdbx_poly_seq_scheme.pdb_seq_num 
_pdbx_poly_seq_scheme.auth_seq_num 
_pdbx_poly_seq_scheme.pdb_mon_id 
_pdbx_poly_seq_scheme.auth_mon_id 
_pdbx_poly_seq_scheme.pdb_strand_id 
_pdbx_poly_seq_scheme.pdb_ins_code 
_pdbx_poly_seq_scheme.hetero 
A 1 1   SER 1   1   ?   ?   ?   A . n 
A 1 2   GLU 2   2   2   GLU GLU A . n 
A 1 3   LEU 3   3   3   LEU LEU A . n 
A 1 4   ILE 4   4   4   ILE ILE A . n 
A 1 5   VAL 5   5   5   VAL VAL A . n 
A 1 6   ASN 6   6   6   ASN ASN A . n 
A 1 7   VAL 7   7   7   VAL VAL A . n 
A 1 8   ILE 8   8   8   ILE ILE A . n 
A 1 9   ASN 9   9   9   ASN ASN A . n 
A 1 10  GLY 10  10  10  GLY GLY A . n 
A 1 11  PRO 11  11  11  PRO PRO A . n 
A 1 12  ASN 12  12  12  ASN ASN A . n 
A 1 13  LEU 13  13  13  LEU LEU A . n 
A 1 14  GLY 14  14  14  GLY GLY A . n 
A 1 15  ARG 15  15  15  ARG ARG A . n 
A 1 16  LEU 16  16  16  LEU LEU A . n 
A 1 17  GLY 17  17  17  GLY GLY A . n 
A 1 18  ARG 18  18  18  ARG ARG A . n 
A 1 19  ARG 19  19  ?   ?   ?   A . n 
A 1 20  GLU 20  20  ?   ?   ?   A . n 
A 1 21  PRO 21  21  ?   ?   ?   A . n 
A 1 22  ALA 22  22  ?   ?   ?   A . n 
A 1 23  VAL 23  23  23  VAL VAL A . n 
A 1 24  TYR 24  24  24  TYR TYR A . n 
A 1 25  GLY 25  25  25  GLY GLY A . n 
A 1 26  GLY 26  26  26  GLY GLY A . n 
A 1 27  THR 27  27  27  THR THR A . n 
A 1 28  THR 28  28  28  THR THR A . n 
A 1 29  HIS 29  29  29  HIS HIS A . n 
A 1 30  ASP 30  30  30  ASP ASP A . n 
A 1 31  GLU 31  31  31  GLU GLU A . n 
A 1 32  LEU 32  32  32  LEU LEU A . n 
A 1 33  VAL 33  33  33  VAL VAL A . n 
A 1 34  ALA 34  34  34  ALA ALA A . n 
A 1 35  LEU 35  35  35  LEU LEU A . n 
A 1 36  ILE 36  36  36  ILE ILE A . n 
A 1 37  GLU 37  37  37  GLU GLU A . n 
A 1 38  ARG 38  38  38  ARG ARG A . n 
A 1 39  GLU 39  39  39  GLU GLU A . n 
A 1 40  ALA 40  40  40  ALA ALA A . n 
A 1 41  ALA 41  41  41  ALA ALA A . n 
A 1 42  GLU 42  42  42  GLU GLU A . n 
A 1 43  LEU 43  43  43  LEU LEU A . n 
A 1 44  GLY 44  44  44  GLY GLY A . n 
A 1 45  LEU 45  45  45  LEU LEU A . n 
A 1 46  LYS 46  46  46  LYS LYS A . n 
A 1 47  ALA 47  47  47  ALA ALA A . n 
A 1 48  VAL 48  48  48  VAL VAL A . n 
A 1 49  VAL 49  49  49  VAL VAL A . n 
A 1 50  ARG 50  50  50  ARG ARG A . n 
A 1 51  GLN 51  51  51  GLN GLN A . n 
A 1 52  SER 52  52  52  SER SER A . n 
A 1 53  ASP 53  53  53  ASP ASP A . n 
A 1 54  SER 54  54  54  SER SER A . n 
A 1 55  GLU 55  55  55  GLU GLU A . n 
A 1 56  ALA 56  56  56  ALA ALA A . n 
A 1 57  GLN 57  57  57  GLN GLN A . n 
A 1 58  LEU 58  58  58  LEU LEU A . n 
A 1 59  LEU 59  59  59  LEU LEU A . n 
A 1 60  ASP 60  60  60  ASP ASP A . n 
A 1 61  TRP 61  61  61  TRP TRP A . n 
A 1 62  ILE 62  62  62  ILE ILE A . n 
A 1 63  HIS 63  63  63  HIS HIS A . n 
A 1 64  GLN 64  64  64  GLN GLN A . n 
A 1 65  ALA 65  65  65  ALA ALA A . n 
A 1 66  ALA 66  66  66  ALA ALA A . n 
A 1 67  ASP 67  67  67  ASP ASP A . n 
A 1 68  ALA 68  68  68  ALA ALA A . n 
A 1 69  ALA 69  69  69  ALA ALA A . n 
A 1 70  GLU 70  70  70  GLU GLU A . n 
A 1 71  PRO 71  71  71  PRO PRO A . n 
A 1 72  VAL 72  72  72  VAL VAL A . n 
A 1 73  ILE 73  73  73  ILE ILE A . n 
A 1 74  LEU 74  74  74  LEU LEU A . n 
A 1 75  ASN 75  75  75  ASN ASN A . n 
A 1 76  ALA 76  76  76  ALA ALA A . n 
A 1 77  GLY 77  77  77  GLY GLY A . n 
A 1 78  GLY 78  78  78  GLY GLY A . n 
A 1 79  LEU 79  79  79  LEU LEU A . n 
A 1 80  THR 80  80  80  THR THR A . n 
A 1 81  HIS 81  81  81  HIS HIS A . n 
A 1 82  THR 82  82  82  THR THR A . n 
A 1 83  SER 83  83  83  SER SER A . n 
A 1 84  VAL 84  84  84  VAL VAL A . n 
A 1 85  ALA 85  85  85  ALA ALA A . n 
A 1 86  LEU 86  86  86  LEU LEU A . n 
A 1 87  ARG 87  87  87  ARG ARG A . n 
A 1 88  ASP 88  88  88  ASP ASP A . n 
A 1 89  ALA 89  89  89  ALA ALA A . n 
A 1 90  CYS 90  90  90  CYS CYS A . n 
A 1 91  ALA 91  91  91  ALA ALA A . n 
A 1 92  GLU 92  92  92  GLU GLU A . n 
A 1 93  LEU 93  93  93  LEU LEU A . n 
A 1 94  SER 94  94  94  SER SER A . n 
A 1 95  ALA 95  95  95  ALA ALA A . n 
A 1 96  PRO 96  96  96  PRO PRO A . n 
A 1 97  LEU 97  97  97  LEU LEU A . n 
A 1 98  ILE 98  98  98  ILE ILE A . n 
A 1 99  GLU 99  99  99  GLU GLU A . n 
A 1 100 VAL 100 100 100 VAL VAL A . n 
A 1 101 HIS 101 101 101 HIS HIS A . n 
A 1 102 ILE 102 102 102 ILE ILE A . n 
A 1 103 SER 103 103 103 SER SER A . n 
A 1 104 ASN 104 104 104 ASN ASN A . n 
A 1 105 VAL 105 105 105 VAL VAL A . n 
A 1 106 HIS 106 106 106 HIS HIS A . n 
A 1 107 ALA 107 107 107 ALA ALA A . n 
A 1 108 ARG 108 108 108 ARG ARG A . n 
A 1 109 GLU 109 109 109 GLU GLU A . n 
A 1 110 GLU 110 110 110 GLU GLU A . n 
A 1 111 PHE 111 111 111 PHE PHE A . n 
A 1 112 ARG 112 112 112 ARG ARG A . n 
A 1 113 ARG 113 113 113 ARG ARG A . n 
A 1 114 HIS 114 114 114 HIS HIS A . n 
A 1 115 SER 115 115 115 SER SER A . n 
A 1 116 TYR 116 116 116 TYR TYR A . n 
A 1 117 LEU 117 117 117 LEU LEU A . n 
A 1 118 SER 118 118 118 SER SER A . n 
A 1 119 PRO 119 119 119 PRO PRO A . n 
A 1 120 ILE 120 120 120 ILE ILE A . n 
A 1 121 ALA 121 121 121 ALA ALA A . n 
A 1 122 THR 122 122 122 THR THR A . n 
A 1 123 GLY 123 123 123 GLY GLY A . n 
A 1 124 VAL 124 124 124 VAL VAL A . n 
A 1 125 ILE 125 125 125 ILE ILE A . n 
A 1 126 VAL 126 126 126 VAL VAL A . n 
A 1 127 GLY 127 127 127 GLY GLY A . n 
A 1 128 LEU 128 128 128 LEU LEU A . n 
A 1 129 GLY 129 129 129 GLY GLY A . n 
A 1 130 ILE 130 130 130 ILE ILE A . n 
A 1 131 GLN 131 131 131 GLN GLN A . n 
A 1 132 GLY 132 132 132 GLY GLY A . n 
A 1 133 TYR 133 133 133 TYR TYR A . n 
A 1 134 LEU 134 134 134 LEU LEU A . n 
A 1 135 LEU 135 135 135 LEU LEU A . n 
A 1 136 ALA 136 136 136 ALA ALA A . n 
A 1 137 LEU 137 137 137 LEU LEU A . n 
A 1 138 ARG 138 138 138 ARG ARG A . n 
A 1 139 TYR 139 139 139 TYR TYR A . n 
A 1 140 LEU 140 140 140 LEU LEU A . n 
A 1 141 ALA 141 141 141 ALA ALA A . n 
A 1 142 GLU 142 142 142 GLU GLU A . n 
A 1 143 HIS 143 143 143 HIS HIS A . n 
A 1 144 VAL 144 144 144 VAL VAL A . n 
A 1 145 GLY 145 145 ?   ?   ?   A . n 
A 1 146 THR 146 146 ?   ?   ?   A . n 
# 
loop_
_pdbx_nonpoly_scheme.asym_id 
_pdbx_nonpoly_scheme.entity_id 
_pdbx_nonpoly_scheme.mon_id 
_pdbx_nonpoly_scheme.ndb_seq_num 
_pdbx_nonpoly_scheme.pdb_seq_num 
_pdbx_nonpoly_scheme.auth_seq_num 
_pdbx_nonpoly_scheme.pdb_mon_id 
_pdbx_nonpoly_scheme.auth_mon_id 
_pdbx_nonpoly_scheme.pdb_strand_id 
_pdbx_nonpoly_scheme.pdb_ins_code 
B 2 FA1 1   200  200  FA1 FA1 A . 
C 3 PO4 1   201  201  PO4 PO4 A . 
D 4 CL  1   202  202  CL  CL  A . 
E 4 CL  1   203  203  CL  CL  A . 
F 5 GOL 1   204  204  GOL GOL A . 
G 6 HOH 1   2001 2001 HOH HOH A . 
G 6 HOH 2   2002 2002 HOH HOH A . 
G 6 HOH 3   2003 2003 HOH HOH A . 
G 6 HOH 4   2004 2004 HOH HOH A . 
G 6 HOH 5   2005 2005 HOH HOH A . 
G 6 HOH 6   2006 2006 HOH HOH A . 
G 6 HOH 7   2007 2007 HOH HOH A . 
G 6 HOH 8   2008 2008 HOH HOH A . 
G 6 HOH 9   2009 2009 HOH HOH A . 
G 6 HOH 10  2010 2010 HOH HOH A . 
G 6 HOH 11  2011 2011 HOH HOH A . 
G 6 HOH 12  2012 2012 HOH HOH A . 
G 6 HOH 13  2013 2013 HOH HOH A . 
G 6 HOH 14  2014 2014 HOH HOH A . 
G 6 HOH 15  2015 2015 HOH HOH A . 
G 6 HOH 16  2016 2016 HOH HOH A . 
G 6 HOH 17  2017 2017 HOH HOH A . 
G 6 HOH 18  2018 2018 HOH HOH A . 
G 6 HOH 19  2019 2019 HOH HOH A . 
G 6 HOH 20  2020 2020 HOH HOH A . 
G 6 HOH 21  2021 2021 HOH HOH A . 
G 6 HOH 22  2022 2022 HOH HOH A . 
G 6 HOH 23  2023 2023 HOH HOH A . 
G 6 HOH 24  2024 2024 HOH HOH A . 
G 6 HOH 25  2025 2025 HOH HOH A . 
G 6 HOH 26  2026 2026 HOH HOH A . 
G 6 HOH 27  2027 2027 HOH HOH A . 
G 6 HOH 28  2028 2028 HOH HOH A . 
G 6 HOH 29  2029 2029 HOH HOH A . 
G 6 HOH 30  2030 2030 HOH HOH A . 
G 6 HOH 31  2031 2031 HOH HOH A . 
G 6 HOH 32  2032 2032 HOH HOH A . 
G 6 HOH 33  2033 2033 HOH HOH A . 
G 6 HOH 34  2034 2034 HOH HOH A . 
G 6 HOH 35  2035 2035 HOH HOH A . 
G 6 HOH 36  2036 2036 HOH HOH A . 
G 6 HOH 37  2037 2037 HOH HOH A . 
G 6 HOH 38  2038 2038 HOH HOH A . 
G 6 HOH 39  2039 2039 HOH HOH A . 
G 6 HOH 40  2040 2040 HOH HOH A . 
G 6 HOH 41  2041 2041 HOH HOH A . 
G 6 HOH 42  2042 2042 HOH HOH A . 
G 6 HOH 43  2043 2043 HOH HOH A . 
G 6 HOH 44  2044 2044 HOH HOH A . 
G 6 HOH 45  2045 2045 HOH HOH A . 
G 6 HOH 46  2046 2046 HOH HOH A . 
G 6 HOH 47  2047 2047 HOH HOH A . 
G 6 HOH 48  2048 2048 HOH HOH A . 
G 6 HOH 49  2049 2049 HOH HOH A . 
G 6 HOH 50  2050 2050 HOH HOH A . 
G 6 HOH 51  2051 2051 HOH HOH A . 
G 6 HOH 52  2052 2052 HOH HOH A . 
G 6 HOH 53  2053 2053 HOH HOH A . 
G 6 HOH 54  2054 2054 HOH HOH A . 
G 6 HOH 55  2055 2055 HOH HOH A . 
G 6 HOH 56  2056 2056 HOH HOH A . 
G 6 HOH 57  2057 2057 HOH HOH A . 
G 6 HOH 58  2058 2058 HOH HOH A . 
G 6 HOH 59  2059 2059 HOH HOH A . 
G 6 HOH 60  2060 2060 HOH HOH A . 
G 6 HOH 61  2061 2061 HOH HOH A . 
G 6 HOH 62  2062 2062 HOH HOH A . 
G 6 HOH 63  2063 2063 HOH HOH A . 
G 6 HOH 64  2064 2064 HOH HOH A . 
G 6 HOH 65  2065 2065 HOH HOH A . 
G 6 HOH 66  2066 2066 HOH HOH A . 
G 6 HOH 67  2067 2067 HOH HOH A . 
G 6 HOH 68  2068 2068 HOH HOH A . 
G 6 HOH 69  2069 2069 HOH HOH A . 
G 6 HOH 70  2070 2070 HOH HOH A . 
G 6 HOH 71  2071 2071 HOH HOH A . 
G 6 HOH 72  2072 2072 HOH HOH A . 
G 6 HOH 73  2073 2073 HOH HOH A . 
G 6 HOH 74  2074 2074 HOH HOH A . 
G 6 HOH 75  2075 2075 HOH HOH A . 
G 6 HOH 76  2076 2076 HOH HOH A . 
G 6 HOH 77  2077 2077 HOH HOH A . 
G 6 HOH 78  2078 2078 HOH HOH A . 
G 6 HOH 79  2079 2079 HOH HOH A . 
G 6 HOH 80  2080 2080 HOH HOH A . 
G 6 HOH 81  2081 2081 HOH HOH A . 
G 6 HOH 82  2082 2082 HOH HOH A . 
G 6 HOH 83  2083 2083 HOH HOH A . 
G 6 HOH 84  2084 2084 HOH HOH A . 
G 6 HOH 85  2085 2085 HOH HOH A . 
G 6 HOH 86  2086 2086 HOH HOH A . 
G 6 HOH 87  2087 2087 HOH HOH A . 
G 6 HOH 88  2088 2088 HOH HOH A . 
G 6 HOH 89  2089 2089 HOH HOH A . 
G 6 HOH 90  2090 2090 HOH HOH A . 
G 6 HOH 91  2091 2091 HOH HOH A . 
G 6 HOH 92  2092 2092 HOH HOH A . 
G 6 HOH 93  2093 2093 HOH HOH A . 
G 6 HOH 94  2094 2094 HOH HOH A . 
G 6 HOH 95  2095 2095 HOH HOH A . 
G 6 HOH 96  2096 2096 HOH HOH A . 
G 6 HOH 97  2097 2097 HOH HOH A . 
G 6 HOH 98  2098 2098 HOH HOH A . 
G 6 HOH 99  2099 2099 HOH HOH A . 
G 6 HOH 100 2100 2100 HOH HOH A . 
G 6 HOH 101 2101 2101 HOH HOH A . 
G 6 HOH 102 2102 2102 HOH HOH A . 
G 6 HOH 103 2103 2103 HOH HOH A . 
G 6 HOH 104 2104 2104 HOH HOH A . 
G 6 HOH 105 2105 2105 HOH HOH A . 
G 6 HOH 106 2106 2106 HOH HOH A . 
G 6 HOH 107 2107 2107 HOH HOH A . 
G 6 HOH 108 2108 2108 HOH HOH A . 
G 6 HOH 109 2109 2109 HOH HOH A . 
G 6 HOH 110 2110 2110 HOH HOH A . 
G 6 HOH 111 2111 2111 HOH HOH A . 
G 6 HOH 112 2112 2112 HOH HOH A . 
G 6 HOH 113 2113 2113 HOH HOH A . 
G 6 HOH 114 2114 2114 HOH HOH A . 
G 6 HOH 115 2115 2115 HOH HOH A . 
G 6 HOH 116 2116 2116 HOH HOH A . 
G 6 HOH 117 2117 2117 HOH HOH A . 
G 6 HOH 118 2118 2118 HOH HOH A . 
G 6 HOH 119 2119 2119 HOH HOH A . 
G 6 HOH 120 2120 2120 HOH HOH A . 
G 6 HOH 121 2121 2121 HOH HOH A . 
G 6 HOH 122 2122 2122 HOH HOH A . 
G 6 HOH 123 2123 2123 HOH HOH A . 
G 6 HOH 124 2124 2124 HOH HOH A . 
G 6 HOH 125 2125 2125 HOH HOH A . 
G 6 HOH 126 2126 2126 HOH HOH A . 
G 6 HOH 127 2127 2127 HOH HOH A . 
G 6 HOH 128 2128 2128 HOH HOH A . 
G 6 HOH 129 2129 2129 HOH HOH A . 
G 6 HOH 130 2130 2130 HOH HOH A . 
G 6 HOH 131 2131 2131 HOH HOH A . 
G 6 HOH 132 2132 2132 HOH HOH A . 
G 6 HOH 133 2133 2133 HOH HOH A . 
G 6 HOH 134 2134 2134 HOH HOH A . 
G 6 HOH 135 2135 2135 HOH HOH A . 
G 6 HOH 136 2136 2136 HOH HOH A . 
G 6 HOH 137 2137 2137 HOH HOH A . 
G 6 HOH 138 2138 2138 HOH HOH A . 
G 6 HOH 139 2139 2139 HOH HOH A . 
G 6 HOH 140 2140 2140 HOH HOH A . 
G 6 HOH 141 2141 2141 HOH HOH A . 
G 6 HOH 142 2142 2142 HOH HOH A . 
G 6 HOH 143 2143 2143 HOH HOH A . 
G 6 HOH 144 2144 2144 HOH HOH A . 
G 6 HOH 145 2145 2145 HOH HOH A . 
G 6 HOH 146 2146 2146 HOH HOH A . 
G 6 HOH 147 2147 2147 HOH HOH A . 
G 6 HOH 148 2148 2148 HOH HOH A . 
G 6 HOH 149 2149 2149 HOH HOH A . 
G 6 HOH 150 2150 2150 HOH HOH A . 
G 6 HOH 151 2151 2151 HOH HOH A . 
G 6 HOH 152 2152 2152 HOH HOH A . 
G 6 HOH 153 2153 2153 HOH HOH A . 
# 
_pdbx_struct_assembly.id                   1 
_pdbx_struct_assembly.details              author_and_software_defined_assembly 
_pdbx_struct_assembly.method_details       PQS 
_pdbx_struct_assembly.oligomeric_details   dodecameric 
_pdbx_struct_assembly.oligomeric_count     12 
# 
_pdbx_struct_assembly_gen.assembly_id       1 
_pdbx_struct_assembly_gen.oper_expression   1,2,3,4,5,6,7,8,9,10,11,12 
_pdbx_struct_assembly_gen.asym_id_list      A,B,C,D,E,F,G 
# 
loop_
_pdbx_struct_oper_list.id 
_pdbx_struct_oper_list.type 
_pdbx_struct_oper_list.name 
_pdbx_struct_oper_list.symmetry_operation 
_pdbx_struct_oper_list.matrix[1][1] 
_pdbx_struct_oper_list.matrix[1][2] 
_pdbx_struct_oper_list.matrix[1][3] 
_pdbx_struct_oper_list.vector[1] 
_pdbx_struct_oper_list.matrix[2][1] 
_pdbx_struct_oper_list.matrix[2][2] 
_pdbx_struct_oper_list.matrix[2][3] 
_pdbx_struct_oper_list.vector[2] 
_pdbx_struct_oper_list.matrix[3][1] 
_pdbx_struct_oper_list.matrix[3][2] 
_pdbx_struct_oper_list.matrix[3][3] 
_pdbx_struct_oper_list.vector[3] 
1  'identity operation'         1_555  x,y,z             1.0000000000  0.0000000000  0.0000000000  0.0000000000   0.0000000000  1.0000000000  0.0000000000  0.0000000000   0.0000000000  0.0000000000  1.0000000000  0.0000000000   
2  'crystal symmetry operation' 27_555 -x+1/2,y,-z+1/2   -0.9367848337 0.2776291493  0.2129700233  -13.8252419840 0.2776291493  0.2192951317  0.9353243826  13.5219638438  0.2129700233  0.9353243826  -0.2825102980 -13.5236231947 
3  'crystal symmetry operation' 17_554 z,x+1/2,y-1/2     0.1128311581  0.6698082908  0.7339114275  18.8544615720  -0.6622167326 -0.4999764895 0.5581151395  -19.7851854798 0.7407686068  -0.5489812051 0.3871453314  -15.5688028059 
4  'crystal symmetry operation' 45_455 y-1/2,z+1/2,x     0.1128311581  -0.6622167326 0.7407686068  -3.6965712529  0.6698082908  -0.4999764895 -0.5489812051 -31.0679823860 0.7339114275  0.5581151395  0.3871453314  3.2322960704   
5  'crystal symmetry operation' 31_564 -z+1/2,-x+1,y-1/2 0.2365609221  0.8646561686  0.4431801443  16.4265253940  0.6004083385  0.2285256200  -0.7663457888 -24.9382817669 -0.7639036308 0.4473765205  -0.4650865422 -38.4690196388 
6  'crystal symmetry operation' 35_465 y-1/2,-z+1,-x+1/2 -0.1317876783 0.5789632527  -0.8046325620 -24.2288355452 -0.8831908358 -0.4371596108 -0.1698982702 -39.6646931447 -0.4501177128 0.6882536064  0.5689472892  -4.6030018552  
7  'crystal symmetry operation' 44_556 -z+1/2,x+1/2,-y+1 -0.1317876783 -0.8831908358 -0.4501177128 -40.2964481427 0.5789632527  -0.4371596108 0.6882536064  -0.1441637569  -0.8046325620 -0.1698982702 0.5689472892  -23.6154073459 
8  'crystal symmetry operation' 22_655 -y+1,z+1/2,-x+1/2 0.2365609221  0.6004083385  -0.7639036308 -18.2993454489 0.8646561686  0.2285256200  0.4473765205  8.7058759485   0.4431801443  -0.7663457888 -0.4650865422 -44.2826804302 
9  'crystal symmetry operation' 6_566  z,-x+1,-y+1       -0.2176044019 -0.6512736235 -0.7269738589 -44.3297038062 -0.5171548586 0.7086104803  -0.4800229571 -23.3674097119 0.8277675860  0.2715029547  -0.4910060784 -22.4827544909 
10 'crystal symmetry operation' 12_665 -y+1,-z+1,x       -0.2176044019 -0.5171548586 0.8277675860  -3.1204127359  -0.6512736235 0.7086104803  0.2715029547  -6.2082411333  -0.7269738589 -0.4800229571 -0.4910060784 -54.4825980665 
11 'crystal symmetry operation' 16_565 x,-y+3/2,-z+1/2   -0.9943154518 0.0639876593  -0.0851020665 -25.6413509125 0.0639876593  -0.2797280594 -0.9579445664 -45.0223841682 -0.0851020665 -0.9579445664 0.2740435112  -35.5647823868 
12 'crystal symmetry operation' 38_565 -x+1/2,-y+3/2,z   0.9311002855  -0.3416168087 -0.1278679569 -9.8785720864  -0.3416168087 -0.9395670723 0.0226201838  -36.7346203912 -0.1278679569 0.0226201838  -0.9915332132 -51.0475787001   
# 
loop_
_pdbx_struct_special_symmetry.id 
_pdbx_struct_special_symmetry.PDB_model_num 
_pdbx_struct_special_symmetry.auth_asym_id 
_pdbx_struct_special_symmetry.auth_comp_id 
_pdbx_struct_special_symmetry.auth_seq_id 
_pdbx_struct_special_symmetry.PDB_ins_code 
_pdbx_struct_special_symmetry.label_asym_id 
_pdbx_struct_special_symmetry.label_comp_id 
_pdbx_struct_special_symmetry.label_seq_id 
1 1 A PO4 201  ? C PO4 . 
2 1 A CL  203  ? E CL  . 
3 1 A HOH 2029 ? G HOH . 
4 1 A HOH 2100 ? G HOH . 
5 1 A HOH 2131 ? G HOH . 
6 1 A HOH 2143 ? G HOH . 
# 
loop_
_pdbx_audit_revision_history.ordinal 
_pdbx_audit_revision_history.data_content_type 
_pdbx_audit_revision_history.major_revision 
_pdbx_audit_revision_history.minor_revision 
_pdbx_audit_revision_history.revision_date 
1 'Structure model' 1 0 2003-10-23 
2 'Structure model' 1 1 2011-07-13 
3 'Structure model' 1 2 2023-12-13 
# 
_pdbx_audit_revision_details.ordinal             1 
_pdbx_audit_revision_details.revision_ordinal    1 
_pdbx_audit_revision_details.data_content_type   'Structure model' 
_pdbx_audit_revision_details.provider            repository 
_pdbx_audit_revision_details.type                'Initial release' 
_pdbx_audit_revision_details.description         ? 
_pdbx_audit_revision_details.details             ? 
# 
loop_
_pdbx_audit_revision_group.ordinal 
_pdbx_audit_revision_group.revision_ordinal 
_pdbx_audit_revision_group.data_content_type 
_pdbx_audit_revision_group.group 
1 2 'Structure model' Advisory                    
2 2 'Structure model' 'Version format compliance' 
3 3 'Structure model' 'Data collection'           
4 3 'Structure model' 'Database references'       
5 3 'Structure model' 'Derived calculations'      
6 3 'Structure model' Other                       
7 3 'Structure model' 'Refinement description'    
# 
loop_
_pdbx_audit_revision_category.ordinal 
_pdbx_audit_revision_category.revision_ordinal 
_pdbx_audit_revision_category.data_content_type 
_pdbx_audit_revision_category.category 
1 3 'Structure model' chem_comp_atom                
2 3 'Structure model' chem_comp_bond                
3 3 'Structure model' database_2                    
4 3 'Structure model' pdbx_database_status          
5 3 'Structure model' pdbx_initial_refinement_model 
6 3 'Structure model' struct_site                   
# 
loop_
_pdbx_audit_revision_item.ordinal 
_pdbx_audit_revision_item.revision_ordinal 
_pdbx_audit_revision_item.data_content_type 
_pdbx_audit_revision_item.item 
1 3 'Structure model' '_database_2.pdbx_DOI'                 
2 3 'Structure model' '_database_2.pdbx_database_accession'  
3 3 'Structure model' '_pdbx_database_status.status_code_sf' 
4 3 'Structure model' '_struct_site.pdbx_auth_asym_id'       
5 3 'Structure model' '_struct_site.pdbx_auth_comp_id'       
6 3 'Structure model' '_struct_site.pdbx_auth_seq_id'        
# 
_pdbx_refine_tls.pdbx_refine_id   'X-RAY DIFFRACTION' 
_pdbx_refine_tls.id               1 
_pdbx_refine_tls.details          ? 
_pdbx_refine_tls.method           refined 
_pdbx_refine_tls.origin_x         0.5344 
_pdbx_refine_tls.origin_y         -0.2594 
_pdbx_refine_tls.origin_z         -0.1655 
_pdbx_refine_tls.T[1][1]          0.0253 
_pdbx_refine_tls.T[2][2]          0.0190 
_pdbx_refine_tls.T[3][3]          0.0197 
_pdbx_refine_tls.T[1][2]          -0.0060 
_pdbx_refine_tls.T[1][3]          -0.0175 
_pdbx_refine_tls.T[2][3]          -0.0073 
_pdbx_refine_tls.L[1][1]          0.2073 
_pdbx_refine_tls.L[2][2]          0.6846 
_pdbx_refine_tls.L[3][3]          0.5020 
_pdbx_refine_tls.L[1][2]          -0.2573 
_pdbx_refine_tls.L[1][3]          0.2417 
_pdbx_refine_tls.L[2][3]          -0.0261 
_pdbx_refine_tls.S[1][1]          -0.0318 
_pdbx_refine_tls.S[1][2]          -0.0079 
_pdbx_refine_tls.S[1][3]          0.0230 
_pdbx_refine_tls.S[2][1]          0.0550 
_pdbx_refine_tls.S[2][2]          -0.0032 
_pdbx_refine_tls.S[2][3]          -0.0494 
_pdbx_refine_tls.S[3][1]          -0.0253 
_pdbx_refine_tls.S[3][2]          -0.0074 
_pdbx_refine_tls.S[3][3]          0.0350 
# 
_pdbx_refine_tls_group.pdbx_refine_id      'X-RAY DIFFRACTION' 
_pdbx_refine_tls_group.id                  1 
_pdbx_refine_tls_group.refine_tls_id       1 
_pdbx_refine_tls_group.beg_auth_asym_id    A 
_pdbx_refine_tls_group.beg_auth_seq_id     2 
_pdbx_refine_tls_group.beg_label_asym_id   ? 
_pdbx_refine_tls_group.beg_label_seq_id    ? 
_pdbx_refine_tls_group.end_auth_asym_id    A 
_pdbx_refine_tls_group.end_auth_seq_id     140 
_pdbx_refine_tls_group.end_label_asym_id   ? 
_pdbx_refine_tls_group.end_label_seq_id    ? 
_pdbx_refine_tls_group.selection           ? 
_pdbx_refine_tls_group.selection_details   ? 
# 
loop_
_software.name 
_software.classification 
_software.version 
_software.citation_id 
_software.pdbx_ordinal 
REFMAC    refinement       5.1.19 ? 1 
DENZO     'data reduction' .      ? 2 
SCALEPACK 'data scaling'   .      ? 3 
AMoRE     phasing          .      ? 4 
# 
_pdbx_validate_rmsd_bond.id                        1 
_pdbx_validate_rmsd_bond.PDB_model_num             1 
_pdbx_validate_rmsd_bond.auth_atom_id_1            CD 
_pdbx_validate_rmsd_bond.auth_asym_id_1            A 
_pdbx_validate_rmsd_bond.auth_comp_id_1            GLU 
_pdbx_validate_rmsd_bond.auth_seq_id_1             55 
_pdbx_validate_rmsd_bond.PDB_ins_code_1            ? 
_pdbx_validate_rmsd_bond.label_alt_id_1            ? 
_pdbx_validate_rmsd_bond.auth_atom_id_2            OE2 
_pdbx_validate_rmsd_bond.auth_asym_id_2            A 
_pdbx_validate_rmsd_bond.auth_comp_id_2            GLU 
_pdbx_validate_rmsd_bond.auth_seq_id_2             55 
_pdbx_validate_rmsd_bond.PDB_ins_code_2            ? 
_pdbx_validate_rmsd_bond.label_alt_id_2            ? 
_pdbx_validate_rmsd_bond.bond_value                1.160 
_pdbx_validate_rmsd_bond.bond_target_value         1.252 
_pdbx_validate_rmsd_bond.bond_deviation            -0.092 
_pdbx_validate_rmsd_bond.bond_standard_deviation   0.011 
_pdbx_validate_rmsd_bond.linker_flag               N 
# 
loop_
_pdbx_validate_rmsd_angle.id 
_pdbx_validate_rmsd_angle.PDB_model_num 
_pdbx_validate_rmsd_angle.auth_atom_id_1 
_pdbx_validate_rmsd_angle.auth_asym_id_1 
_pdbx_validate_rmsd_angle.auth_comp_id_1 
_pdbx_validate_rmsd_angle.auth_seq_id_1 
_pdbx_validate_rmsd_angle.PDB_ins_code_1 
_pdbx_validate_rmsd_angle.label_alt_id_1 
_pdbx_validate_rmsd_angle.auth_atom_id_2 
_pdbx_validate_rmsd_angle.auth_asym_id_2 
_pdbx_validate_rmsd_angle.auth_comp_id_2 
_pdbx_validate_rmsd_angle.auth_seq_id_2 
_pdbx_validate_rmsd_angle.PDB_ins_code_2 
_pdbx_validate_rmsd_angle.label_alt_id_2 
_pdbx_validate_rmsd_angle.auth_atom_id_3 
_pdbx_validate_rmsd_angle.auth_asym_id_3 
_pdbx_validate_rmsd_angle.auth_comp_id_3 
_pdbx_validate_rmsd_angle.auth_seq_id_3 
_pdbx_validate_rmsd_angle.PDB_ins_code_3 
_pdbx_validate_rmsd_angle.label_alt_id_3 
_pdbx_validate_rmsd_angle.angle_value 
_pdbx_validate_rmsd_angle.angle_target_value 
_pdbx_validate_rmsd_angle.angle_deviation 
_pdbx_validate_rmsd_angle.angle_standard_deviation 
_pdbx_validate_rmsd_angle.linker_flag 
1  1 NE A ARG 15  ? ? CZ A ARG 15  ? ? NH1 A ARG 15  ? ? 117.24 120.30 -3.06 0.50 N 
2  1 NE A ARG 18  ? ? CZ A ARG 18  ? ? NH1 A ARG 18  ? ? 124.21 120.30 3.91  0.50 N 
3  1 CG A ARG 50  ? ? CD A ARG 50  ? ? NE  A ARG 50  ? ? 125.84 111.80 14.04 2.10 N 
4  1 CD A ARG 50  ? ? NE A ARG 50  ? ? CZ  A ARG 50  ? ? 133.34 123.60 9.74  1.40 N 
5  1 NE A ARG 50  ? ? CZ A ARG 50  ? ? NH1 A ARG 50  ? ? 127.18 120.30 6.88  0.50 N 
6  1 NE A ARG 50  ? ? CZ A ARG 50  ? ? NH2 A ARG 50  ? ? 115.33 120.30 -4.97 0.50 N 
7  1 CB A ASP 53  ? ? CG A ASP 53  ? ? OD1 A ASP 53  ? ? 124.52 118.30 6.22  0.90 N 
8  1 CB A ASP 60  ? ? CG A ASP 60  ? ? OD2 A ASP 60  ? ? 123.90 118.30 5.60  0.90 N 
9  1 NE A ARG 108 ? ? CZ A ARG 108 ? ? NH1 A ARG 108 ? ? 123.80 120.30 3.50  0.50 N 
10 1 NE A ARG 112 ? ? CZ A ARG 112 ? ? NH2 A ARG 112 ? ? 117.03 120.30 -3.27 0.50 N 
# 
loop_
_pdbx_validate_torsion.id 
_pdbx_validate_torsion.PDB_model_num 
_pdbx_validate_torsion.auth_comp_id 
_pdbx_validate_torsion.auth_asym_id 
_pdbx_validate_torsion.auth_seq_id 
_pdbx_validate_torsion.PDB_ins_code 
_pdbx_validate_torsion.label_alt_id 
_pdbx_validate_torsion.phi 
_pdbx_validate_torsion.psi 
1 1 ASN A 12  ? ? 79.14   -11.84  
2 1 ARG A 108 ? ? -126.60 -142.00 
3 1 HIS A 143 ? ? -103.93 46.16   
# 
loop_
_pdbx_distant_solvent_atoms.id 
_pdbx_distant_solvent_atoms.PDB_model_num 
_pdbx_distant_solvent_atoms.auth_atom_id 
_pdbx_distant_solvent_atoms.label_alt_id 
_pdbx_distant_solvent_atoms.auth_asym_id 
_pdbx_distant_solvent_atoms.auth_comp_id 
_pdbx_distant_solvent_atoms.auth_seq_id 
_pdbx_distant_solvent_atoms.PDB_ins_code 
_pdbx_distant_solvent_atoms.neighbor_macromolecule_distance 
_pdbx_distant_solvent_atoms.neighbor_ligand_distance 
1 1 O ? A HOH 2022 ? 7.01 . 
2 1 O ? A HOH 2023 ? 5.96 . 
# 
loop_
_pdbx_unobs_or_zero_occ_atoms.id 
_pdbx_unobs_or_zero_occ_atoms.PDB_model_num 
_pdbx_unobs_or_zero_occ_atoms.polymer_flag 
_pdbx_unobs_or_zero_occ_atoms.occupancy_flag 
_pdbx_unobs_or_zero_occ_atoms.auth_asym_id 
_pdbx_unobs_or_zero_occ_atoms.auth_comp_id 
_pdbx_unobs_or_zero_occ_atoms.auth_seq_id 
_pdbx_unobs_or_zero_occ_atoms.PDB_ins_code 
_pdbx_unobs_or_zero_occ_atoms.auth_atom_id 
_pdbx_unobs_or_zero_occ_atoms.label_alt_id 
_pdbx_unobs_or_zero_occ_atoms.label_asym_id 
_pdbx_unobs_or_zero_occ_atoms.label_comp_id 
_pdbx_unobs_or_zero_occ_atoms.label_seq_id 
_pdbx_unobs_or_zero_occ_atoms.label_atom_id 
1 1 Y 1 A GLU 2  ? CG  ? A GLU 2  CG  
2 1 Y 1 A GLU 2  ? CD  ? A GLU 2  CD  
3 1 Y 1 A GLU 2  ? OE1 ? A GLU 2  OE1 
4 1 Y 1 A GLU 2  ? OE2 ? A GLU 2  OE2 
5 1 Y 1 A GLU 42 ? CD  ? A GLU 42 CD  
6 1 Y 1 A GLU 42 ? OE1 ? A GLU 42 OE1 
7 1 Y 1 A GLU 42 ? OE2 ? A GLU 42 OE2 
# 
loop_
_pdbx_unobs_or_zero_occ_residues.id 
_pdbx_unobs_or_zero_occ_residues.PDB_model_num 
_pdbx_unobs_or_zero_occ_residues.polymer_flag 
_pdbx_unobs_or_zero_occ_residues.occupancy_flag 
_pdbx_unobs_or_zero_occ_residues.auth_asym_id 
_pdbx_unobs_or_zero_occ_residues.auth_comp_id 
_pdbx_unobs_or_zero_occ_residues.auth_seq_id 
_pdbx_unobs_or_zero_occ_residues.PDB_ins_code 
_pdbx_unobs_or_zero_occ_residues.label_asym_id 
_pdbx_unobs_or_zero_occ_residues.label_comp_id 
_pdbx_unobs_or_zero_occ_residues.label_seq_id 
1 1 Y 1 A SER 1   ? A SER 1   
2 1 Y 1 A ARG 19  ? A ARG 19  
3 1 Y 1 A GLU 20  ? A GLU 20  
4 1 Y 1 A PRO 21  ? A PRO 21  
5 1 Y 1 A ALA 22  ? A ALA 22  
6 1 Y 1 A GLY 145 ? A GLY 145 
7 1 Y 1 A THR 146 ? A THR 146 
# 
loop_
_chem_comp_atom.comp_id 
_chem_comp_atom.atom_id 
_chem_comp_atom.type_symbol 
_chem_comp_atom.pdbx_aromatic_flag 
_chem_comp_atom.pdbx_stereo_config 
_chem_comp_atom.pdbx_ordinal 
ALA N    N  N N 1   
ALA CA   C  N S 2   
ALA C    C  N N 3   
ALA O    O  N N 4   
ALA CB   C  N N 5   
ALA OXT  O  N N 6   
ALA H    H  N N 7   
ALA H2   H  N N 8   
ALA HA   H  N N 9   
ALA HB1  H  N N 10  
ALA HB2  H  N N 11  
ALA HB3  H  N N 12  
ALA HXT  H  N N 13  
ARG N    N  N N 14  
ARG CA   C  N S 15  
ARG C    C  N N 16  
ARG O    O  N N 17  
ARG CB   C  N N 18  
ARG CG   C  N N 19  
ARG CD   C  N N 20  
ARG NE   N  N N 21  
ARG CZ   C  N N 22  
ARG NH1  N  N N 23  
ARG NH2  N  N N 24  
ARG OXT  O  N N 25  
ARG H    H  N N 26  
ARG H2   H  N N 27  
ARG HA   H  N N 28  
ARG HB2  H  N N 29  
ARG HB3  H  N N 30  
ARG HG2  H  N N 31  
ARG HG3  H  N N 32  
ARG HD2  H  N N 33  
ARG HD3  H  N N 34  
ARG HE   H  N N 35  
ARG HH11 H  N N 36  
ARG HH12 H  N N 37  
ARG HH21 H  N N 38  
ARG HH22 H  N N 39  
ARG HXT  H  N N 40  
ASN N    N  N N 41  
ASN CA   C  N S 42  
ASN C    C  N N 43  
ASN O    O  N N 44  
ASN CB   C  N N 45  
ASN CG   C  N N 46  
ASN OD1  O  N N 47  
ASN ND2  N  N N 48  
ASN OXT  O  N N 49  
ASN H    H  N N 50  
ASN H2   H  N N 51  
ASN HA   H  N N 52  
ASN HB2  H  N N 53  
ASN HB3  H  N N 54  
ASN HD21 H  N N 55  
ASN HD22 H  N N 56  
ASN HXT  H  N N 57  
ASP N    N  N N 58  
ASP CA   C  N S 59  
ASP C    C  N N 60  
ASP O    O  N N 61  
ASP CB   C  N N 62  
ASP CG   C  N N 63  
ASP OD1  O  N N 64  
ASP OD2  O  N N 65  
ASP OXT  O  N N 66  
ASP H    H  N N 67  
ASP H2   H  N N 68  
ASP HA   H  N N 69  
ASP HB2  H  N N 70  
ASP HB3  H  N N 71  
ASP HD2  H  N N 72  
ASP HXT  H  N N 73  
CL  CL   CL N N 74  
CYS N    N  N N 75  
CYS CA   C  N R 76  
CYS C    C  N N 77  
CYS O    O  N N 78  
CYS CB   C  N N 79  
CYS SG   S  N N 80  
CYS OXT  O  N N 81  
CYS H    H  N N 82  
CYS H2   H  N N 83  
CYS HA   H  N N 84  
CYS HB2  H  N N 85  
CYS HB3  H  N N 86  
CYS HG   H  N N 87  
CYS HXT  H  N N 88  
FA1 C2   C  N N 89  
FA1 C3   C  N R 90  
FA1 O3   O  N N 91  
FA1 C4   C  N R 92  
FA1 O4   O  N N 93  
FA1 C5   C  N N 94  
FA1 C6   C  N N 95  
FA1 C    C  N N 96  
FA1 O1   O  N N 97  
FA1 O30  O  N N 98  
FA1 O2   O  N N 99  
FA1 C1   C  N R 100 
FA1 H2C1 H  N N 101 
FA1 H2C2 H  N N 102 
FA1 H3   H  N N 103 
FA1 HB   H  N N 104 
FA1 H4   H  N N 105 
FA1 HA   H  N N 106 
FA1 H5   H  N N 107 
FA1 H6   H  N N 108 
FA1 H1   H  N N 109 
FA1 H30  H  N N 110 
GLN N    N  N N 111 
GLN CA   C  N S 112 
GLN C    C  N N 113 
GLN O    O  N N 114 
GLN CB   C  N N 115 
GLN CG   C  N N 116 
GLN CD   C  N N 117 
GLN OE1  O  N N 118 
GLN NE2  N  N N 119 
GLN OXT  O  N N 120 
GLN H    H  N N 121 
GLN H2   H  N N 122 
GLN HA   H  N N 123 
GLN HB2  H  N N 124 
GLN HB3  H  N N 125 
GLN HG2  H  N N 126 
GLN HG3  H  N N 127 
GLN HE21 H  N N 128 
GLN HE22 H  N N 129 
GLN HXT  H  N N 130 
GLU N    N  N N 131 
GLU CA   C  N S 132 
GLU C    C  N N 133 
GLU O    O  N N 134 
GLU CB   C  N N 135 
GLU CG   C  N N 136 
GLU CD   C  N N 137 
GLU OE1  O  N N 138 
GLU OE2  O  N N 139 
GLU OXT  O  N N 140 
GLU H    H  N N 141 
GLU H2   H  N N 142 
GLU HA   H  N N 143 
GLU HB2  H  N N 144 
GLU HB3  H  N N 145 
GLU HG2  H  N N 146 
GLU HG3  H  N N 147 
GLU HE2  H  N N 148 
GLU HXT  H  N N 149 
GLY N    N  N N 150 
GLY CA   C  N N 151 
GLY C    C  N N 152 
GLY O    O  N N 153 
GLY OXT  O  N N 154 
GLY H    H  N N 155 
GLY H2   H  N N 156 
GLY HA2  H  N N 157 
GLY HA3  H  N N 158 
GLY HXT  H  N N 159 
GOL C1   C  N N 160 
GOL O1   O  N N 161 
GOL C2   C  N N 162 
GOL O2   O  N N 163 
GOL C3   C  N N 164 
GOL O3   O  N N 165 
GOL H11  H  N N 166 
GOL H12  H  N N 167 
GOL HO1  H  N N 168 
GOL H2   H  N N 169 
GOL HO2  H  N N 170 
GOL H31  H  N N 171 
GOL H32  H  N N 172 
GOL HO3  H  N N 173 
HIS N    N  N N 174 
HIS CA   C  N S 175 
HIS C    C  N N 176 
HIS O    O  N N 177 
HIS CB   C  N N 178 
HIS CG   C  Y N 179 
HIS ND1  N  Y N 180 
HIS CD2  C  Y N 181 
HIS CE1  C  Y N 182 
HIS NE2  N  Y N 183 
HIS OXT  O  N N 184 
HIS H    H  N N 185 
HIS H2   H  N N 186 
HIS HA   H  N N 187 
HIS HB2  H  N N 188 
HIS HB3  H  N N 189 
HIS HD1  H  N N 190 
HIS HD2  H  N N 191 
HIS HE1  H  N N 192 
HIS HE2  H  N N 193 
HIS HXT  H  N N 194 
HOH O    O  N N 195 
HOH H1   H  N N 196 
HOH H2   H  N N 197 
ILE N    N  N N 198 
ILE CA   C  N S 199 
ILE C    C  N N 200 
ILE O    O  N N 201 
ILE CB   C  N S 202 
ILE CG1  C  N N 203 
ILE CG2  C  N N 204 
ILE CD1  C  N N 205 
ILE OXT  O  N N 206 
ILE H    H  N N 207 
ILE H2   H  N N 208 
ILE HA   H  N N 209 
ILE HB   H  N N 210 
ILE HG12 H  N N 211 
ILE HG13 H  N N 212 
ILE HG21 H  N N 213 
ILE HG22 H  N N 214 
ILE HG23 H  N N 215 
ILE HD11 H  N N 216 
ILE HD12 H  N N 217 
ILE HD13 H  N N 218 
ILE HXT  H  N N 219 
LEU N    N  N N 220 
LEU CA   C  N S 221 
LEU C    C  N N 222 
LEU O    O  N N 223 
LEU CB   C  N N 224 
LEU CG   C  N N 225 
LEU CD1  C  N N 226 
LEU CD2  C  N N 227 
LEU OXT  O  N N 228 
LEU H    H  N N 229 
LEU H2   H  N N 230 
LEU HA   H  N N 231 
LEU HB2  H  N N 232 
LEU HB3  H  N N 233 
LEU HG   H  N N 234 
LEU HD11 H  N N 235 
LEU HD12 H  N N 236 
LEU HD13 H  N N 237 
LEU HD21 H  N N 238 
LEU HD22 H  N N 239 
LEU HD23 H  N N 240 
LEU HXT  H  N N 241 
LYS N    N  N N 242 
LYS CA   C  N S 243 
LYS C    C  N N 244 
LYS O    O  N N 245 
LYS CB   C  N N 246 
LYS CG   C  N N 247 
LYS CD   C  N N 248 
LYS CE   C  N N 249 
LYS NZ   N  N N 250 
LYS OXT  O  N N 251 
LYS H    H  N N 252 
LYS H2   H  N N 253 
LYS HA   H  N N 254 
LYS HB2  H  N N 255 
LYS HB3  H  N N 256 
LYS HG2  H  N N 257 
LYS HG3  H  N N 258 
LYS HD2  H  N N 259 
LYS HD3  H  N N 260 
LYS HE2  H  N N 261 
LYS HE3  H  N N 262 
LYS HZ1  H  N N 263 
LYS HZ2  H  N N 264 
LYS HZ3  H  N N 265 
LYS HXT  H  N N 266 
PHE N    N  N N 267 
PHE CA   C  N S 268 
PHE C    C  N N 269 
PHE O    O  N N 270 
PHE CB   C  N N 271 
PHE CG   C  Y N 272 
PHE CD1  C  Y N 273 
PHE CD2  C  Y N 274 
PHE CE1  C  Y N 275 
PHE CE2  C  Y N 276 
PHE CZ   C  Y N 277 
PHE OXT  O  N N 278 
PHE H    H  N N 279 
PHE H2   H  N N 280 
PHE HA   H  N N 281 
PHE HB2  H  N N 282 
PHE HB3  H  N N 283 
PHE HD1  H  N N 284 
PHE HD2  H  N N 285 
PHE HE1  H  N N 286 
PHE HE2  H  N N 287 
PHE HZ   H  N N 288 
PHE HXT  H  N N 289 
PO4 P    P  N N 290 
PO4 O1   O  N N 291 
PO4 O2   O  N N 292 
PO4 O3   O  N N 293 
PO4 O4   O  N N 294 
PRO N    N  N N 295 
PRO CA   C  N S 296 
PRO C    C  N N 297 
PRO O    O  N N 298 
PRO CB   C  N N 299 
PRO CG   C  N N 300 
PRO CD   C  N N 301 
PRO OXT  O  N N 302 
PRO H    H  N N 303 
PRO HA   H  N N 304 
PRO HB2  H  N N 305 
PRO HB3  H  N N 306 
PRO HG2  H  N N 307 
PRO HG3  H  N N 308 
PRO HD2  H  N N 309 
PRO HD3  H  N N 310 
PRO HXT  H  N N 311 
SER N    N  N N 312 
SER CA   C  N S 313 
SER C    C  N N 314 
SER O    O  N N 315 
SER CB   C  N N 316 
SER OG   O  N N 317 
SER OXT  O  N N 318 
SER H    H  N N 319 
SER H2   H  N N 320 
SER HA   H  N N 321 
SER HB2  H  N N 322 
SER HB3  H  N N 323 
SER HG   H  N N 324 
SER HXT  H  N N 325 
THR N    N  N N 326 
THR CA   C  N S 327 
THR C    C  N N 328 
THR O    O  N N 329 
THR CB   C  N R 330 
THR OG1  O  N N 331 
THR CG2  C  N N 332 
THR OXT  O  N N 333 
THR H    H  N N 334 
THR H2   H  N N 335 
THR HA   H  N N 336 
THR HB   H  N N 337 
THR HG1  H  N N 338 
THR HG21 H  N N 339 
THR HG22 H  N N 340 
THR HG23 H  N N 341 
THR HXT  H  N N 342 
TRP N    N  N N 343 
TRP CA   C  N S 344 
TRP C    C  N N 345 
TRP O    O  N N 346 
TRP CB   C  N N 347 
TRP CG   C  Y N 348 
TRP CD1  C  Y N 349 
TRP CD2  C  Y N 350 
TRP NE1  N  Y N 351 
TRP CE2  C  Y N 352 
TRP CE3  C  Y N 353 
TRP CZ2  C  Y N 354 
TRP CZ3  C  Y N 355 
TRP CH2  C  Y N 356 
TRP OXT  O  N N 357 
TRP H    H  N N 358 
TRP H2   H  N N 359 
TRP HA   H  N N 360 
TRP HB2  H  N N 361 
TRP HB3  H  N N 362 
TRP HD1  H  N N 363 
TRP HE1  H  N N 364 
TRP HE3  H  N N 365 
TRP HZ2  H  N N 366 
TRP HZ3  H  N N 367 
TRP HH2  H  N N 368 
TRP HXT  H  N N 369 
TYR N    N  N N 370 
TYR CA   C  N S 371 
TYR C    C  N N 372 
TYR O    O  N N 373 
TYR CB   C  N N 374 
TYR CG   C  Y N 375 
TYR CD1  C  Y N 376 
TYR CD2  C  Y N 377 
TYR CE1  C  Y N 378 
TYR CE2  C  Y N 379 
TYR CZ   C  Y N 380 
TYR OH   O  N N 381 
TYR OXT  O  N N 382 
TYR H    H  N N 383 
TYR H2   H  N N 384 
TYR HA   H  N N 385 
TYR HB2  H  N N 386 
TYR HB3  H  N N 387 
TYR HD1  H  N N 388 
TYR HD2  H  N N 389 
TYR HE1  H  N N 390 
TYR HE2  H  N N 391 
TYR HH   H  N N 392 
TYR HXT  H  N N 393 
VAL N    N  N N 394 
VAL CA   C  N S 395 
VAL C    C  N N 396 
VAL O    O  N N 397 
VAL CB   C  N N 398 
VAL CG1  C  N N 399 
VAL CG2  C  N N 400 
VAL OXT  O  N N 401 
VAL H    H  N N 402 
VAL H2   H  N N 403 
VAL HA   H  N N 404 
VAL HB   H  N N 405 
VAL HG11 H  N N 406 
VAL HG12 H  N N 407 
VAL HG13 H  N N 408 
VAL HG21 H  N N 409 
VAL HG22 H  N N 410 
VAL HG23 H  N N 411 
VAL HXT  H  N N 412 
# 
loop_
_chem_comp_bond.comp_id 
_chem_comp_bond.atom_id_1 
_chem_comp_bond.atom_id_2 
_chem_comp_bond.value_order 
_chem_comp_bond.pdbx_aromatic_flag 
_chem_comp_bond.pdbx_stereo_config 
_chem_comp_bond.pdbx_ordinal 
ALA N   CA   sing N N 1   
ALA N   H    sing N N 2   
ALA N   H2   sing N N 3   
ALA CA  C    sing N N 4   
ALA CA  CB   sing N N 5   
ALA CA  HA   sing N N 6   
ALA C   O    doub N N 7   
ALA C   OXT  sing N N 8   
ALA CB  HB1  sing N N 9   
ALA CB  HB2  sing N N 10  
ALA CB  HB3  sing N N 11  
ALA OXT HXT  sing N N 12  
ARG N   CA   sing N N 13  
ARG N   H    sing N N 14  
ARG N   H2   sing N N 15  
ARG CA  C    sing N N 16  
ARG CA  CB   sing N N 17  
ARG CA  HA   sing N N 18  
ARG C   O    doub N N 19  
ARG C   OXT  sing N N 20  
ARG CB  CG   sing N N 21  
ARG CB  HB2  sing N N 22  
ARG CB  HB3  sing N N 23  
ARG CG  CD   sing N N 24  
ARG CG  HG2  sing N N 25  
ARG CG  HG3  sing N N 26  
ARG CD  NE   sing N N 27  
ARG CD  HD2  sing N N 28  
ARG CD  HD3  sing N N 29  
ARG NE  CZ   sing N N 30  
ARG NE  HE   sing N N 31  
ARG CZ  NH1  sing N N 32  
ARG CZ  NH2  doub N N 33  
ARG NH1 HH11 sing N N 34  
ARG NH1 HH12 sing N N 35  
ARG NH2 HH21 sing N N 36  
ARG NH2 HH22 sing N N 37  
ARG OXT HXT  sing N N 38  
ASN N   CA   sing N N 39  
ASN N   H    sing N N 40  
ASN N   H2   sing N N 41  
ASN CA  C    sing N N 42  
ASN CA  CB   sing N N 43  
ASN CA  HA   sing N N 44  
ASN C   O    doub N N 45  
ASN C   OXT  sing N N 46  
ASN CB  CG   sing N N 47  
ASN CB  HB2  sing N N 48  
ASN CB  HB3  sing N N 49  
ASN CG  OD1  doub N N 50  
ASN CG  ND2  sing N N 51  
ASN ND2 HD21 sing N N 52  
ASN ND2 HD22 sing N N 53  
ASN OXT HXT  sing N N 54  
ASP N   CA   sing N N 55  
ASP N   H    sing N N 56  
ASP N   H2   sing N N 57  
ASP CA  C    sing N N 58  
ASP CA  CB   sing N N 59  
ASP CA  HA   sing N N 60  
ASP C   O    doub N N 61  
ASP C   OXT  sing N N 62  
ASP CB  CG   sing N N 63  
ASP CB  HB2  sing N N 64  
ASP CB  HB3  sing N N 65  
ASP CG  OD1  doub N N 66  
ASP CG  OD2  sing N N 67  
ASP OD2 HD2  sing N N 68  
ASP OXT HXT  sing N N 69  
CYS N   CA   sing N N 70  
CYS N   H    sing N N 71  
CYS N   H2   sing N N 72  
CYS CA  C    sing N N 73  
CYS CA  CB   sing N N 74  
CYS CA  HA   sing N N 75  
CYS C   O    doub N N 76  
CYS C   OXT  sing N N 77  
CYS CB  SG   sing N N 78  
CYS CB  HB2  sing N N 79  
CYS CB  HB3  sing N N 80  
CYS SG  HG   sing N N 81  
CYS OXT HXT  sing N N 82  
FA1 C2  C3   sing N N 83  
FA1 C2  C1   sing N N 84  
FA1 C2  H2C1 sing N N 85  
FA1 C2  H2C2 sing N N 86  
FA1 C3  O3   sing N N 87  
FA1 C3  C4   sing N N 88  
FA1 C3  H3   sing N N 89  
FA1 O3  HB   sing N N 90  
FA1 C4  O4   sing N N 91  
FA1 C4  C5   sing N N 92  
FA1 C4  H4   sing N N 93  
FA1 O4  HA   sing N N 94  
FA1 C5  C6   doub N N 95  
FA1 C5  H5   sing N N 96  
FA1 C6  C1   sing N N 97  
FA1 C6  H6   sing N N 98  
FA1 C   O1   sing N N 99  
FA1 C   O2   doub N N 100 
FA1 C   C1   sing N N 101 
FA1 O1  H1   sing N N 102 
FA1 O30 C1   sing N N 103 
FA1 O30 H30  sing N N 104 
GLN N   CA   sing N N 105 
GLN N   H    sing N N 106 
GLN N   H2   sing N N 107 
GLN CA  C    sing N N 108 
GLN CA  CB   sing N N 109 
GLN CA  HA   sing N N 110 
GLN C   O    doub N N 111 
GLN C   OXT  sing N N 112 
GLN CB  CG   sing N N 113 
GLN CB  HB2  sing N N 114 
GLN CB  HB3  sing N N 115 
GLN CG  CD   sing N N 116 
GLN CG  HG2  sing N N 117 
GLN CG  HG3  sing N N 118 
GLN CD  OE1  doub N N 119 
GLN CD  NE2  sing N N 120 
GLN NE2 HE21 sing N N 121 
GLN NE2 HE22 sing N N 122 
GLN OXT HXT  sing N N 123 
GLU N   CA   sing N N 124 
GLU N   H    sing N N 125 
GLU N   H2   sing N N 126 
GLU CA  C    sing N N 127 
GLU CA  CB   sing N N 128 
GLU CA  HA   sing N N 129 
GLU C   O    doub N N 130 
GLU C   OXT  sing N N 131 
GLU CB  CG   sing N N 132 
GLU CB  HB2  sing N N 133 
GLU CB  HB3  sing N N 134 
GLU CG  CD   sing N N 135 
GLU CG  HG2  sing N N 136 
GLU CG  HG3  sing N N 137 
GLU CD  OE1  doub N N 138 
GLU CD  OE2  sing N N 139 
GLU OE2 HE2  sing N N 140 
GLU OXT HXT  sing N N 141 
GLY N   CA   sing N N 142 
GLY N   H    sing N N 143 
GLY N   H2   sing N N 144 
GLY CA  C    sing N N 145 
GLY CA  HA2  sing N N 146 
GLY CA  HA3  sing N N 147 
GLY C   O    doub N N 148 
GLY C   OXT  sing N N 149 
GLY OXT HXT  sing N N 150 
GOL C1  O1   sing N N 151 
GOL C1  C2   sing N N 152 
GOL C1  H11  sing N N 153 
GOL C1  H12  sing N N 154 
GOL O1  HO1  sing N N 155 
GOL C2  O2   sing N N 156 
GOL C2  C3   sing N N 157 
GOL C2  H2   sing N N 158 
GOL O2  HO2  sing N N 159 
GOL C3  O3   sing N N 160 
GOL C3  H31  sing N N 161 
GOL C3  H32  sing N N 162 
GOL O3  HO3  sing N N 163 
HIS N   CA   sing N N 164 
HIS N   H    sing N N 165 
HIS N   H2   sing N N 166 
HIS CA  C    sing N N 167 
HIS CA  CB   sing N N 168 
HIS CA  HA   sing N N 169 
HIS C   O    doub N N 170 
HIS C   OXT  sing N N 171 
HIS CB  CG   sing N N 172 
HIS CB  HB2  sing N N 173 
HIS CB  HB3  sing N N 174 
HIS CG  ND1  sing Y N 175 
HIS CG  CD2  doub Y N 176 
HIS ND1 CE1  doub Y N 177 
HIS ND1 HD1  sing N N 178 
HIS CD2 NE2  sing Y N 179 
HIS CD2 HD2  sing N N 180 
HIS CE1 NE2  sing Y N 181 
HIS CE1 HE1  sing N N 182 
HIS NE2 HE2  sing N N 183 
HIS OXT HXT  sing N N 184 
HOH O   H1   sing N N 185 
HOH O   H2   sing N N 186 
ILE N   CA   sing N N 187 
ILE N   H    sing N N 188 
ILE N   H2   sing N N 189 
ILE CA  C    sing N N 190 
ILE CA  CB   sing N N 191 
ILE CA  HA   sing N N 192 
ILE C   O    doub N N 193 
ILE C   OXT  sing N N 194 
ILE CB  CG1  sing N N 195 
ILE CB  CG2  sing N N 196 
ILE CB  HB   sing N N 197 
ILE CG1 CD1  sing N N 198 
ILE CG1 HG12 sing N N 199 
ILE CG1 HG13 sing N N 200 
ILE CG2 HG21 sing N N 201 
ILE CG2 HG22 sing N N 202 
ILE CG2 HG23 sing N N 203 
ILE CD1 HD11 sing N N 204 
ILE CD1 HD12 sing N N 205 
ILE CD1 HD13 sing N N 206 
ILE OXT HXT  sing N N 207 
LEU N   CA   sing N N 208 
LEU N   H    sing N N 209 
LEU N   H2   sing N N 210 
LEU CA  C    sing N N 211 
LEU CA  CB   sing N N 212 
LEU CA  HA   sing N N 213 
LEU C   O    doub N N 214 
LEU C   OXT  sing N N 215 
LEU CB  CG   sing N N 216 
LEU CB  HB2  sing N N 217 
LEU CB  HB3  sing N N 218 
LEU CG  CD1  sing N N 219 
LEU CG  CD2  sing N N 220 
LEU CG  HG   sing N N 221 
LEU CD1 HD11 sing N N 222 
LEU CD1 HD12 sing N N 223 
LEU CD1 HD13 sing N N 224 
LEU CD2 HD21 sing N N 225 
LEU CD2 HD22 sing N N 226 
LEU CD2 HD23 sing N N 227 
LEU OXT HXT  sing N N 228 
LYS N   CA   sing N N 229 
LYS N   H    sing N N 230 
LYS N   H2   sing N N 231 
LYS CA  C    sing N N 232 
LYS CA  CB   sing N N 233 
LYS CA  HA   sing N N 234 
LYS C   O    doub N N 235 
LYS C   OXT  sing N N 236 
LYS CB  CG   sing N N 237 
LYS CB  HB2  sing N N 238 
LYS CB  HB3  sing N N 239 
LYS CG  CD   sing N N 240 
LYS CG  HG2  sing N N 241 
LYS CG  HG3  sing N N 242 
LYS CD  CE   sing N N 243 
LYS CD  HD2  sing N N 244 
LYS CD  HD3  sing N N 245 
LYS CE  NZ   sing N N 246 
LYS CE  HE2  sing N N 247 
LYS CE  HE3  sing N N 248 
LYS NZ  HZ1  sing N N 249 
LYS NZ  HZ2  sing N N 250 
LYS NZ  HZ3  sing N N 251 
LYS OXT HXT  sing N N 252 
PHE N   CA   sing N N 253 
PHE N   H    sing N N 254 
PHE N   H2   sing N N 255 
PHE CA  C    sing N N 256 
PHE CA  CB   sing N N 257 
PHE CA  HA   sing N N 258 
PHE C   O    doub N N 259 
PHE C   OXT  sing N N 260 
PHE CB  CG   sing N N 261 
PHE CB  HB2  sing N N 262 
PHE CB  HB3  sing N N 263 
PHE CG  CD1  doub Y N 264 
PHE CG  CD2  sing Y N 265 
PHE CD1 CE1  sing Y N 266 
PHE CD1 HD1  sing N N 267 
PHE CD2 CE2  doub Y N 268 
PHE CD2 HD2  sing N N 269 
PHE CE1 CZ   doub Y N 270 
PHE CE1 HE1  sing N N 271 
PHE CE2 CZ   sing Y N 272 
PHE CE2 HE2  sing N N 273 
PHE CZ  HZ   sing N N 274 
PHE OXT HXT  sing N N 275 
PO4 P   O1   doub N N 276 
PO4 P   O2   sing N N 277 
PO4 P   O3   sing N N 278 
PO4 P   O4   sing N N 279 
PRO N   CA   sing N N 280 
PRO N   CD   sing N N 281 
PRO N   H    sing N N 282 
PRO CA  C    sing N N 283 
PRO CA  CB   sing N N 284 
PRO CA  HA   sing N N 285 
PRO C   O    doub N N 286 
PRO C   OXT  sing N N 287 
PRO CB  CG   sing N N 288 
PRO CB  HB2  sing N N 289 
PRO CB  HB3  sing N N 290 
PRO CG  CD   sing N N 291 
PRO CG  HG2  sing N N 292 
PRO CG  HG3  sing N N 293 
PRO CD  HD2  sing N N 294 
PRO CD  HD3  sing N N 295 
PRO OXT HXT  sing N N 296 
SER N   CA   sing N N 297 
SER N   H    sing N N 298 
SER N   H2   sing N N 299 
SER CA  C    sing N N 300 
SER CA  CB   sing N N 301 
SER CA  HA   sing N N 302 
SER C   O    doub N N 303 
SER C   OXT  sing N N 304 
SER CB  OG   sing N N 305 
SER CB  HB2  sing N N 306 
SER CB  HB3  sing N N 307 
SER OG  HG   sing N N 308 
SER OXT HXT  sing N N 309 
THR N   CA   sing N N 310 
THR N   H    sing N N 311 
THR N   H2   sing N N 312 
THR CA  C    sing N N 313 
THR CA  CB   sing N N 314 
THR CA  HA   sing N N 315 
THR C   O    doub N N 316 
THR C   OXT  sing N N 317 
THR CB  OG1  sing N N 318 
THR CB  CG2  sing N N 319 
THR CB  HB   sing N N 320 
THR OG1 HG1  sing N N 321 
THR CG2 HG21 sing N N 322 
THR CG2 HG22 sing N N 323 
THR CG2 HG23 sing N N 324 
THR OXT HXT  sing N N 325 
TRP N   CA   sing N N 326 
TRP N   H    sing N N 327 
TRP N   H2   sing N N 328 
TRP CA  C    sing N N 329 
TRP CA  CB   sing N N 330 
TRP CA  HA   sing N N 331 
TRP C   O    doub N N 332 
TRP C   OXT  sing N N 333 
TRP CB  CG   sing N N 334 
TRP CB  HB2  sing N N 335 
TRP CB  HB3  sing N N 336 
TRP CG  CD1  doub Y N 337 
TRP CG  CD2  sing Y N 338 
TRP CD1 NE1  sing Y N 339 
TRP CD1 HD1  sing N N 340 
TRP CD2 CE2  doub Y N 341 
TRP CD2 CE3  sing Y N 342 
TRP NE1 CE2  sing Y N 343 
TRP NE1 HE1  sing N N 344 
TRP CE2 CZ2  sing Y N 345 
TRP CE3 CZ3  doub Y N 346 
TRP CE3 HE3  sing N N 347 
TRP CZ2 CH2  doub Y N 348 
TRP CZ2 HZ2  sing N N 349 
TRP CZ3 CH2  sing Y N 350 
TRP CZ3 HZ3  sing N N 351 
TRP CH2 HH2  sing N N 352 
TRP OXT HXT  sing N N 353 
TYR N   CA   sing N N 354 
TYR N   H    sing N N 355 
TYR N   H2   sing N N 356 
TYR CA  C    sing N N 357 
TYR CA  CB   sing N N 358 
TYR CA  HA   sing N N 359 
TYR C   O    doub N N 360 
TYR C   OXT  sing N N 361 
TYR CB  CG   sing N N 362 
TYR CB  HB2  sing N N 363 
TYR CB  HB3  sing N N 364 
TYR CG  CD1  doub Y N 365 
TYR CG  CD2  sing Y N 366 
TYR CD1 CE1  sing Y N 367 
TYR CD1 HD1  sing N N 368 
TYR CD2 CE2  doub Y N 369 
TYR CD2 HD2  sing N N 370 
TYR CE1 CZ   doub Y N 371 
TYR CE1 HE1  sing N N 372 
TYR CE2 CZ   sing Y N 373 
TYR CE2 HE2  sing N N 374 
TYR CZ  OH   sing N N 375 
TYR OH  HH   sing N N 376 
TYR OXT HXT  sing N N 377 
VAL N   CA   sing N N 378 
VAL N   H    sing N N 379 
VAL N   H2   sing N N 380 
VAL CA  C    sing N N 381 
VAL CA  CB   sing N N 382 
VAL CA  HA   sing N N 383 
VAL C   O    doub N N 384 
VAL C   OXT  sing N N 385 
VAL CB  CG1  sing N N 386 
VAL CB  CG2  sing N N 387 
VAL CB  HB   sing N N 388 
VAL CG1 HG11 sing N N 389 
VAL CG1 HG12 sing N N 390 
VAL CG1 HG13 sing N N 391 
VAL CG2 HG21 sing N N 392 
VAL CG2 HG22 sing N N 393 
VAL CG2 HG23 sing N N 394 
VAL OXT HXT  sing N N 395 
# 
loop_
_pdbx_entity_nonpoly.entity_id 
_pdbx_entity_nonpoly.name 
_pdbx_entity_nonpoly.comp_id 
2 '2,3 -ANHYDRO-QUINIC ACID' FA1 
3 'PHOSPHATE ION'            PO4 
4 'CHLORIDE ION'             CL  
5 GLYCEROL                   GOL 
6 water                      HOH 
# 
_pdbx_initial_refinement_model.id               1 
_pdbx_initial_refinement_model.entity_id_list   ? 
_pdbx_initial_refinement_model.type             'experimental model' 
_pdbx_initial_refinement_model.source_name      PDB 
_pdbx_initial_refinement_model.accession_code   2DHQ 
_pdbx_initial_refinement_model.details          'PDB ENTRY 2DHQ' 
# 
